data_466D
# 
_entry.id   466D 
# 
_audit_conform.dict_name       mmcif_pdbx.dic 
_audit_conform.dict_version    5.387 
_audit_conform.dict_location   http://mmcif.pdb.org/dictionaries/ascii/mmcif_pdbx.dic 
# 
loop_
_database_2.database_id 
_database_2.database_code 
_database_2.pdbx_database_accession 
_database_2.pdbx_DOI 
PDB   466D         pdb_0000466d 10.2210/pdb466d/pdb 
RCSB  AR0013       ?            ?                   
WWPDB D_1000179244 ?            ?                   
# 
loop_
_pdbx_audit_revision_history.ordinal 
_pdbx_audit_revision_history.data_content_type 
_pdbx_audit_revision_history.major_revision 
_pdbx_audit_revision_history.minor_revision 
_pdbx_audit_revision_history.revision_date 
1 'Structure model' 1 0 1999-08-16 
2 'Structure model' 1 1 2008-05-22 
3 'Structure model' 1 2 2011-07-13 
4 'Structure model' 1 3 2024-02-28 
# 
_pdbx_audit_revision_details.ordinal             1 
_pdbx_audit_revision_details.revision_ordinal    1 
_pdbx_audit_revision_details.data_content_type   'Structure model' 
_pdbx_audit_revision_details.provider            repository 
_pdbx_audit_revision_details.type                'Initial release' 
_pdbx_audit_revision_details.description         ? 
_pdbx_audit_revision_details.details             ? 
# 
loop_
_pdbx_audit_revision_group.ordinal 
_pdbx_audit_revision_group.revision_ordinal 
_pdbx_audit_revision_group.data_content_type 
_pdbx_audit_revision_group.group 
1 2 'Structure model' 'Version format compliance' 
2 3 'Structure model' 'Version format compliance' 
3 4 'Structure model' 'Data collection'           
4 4 'Structure model' 'Database references'       
5 4 'Structure model' 'Derived calculations'      
# 
loop_
_pdbx_audit_revision_category.ordinal 
_pdbx_audit_revision_category.revision_ordinal 
_pdbx_audit_revision_category.data_content_type 
_pdbx_audit_revision_category.category 
1 4 'Structure model' chem_comp_atom         
2 4 'Structure model' chem_comp_bond         
3 4 'Structure model' database_2             
4 4 'Structure model' diffrn_source          
5 4 'Structure model' pdbx_struct_conn_angle 
6 4 'Structure model' struct_conn            
7 4 'Structure model' struct_site            
# 
loop_
_pdbx_audit_revision_item.ordinal 
_pdbx_audit_revision_item.revision_ordinal 
_pdbx_audit_revision_item.data_content_type 
_pdbx_audit_revision_item.item 
1  4 'Structure model' '_database_2.pdbx_DOI'                        
2  4 'Structure model' '_database_2.pdbx_database_accession'         
3  4 'Structure model' '_diffrn_source.pdbx_synchrotron_site'        
4  4 'Structure model' '_pdbx_struct_conn_angle.ptnr1_auth_asym_id'  
5  4 'Structure model' '_pdbx_struct_conn_angle.ptnr1_auth_comp_id'  
6  4 'Structure model' '_pdbx_struct_conn_angle.ptnr1_auth_seq_id'   
7  4 'Structure model' '_pdbx_struct_conn_angle.ptnr1_label_asym_id' 
8  4 'Structure model' '_pdbx_struct_conn_angle.ptnr1_label_atom_id' 
9  4 'Structure model' '_pdbx_struct_conn_angle.ptnr1_label_comp_id' 
10 4 'Structure model' '_pdbx_struct_conn_angle.ptnr1_label_seq_id'  
11 4 'Structure model' '_pdbx_struct_conn_angle.ptnr1_symmetry'      
12 4 'Structure model' '_pdbx_struct_conn_angle.ptnr3_auth_asym_id'  
13 4 'Structure model' '_pdbx_struct_conn_angle.ptnr3_auth_comp_id'  
14 4 'Structure model' '_pdbx_struct_conn_angle.ptnr3_auth_seq_id'   
15 4 'Structure model' '_pdbx_struct_conn_angle.ptnr3_label_asym_id' 
16 4 'Structure model' '_pdbx_struct_conn_angle.ptnr3_label_atom_id' 
17 4 'Structure model' '_pdbx_struct_conn_angle.ptnr3_label_comp_id' 
18 4 'Structure model' '_pdbx_struct_conn_angle.ptnr3_label_seq_id'  
19 4 'Structure model' '_pdbx_struct_conn_angle.ptnr3_symmetry'      
20 4 'Structure model' '_pdbx_struct_conn_angle.value'               
21 4 'Structure model' '_struct_conn.pdbx_dist_value'                
22 4 'Structure model' '_struct_conn.ptnr1_auth_comp_id'             
23 4 'Structure model' '_struct_conn.ptnr1_auth_seq_id'              
24 4 'Structure model' '_struct_conn.ptnr1_label_asym_id'            
25 4 'Structure model' '_struct_conn.ptnr1_label_atom_id'            
26 4 'Structure model' '_struct_conn.ptnr1_label_comp_id'            
27 4 'Structure model' '_struct_conn.ptnr1_label_seq_id'             
28 4 'Structure model' '_struct_conn.ptnr1_symmetry'                 
29 4 'Structure model' '_struct_conn.ptnr2_auth_asym_id'             
30 4 'Structure model' '_struct_conn.ptnr2_auth_comp_id'             
31 4 'Structure model' '_struct_conn.ptnr2_auth_seq_id'              
32 4 'Structure model' '_struct_conn.ptnr2_label_asym_id'            
33 4 'Structure model' '_struct_conn.ptnr2_label_atom_id'            
34 4 'Structure model' '_struct_conn.ptnr2_label_comp_id'            
35 4 'Structure model' '_struct_conn.ptnr2_label_seq_id'             
36 4 'Structure model' '_struct_conn.ptnr2_symmetry'                 
37 4 'Structure model' '_struct_site.pdbx_auth_asym_id'              
38 4 'Structure model' '_struct_site.pdbx_auth_comp_id'              
39 4 'Structure model' '_struct_site.pdbx_auth_seq_id'               
# 
_pdbx_database_status.status_code                     REL 
_pdbx_database_status.entry_id                        466D 
_pdbx_database_status.recvd_initial_deposition_date   1999-04-14 
_pdbx_database_status.deposit_site                    NDB 
_pdbx_database_status.process_site                    NDB 
_pdbx_database_status.status_code_sf                  REL 
_pdbx_database_status.status_code_mr                  ? 
_pdbx_database_status.SG_entry                        ? 
_pdbx_database_status.pdb_format_compatible           Y 
_pdbx_database_status.status_code_cs                  ? 
_pdbx_database_status.status_code_nmr_data            ? 
_pdbx_database_status.methods_development_category    ? 
# 
loop_
_audit_author.name 
_audit_author.pdbx_ordinal 
'Mueller, U.'      1 
'Muller, Y.A.'     2 
'Herbst-Irmer, R.' 3 
'Sprinzl, M.'      4 
'Heinemann, U.'    5 
# 
_citation.id                        primary 
_citation.title                     'Disorder and twin refinement of RNA heptamer double helices.' 
_citation.journal_abbrev            'Acta Crystallogr.,Sect.D' 
_citation.journal_volume            55 
_citation.page_first                1405 
_citation.page_last                 1413 
_citation.year                      1999 
_citation.journal_id_ASTM           ABCRE6 
_citation.country                   DK 
_citation.journal_id_ISSN           0907-4449 
_citation.journal_id_CSD            0766 
_citation.book_publisher            ? 
_citation.pdbx_database_id_PubMed   10417408 
_citation.pdbx_database_id_DOI      10.1107/S0907444999007441 
# 
loop_
_citation_author.citation_id 
_citation_author.name 
_citation_author.ordinal 
_citation_author.identifier_ORCID 
primary 'Mueller, U.'      1 ? 
primary 'Muller, Y.A.'     2 ? 
primary 'Herbst-Irmer, R.' 3 ? 
primary 'Sprinzl, M.'      4 ? 
primary 'Heinemann, U.'    5 ? 
# 
loop_
_entity.id 
_entity.type 
_entity.src_method 
_entity.pdbx_description 
_entity.formula_weight 
_entity.pdbx_number_of_molecules 
_entity.pdbx_ec 
_entity.pdbx_mutation 
_entity.pdbx_fragment 
_entity.details 
1 polymer     syn 
;RNA (5'-R(*UP*AP*GP*CP*UP*CP*C)-3')
;
2157.331 2  ? ? ? ? 
2 polymer     syn 
;RNA (5'-R(*GP*GP*GP*GP*CP*UP*A)-3')
;
2276.419 2  ? ? ? ? 
3 non-polymer syn 'STRONTIUM ION'                       87.620   1  ? ? ? ? 
4 non-polymer syn 'SODIUM ION'                          22.990   1  ? ? ? ? 
5 water       nat water                                 18.015   85 ? ? ? ? 
# 
loop_
_entity_poly.entity_id 
_entity_poly.type 
_entity_poly.nstd_linkage 
_entity_poly.nstd_monomer 
_entity_poly.pdbx_seq_one_letter_code 
_entity_poly.pdbx_seq_one_letter_code_can 
_entity_poly.pdbx_strand_id 
_entity_poly.pdbx_target_identifier 
1 polyribonucleotide no no UAGCUCC UAGCUCC A,C ? 
2 polyribonucleotide no no GGGGCUA GGGGCUA B,D ? 
# 
loop_
_pdbx_entity_nonpoly.entity_id 
_pdbx_entity_nonpoly.name 
_pdbx_entity_nonpoly.comp_id 
3 'STRONTIUM ION' SR  
4 'SODIUM ION'    NA  
5 water           HOH 
# 
loop_
_entity_poly_seq.entity_id 
_entity_poly_seq.num 
_entity_poly_seq.mon_id 
_entity_poly_seq.hetero 
1 1 U n 
1 2 A n 
1 3 G n 
1 4 C n 
1 5 U n 
1 6 C n 
1 7 C n 
2 1 G n 
2 2 G n 
2 3 G n 
2 4 G n 
2 5 C n 
2 6 U n 
2 7 A n 
# 
loop_
_pdbx_entity_src_syn.entity_id 
_pdbx_entity_src_syn.pdbx_src_id 
_pdbx_entity_src_syn.pdbx_alt_source_flag 
_pdbx_entity_src_syn.pdbx_beg_seq_num 
_pdbx_entity_src_syn.pdbx_end_seq_num 
_pdbx_entity_src_syn.organism_scientific 
_pdbx_entity_src_syn.organism_common_name 
_pdbx_entity_src_syn.ncbi_taxonomy_id 
_pdbx_entity_src_syn.details 
1 1 sample ? ? ? ? ? 'SEQUENCE FROM TRNA(ALA) OF ESCHERICHIA COLI' 
2 1 sample ? ? ? ? ? 'SEQUENCE FROM TRNA(ALA) OF ESCHERICHIA COLI' 
# 
loop_
_chem_comp.id 
_chem_comp.type 
_chem_comp.mon_nstd_flag 
_chem_comp.name 
_chem_comp.pdbx_synonyms 
_chem_comp.formula 
_chem_comp.formula_weight 
A   'RNA linking' y "ADENOSINE-5'-MONOPHOSPHATE" ? 'C10 H14 N5 O7 P' 347.221 
C   'RNA linking' y "CYTIDINE-5'-MONOPHOSPHATE"  ? 'C9 H14 N3 O8 P'  323.197 
G   'RNA linking' y "GUANOSINE-5'-MONOPHOSPHATE" ? 'C10 H14 N5 O8 P' 363.221 
HOH non-polymer   . WATER                        ? 'H2 O'            18.015  
NA  non-polymer   . 'SODIUM ION'                 ? 'Na 1'            22.990  
SR  non-polymer   . 'STRONTIUM ION'              ? 'Sr 2'            87.620  
U   'RNA linking' y "URIDINE-5'-MONOPHOSPHATE"   ? 'C9 H13 N2 O9 P'  324.181 
# 
loop_
_pdbx_poly_seq_scheme.asym_id 
_pdbx_poly_seq_scheme.entity_id 
_pdbx_poly_seq_scheme.seq_id 
_pdbx_poly_seq_scheme.mon_id 
_pdbx_poly_seq_scheme.ndb_seq_num 
_pdbx_poly_seq_scheme.pdb_seq_num 
_pdbx_poly_seq_scheme.auth_seq_num 
_pdbx_poly_seq_scheme.pdb_mon_id 
_pdbx_poly_seq_scheme.auth_mon_id 
_pdbx_poly_seq_scheme.pdb_strand_id 
_pdbx_poly_seq_scheme.pdb_ins_code 
_pdbx_poly_seq_scheme.hetero 
A 1 1 U 1 1  1  U U A . n 
A 1 2 A 2 2  2  A A A . n 
A 1 3 G 3 3  3  G G A . n 
A 1 4 C 4 4  4  C C A . n 
A 1 5 U 5 5  5  U U A . n 
A 1 6 C 6 6  6  C C A . n 
A 1 7 C 7 7  7  C C A . n 
B 2 1 G 1 8  8  G G B . n 
B 2 2 G 2 9  9  G G B . n 
B 2 3 G 3 10 10 G G B . n 
B 2 4 G 4 11 11 G G B . n 
B 2 5 C 5 12 12 C C B . n 
B 2 6 U 6 13 13 U U B . n 
B 2 7 A 7 14 14 A A B . n 
C 1 1 U 1 1  1  U U C . n 
C 1 2 A 2 2  2  A A C . n 
C 1 3 G 3 3  3  G G C . n 
C 1 4 C 4 4  4  C C C . n 
C 1 5 U 5 5  5  U U C . n 
C 1 6 C 6 6  6  C C C . n 
C 1 7 C 7 7  7  C C C . n 
D 2 1 G 1 8  8  G G D . n 
D 2 2 G 2 9  9  G G D . n 
D 2 3 G 3 10 10 G G D . n 
D 2 4 G 4 11 11 G G D . n 
D 2 5 C 5 12 12 C C D . n 
D 2 6 U 6 13 13 U U D . n 
D 2 7 A 7 14 14 A A D . n 
# 
loop_
_pdbx_nonpoly_scheme.asym_id 
_pdbx_nonpoly_scheme.entity_id 
_pdbx_nonpoly_scheme.mon_id 
_pdbx_nonpoly_scheme.ndb_seq_num 
_pdbx_nonpoly_scheme.pdb_seq_num 
_pdbx_nonpoly_scheme.auth_seq_num 
_pdbx_nonpoly_scheme.pdb_mon_id 
_pdbx_nonpoly_scheme.auth_mon_id 
_pdbx_nonpoly_scheme.pdb_strand_id 
_pdbx_nonpoly_scheme.pdb_ins_code 
E 3 SR  1  101  101  SR  SR  A . 
F 4 NA  1  102  102  NA  NA  A . 
G 5 HOH 1  1002 1002 HOH HOH A . 
G 5 HOH 2  1007 1007 HOH HOH A . 
G 5 HOH 3  1009 1009 HOH HOH A . 
G 5 HOH 4  1010 1010 HOH HOH A . 
G 5 HOH 5  1015 1015 HOH HOH A . 
G 5 HOH 6  1018 1018 HOH HOH A . 
G 5 HOH 7  1026 1026 HOH HOH A . 
G 5 HOH 8  1030 1030 HOH HOH A . 
G 5 HOH 9  1031 1031 HOH HOH A . 
G 5 HOH 10 1033 1033 HOH HOH A . 
G 5 HOH 11 1036 1036 HOH HOH A . 
G 5 HOH 12 1044 1044 HOH HOH A . 
G 5 HOH 13 1049 1049 HOH HOH A . 
G 5 HOH 14 1052 1052 HOH HOH A . 
G 5 HOH 15 1054 1054 HOH HOH A . 
G 5 HOH 16 1062 1062 HOH HOH A . 
G 5 HOH 17 1067 1067 HOH HOH A . 
G 5 HOH 18 1071 1071 HOH HOH A . 
G 5 HOH 19 1073 1073 HOH HOH A . 
G 5 HOH 20 1080 1080 HOH HOH A . 
H 5 HOH 1  1003 1003 HOH HOH B . 
H 5 HOH 2  1004 1004 HOH HOH B . 
H 5 HOH 3  1006 1006 HOH HOH B . 
H 5 HOH 4  1013 1013 HOH HOH B . 
H 5 HOH 5  1014 1014 HOH HOH B . 
H 5 HOH 6  1016 1016 HOH HOH B . 
H 5 HOH 7  1021 1021 HOH HOH B . 
H 5 HOH 8  1023 1023 HOH HOH B . 
H 5 HOH 9  1024 1024 HOH HOH B . 
H 5 HOH 10 1025 1025 HOH HOH B . 
H 5 HOH 11 1027 1027 HOH HOH B . 
H 5 HOH 12 1028 1028 HOH HOH B . 
H 5 HOH 13 1035 1035 HOH HOH B . 
H 5 HOH 14 1037 1037 HOH HOH B . 
H 5 HOH 15 1039 1039 HOH HOH B . 
H 5 HOH 16 1041 1041 HOH HOH B . 
H 5 HOH 17 1046 1046 HOH HOH B . 
H 5 HOH 18 1047 1047 HOH HOH B . 
H 5 HOH 19 1056 1056 HOH HOH B . 
H 5 HOH 20 1058 1058 HOH HOH B . 
H 5 HOH 21 1059 1059 HOH HOH B . 
H 5 HOH 22 1060 1060 HOH HOH B . 
H 5 HOH 23 1063 1063 HOH HOH B . 
H 5 HOH 24 1065 1065 HOH HOH B . 
H 5 HOH 25 1068 1068 HOH HOH B . 
H 5 HOH 26 1069 1069 HOH HOH B . 
H 5 HOH 27 1072 1072 HOH HOH B . 
H 5 HOH 28 1074 1074 HOH HOH B . 
H 5 HOH 29 1079 1079 HOH HOH B . 
H 5 HOH 30 1081 1081 HOH HOH B . 
H 5 HOH 31 1082 1082 HOH HOH B . 
H 5 HOH 32 1083 1083 HOH HOH B . 
H 5 HOH 33 1084 1084 HOH HOH B . 
I 5 HOH 1  1005 1005 HOH HOH C . 
I 5 HOH 2  1008 1008 HOH HOH C . 
I 5 HOH 3  1017 1017 HOH HOH C . 
I 5 HOH 4  1019 1019 HOH HOH C . 
I 5 HOH 5  1020 1020 HOH HOH C . 
I 5 HOH 6  1029 1029 HOH HOH C . 
I 5 HOH 7  1045 1045 HOH HOH C . 
I 5 HOH 8  1051 1051 HOH HOH C . 
I 5 HOH 9  1053 1053 HOH HOH C . 
I 5 HOH 10 1057 1057 HOH HOH C . 
I 5 HOH 11 1064 1064 HOH HOH C . 
I 5 HOH 12 1066 1066 HOH HOH C . 
I 5 HOH 13 1070 1070 HOH HOH C . 
I 5 HOH 14 1077 1077 HOH HOH C . 
I 5 HOH 15 1078 1078 HOH HOH C . 
I 5 HOH 16 1085 1085 HOH HOH C . 
J 5 HOH 1  1001 1001 HOH HOH D . 
J 5 HOH 2  1011 1011 HOH HOH D . 
J 5 HOH 3  1012 1012 HOH HOH D . 
J 5 HOH 4  1022 1022 HOH HOH D . 
J 5 HOH 5  1032 1032 HOH HOH D . 
J 5 HOH 6  1034 1034 HOH HOH D . 
J 5 HOH 7  1038 1038 HOH HOH D . 
J 5 HOH 8  1040 1040 HOH HOH D . 
J 5 HOH 9  1042 1042 HOH HOH D . 
J 5 HOH 10 1043 1043 HOH HOH D . 
J 5 HOH 11 1048 1048 HOH HOH D . 
J 5 HOH 12 1050 1050 HOH HOH D . 
J 5 HOH 13 1055 1055 HOH HOH D . 
J 5 HOH 14 1061 1061 HOH HOH D . 
J 5 HOH 15 1075 1075 HOH HOH D . 
J 5 HOH 16 1076 1076 HOH HOH D . 
# 
loop_
_software.name 
_software.classification 
_software.version 
_software.citation_id 
_software.pdbx_ordinal 
SHELXL-97 refinement       . ? 1 
DENZO     'data reduction' . ? 2 
SCALEPACK 'data scaling'   . ? 3 
# 
_cell.entry_id           466D 
_cell.length_a           32.900 
_cell.length_b           47.530 
_cell.length_c           26.200 
_cell.angle_alpha        90.00 
_cell.angle_beta         101.90 
_cell.angle_gamma        90.00 
_cell.Z_PDB              8 
_cell.pdbx_unique_axis   ? 
# 
_symmetry.entry_id                         466D 
_symmetry.space_group_name_H-M             'C 1 2 1' 
_symmetry.pdbx_full_space_group_name_H-M   ? 
_symmetry.cell_setting                     monoclinic 
_symmetry.Int_Tables_number                5 
# 
_exptl.entry_id          466D 
_exptl.method            'X-RAY DIFFRACTION' 
_exptl.crystals_number   1 
# 
_exptl_crystal.id                    1 
_exptl_crystal.density_meas          ? 
_exptl_crystal.density_Matthews      2.52 
_exptl_crystal.density_percent_sol   50.75 
_exptl_crystal.description           ? 
# 
_exptl_crystal_grow.crystal_id      1 
_exptl_crystal_grow.method          'VAPOR DIFFUSION, HANGING DROP' 
_exptl_crystal_grow.temp            293 
_exptl_crystal_grow.temp_details    ? 
_exptl_crystal_grow.pH              6.0 
_exptl_crystal_grow.pdbx_details    
;0.5 MM RNA DUPLEX, 12 MM SPERMINE, 40 MM NA-CACODYLATE PH 6.0, 80 MM SRCL2, 40 MM LICL, 10 % (V/V) MPD AGAINST 0.5 ML 35 % (V/V) MPD, VAPOR DIFFUSION, HANGING DROP, temperature 293K
;
_exptl_crystal_grow.pdbx_pH_range   ? 
# 
loop_
_exptl_crystal_grow_comp.crystal_id 
_exptl_crystal_grow_comp.id 
_exptl_crystal_grow_comp.sol_id 
_exptl_crystal_grow_comp.name 
_exptl_crystal_grow_comp.volume 
_exptl_crystal_grow_comp.conc 
_exptl_crystal_grow_comp.details 
1 1 1 SPERMINE            ? ? ? 
1 2 1 'SODIUM CACODYLATE' ? ? ? 
1 3 1 SRCL2               ? ? ? 
1 4 1 LICL                ? ? ? 
1 5 1 MPD                 ? ? ? 
1 6 2 MPD                 ? ? ? 
# 
_diffrn.id                     1 
_diffrn.ambient_temp           100 
_diffrn.ambient_temp_details   ? 
_diffrn.crystal_id             1 
# 
_diffrn_detector.diffrn_id              1 
_diffrn_detector.detector               'IMAGE PLATE' 
_diffrn_detector.type                   MARRESEARCH 
_diffrn_detector.pdbx_collection_date   1997-02-03 
_diffrn_detector.details                ? 
# 
_diffrn_radiation.diffrn_id                        1 
_diffrn_radiation.wavelength_id                    1 
_diffrn_radiation.pdbx_monochromatic_or_laue_m_l   M 
_diffrn_radiation.monochromator                    ? 
_diffrn_radiation.pdbx_diffrn_protocol             'SINGLE WAVELENGTH' 
_diffrn_radiation.pdbx_scattering_type             x-ray 
# 
_diffrn_radiation_wavelength.id           1 
_diffrn_radiation_wavelength.wavelength   0.9073 
_diffrn_radiation_wavelength.wt           1.0 
# 
_diffrn_source.diffrn_id                   1 
_diffrn_source.source                      SYNCHROTRON 
_diffrn_source.type                        'EMBL/DESY, HAMBURG BEAMLINE X11' 
_diffrn_source.pdbx_synchrotron_site       'EMBL/DESY, HAMBURG' 
_diffrn_source.pdbx_synchrotron_beamline   X11 
_diffrn_source.pdbx_wavelength             0.9073 
_diffrn_source.pdbx_wavelength_list        ? 
# 
_reflns.entry_id                     466D 
_reflns.observed_criterion_sigma_I   0.0 
_reflns.observed_criterion_sigma_F   ? 
_reflns.d_resolution_low             40 
_reflns.d_resolution_high            1.16 
_reflns.number_obs                   66567 
_reflns.number_all                   66567 
_reflns.percent_possible_obs         96.8 
_reflns.pdbx_Rmerge_I_obs            0.0690000 
_reflns.pdbx_Rsym_value              ? 
_reflns.pdbx_netI_over_sigmaI        ? 
_reflns.B_iso_Wilson_estimate        ? 
_reflns.pdbx_redundancy              4.9 
_reflns.pdbx_diffrn_id               1 
_reflns.pdbx_ordinal                 1 
# 
_reflns_shell.d_res_high             1.16 
_reflns_shell.d_res_low              1.17 
_reflns_shell.percent_possible_all   93.3 
_reflns_shell.Rmerge_I_obs           0.5640000 
_reflns_shell.pdbx_Rsym_value        ? 
_reflns_shell.meanI_over_sigI_obs    ? 
_reflns_shell.pdbx_redundancy        ? 
_reflns_shell.pdbx_diffrn_id         ? 
_reflns_shell.pdbx_ordinal           1 
# 
_refine.entry_id                                 466D 
_refine.ls_number_reflns_obs                     13258 
_refine.ls_number_reflns_all                     13258 
_refine.pdbx_ls_sigma_I                          ? 
_refine.pdbx_ls_sigma_F                          0.0 
_refine.pdbx_data_cutoff_high_absF               ? 
_refine.pdbx_data_cutoff_low_absF                ? 
_refine.pdbx_data_cutoff_high_rms_absF           ? 
_refine.ls_d_res_low                             15.0 
_refine.ls_d_res_high                            1.16 
_refine.ls_percent_reflns_obs                    96.7 
_refine.ls_R_factor_obs                          0.1498000 
_refine.ls_R_factor_all                          0.1498000 
_refine.ls_R_factor_R_work                       0.1468000 
_refine.ls_R_factor_R_free                       0.2401000 
_refine.ls_R_factor_R_free_error                 ? 
_refine.ls_R_factor_R_free_error_details         ? 
_refine.ls_percent_reflns_R_free                 4.9 
_refine.ls_number_reflns_R_free                  647 
_refine.ls_number_parameters                     6052 
_refine.ls_number_restraints                     20268 
_refine.occupancy_min                            ? 
_refine.occupancy_max                            ? 
_refine.B_iso_mean                               ? 
_refine.aniso_B[1][1]                            ? 
_refine.aniso_B[2][2]                            ? 
_refine.aniso_B[3][3]                            ? 
_refine.aniso_B[1][2]                            ? 
_refine.aniso_B[1][3]                            ? 
_refine.aniso_B[2][3]                            ? 
_refine.solvent_model_details                    'MOEWS & KRETSINGER, J.MOL.BIOL. 91 (1973) 201-228' 
_refine.solvent_model_param_ksol                 ? 
_refine.solvent_model_param_bsol                 ? 
_refine.pdbx_ls_cross_valid_method               THROUGHOUT 
_refine.details                                  ? 
_refine.pdbx_starting_model                      ? 
_refine.pdbx_method_to_determine_struct          SIRAS 
_refine.pdbx_isotropic_thermal_model             ? 
_refine.pdbx_stereochemistry_target_values       'PARKINSON ET AL.' 
_refine.pdbx_stereochem_target_val_spec_case     ? 
_refine.pdbx_R_Free_selection_details            'THIN RESOLUTION SHELLS' 
_refine.pdbx_overall_ESU_R                       ? 
_refine.pdbx_overall_ESU_R_Free                  ? 
_refine.overall_SU_ML                            ? 
_refine.overall_SU_B                             ? 
_refine.pdbx_refine_id                           'X-RAY DIFFRACTION' 
_refine.pdbx_diffrn_id                           1 
_refine.pdbx_TLS_residual_ADP_flag               ? 
_refine.correlation_coeff_Fo_to_Fc               ? 
_refine.correlation_coeff_Fo_to_Fc_free          ? 
_refine.pdbx_solvent_vdw_probe_radii             ? 
_refine.pdbx_solvent_ion_probe_radii             ? 
_refine.pdbx_solvent_shrinkage_radii             ? 
_refine.pdbx_overall_phase_error                 ? 
_refine.overall_SU_R_Cruickshank_DPI             ? 
_refine.pdbx_overall_SU_R_free_Cruickshank_DPI   ? 
_refine.pdbx_overall_SU_R_Blow_DPI               ? 
_refine.pdbx_overall_SU_R_free_Blow_DPI          ? 
# 
_refine_analyze.entry_id                        466D 
_refine_analyze.Luzzati_coordinate_error_obs    ? 
_refine_analyze.Luzzati_sigma_a_obs             ? 
_refine_analyze.Luzzati_d_res_low_obs           ? 
_refine_analyze.Luzzati_coordinate_error_free   ? 
_refine_analyze.Luzzati_sigma_a_free            ? 
_refine_analyze.Luzzati_d_res_low_free          ? 
_refine_analyze.number_disordered_residues      14 
_refine_analyze.occupancy_sum_hydrogen          ? 
_refine_analyze.occupancy_sum_non_hydrogen      378 
_refine_analyze.pdbx_refine_id                  'X-RAY DIFFRACTION' 
# 
_refine_hist.pdbx_refine_id                   'X-RAY DIFFRACTION' 
_refine_hist.cycle_id                         LAST 
_refine_hist.pdbx_number_atoms_protein        0 
_refine_hist.pdbx_number_atoms_nucleic_acid   586 
_refine_hist.pdbx_number_atoms_ligand         2 
_refine_hist.number_atoms_solvent             85 
_refine_hist.number_atoms_total               673 
_refine_hist.d_res_high                       1.16 
_refine_hist.d_res_low                        15.0 
# 
loop_
_refine_ls_restr.type 
_refine_ls_restr.dev_ideal 
_refine_ls_restr.dev_ideal_target 
_refine_ls_restr.weight 
_refine_ls_restr.number 
_refine_ls_restr.pdbx_refine_id 
_refine_ls_restr.pdbx_restraint_function 
s_bond_d               0.022 ? ? ? 'X-RAY DIFFRACTION' ? 
s_angle_d              0.017 ? ? ? 'X-RAY DIFFRACTION' ? 
s_similar_dist         0.024 ? ? ? 'X-RAY DIFFRACTION' ? 
s_from_restr_planes    0.017 ? ? ? 'X-RAY DIFFRACTION' ? 
s_zero_chiral_vol      0.000 ? ? ? 'X-RAY DIFFRACTION' ? 
s_non_zero_chiral_vol  0.009 ? ? ? 'X-RAY DIFFRACTION' ? 
s_anti_bump_dis_restr  0.005 ? ? ? 'X-RAY DIFFRACTION' ? 
s_rigid_bond_adp_cmpnt 0.009 ? ? ? 'X-RAY DIFFRACTION' ? 
s_similar_adp_cmpnt    0.044 ? ? ? 'X-RAY DIFFRACTION' ? 
s_approx_iso_adps      0.094 ? ? ? 'X-RAY DIFFRACTION' ? 
# 
_pdbx_refine.entry_id                                    466D 
_pdbx_refine.R_factor_all_no_cutoff                      ? 
_pdbx_refine.R_factor_obs_no_cutoff                      ? 
_pdbx_refine.free_R_factor_no_cutoff                     ? 
_pdbx_refine.free_R_val_test_set_size_perc_no_cutoff     ? 
_pdbx_refine.free_R_val_test_set_ct_no_cutoff            ? 
_pdbx_refine.R_factor_all_4sig_cutoff                    0.1390000 
_pdbx_refine.R_factor_obs_4sig_cutoff                    0.1360000 
_pdbx_refine.free_R_factor_4sig_cutoff                   0.2260000 
_pdbx_refine.free_R_val_test_set_size_perc_4sig_cutoff   ? 
_pdbx_refine.free_R_val_test_set_ct_4sig_cutoff          486 
_pdbx_refine.number_reflns_obs_4sig_cutoff               9885 
_pdbx_refine.pdbx_refine_id                              'X-RAY DIFFRACTION' 
_pdbx_refine.free_R_error_no_cutoff                      ? 
# 
_struct.entry_id                  466D 
_struct.title                     'DISORDER AND TWIN REFINEMENT OF RNA HEPTAMER DOUBLE HELIX' 
_struct.pdbx_model_details        ? 
_struct.pdbx_CASP_flag            ? 
_struct.pdbx_model_type_details   ? 
# 
_struct_keywords.entry_id        466D 
_struct_keywords.pdbx_keywords   RNA 
_struct_keywords.text            '7 BASE-PAIR TRNA ALA ACCEPTOR STEM, DOUBLE HELIX, RIBONUCLEIC ACID, DISORDERED MODEL, RNA' 
# 
loop_
_struct_asym.id 
_struct_asym.pdbx_blank_PDB_chainid_flag 
_struct_asym.pdbx_modified 
_struct_asym.entity_id 
_struct_asym.details 
A N N 1 ? 
B N N 2 ? 
C N N 1 ? 
D N N 2 ? 
E N N 3 ? 
F N N 4 ? 
G N N 5 ? 
H N N 5 ? 
I N N 5 ? 
J N N 5 ? 
# 
loop_
_struct_ref.id 
_struct_ref.entity_id 
_struct_ref.db_name 
_struct_ref.db_code 
_struct_ref.pdbx_db_accession 
_struct_ref.pdbx_db_isoform 
_struct_ref.pdbx_seq_one_letter_code 
_struct_ref.pdbx_align_begin 
1 1 PDB 466D 466D ? ? ? 
2 2 PDB 466D 466D ? ? ? 
# 
loop_
_struct_ref_seq.align_id 
_struct_ref_seq.ref_id 
_struct_ref_seq.pdbx_PDB_id_code 
_struct_ref_seq.pdbx_strand_id 
_struct_ref_seq.seq_align_beg 
_struct_ref_seq.pdbx_seq_align_beg_ins_code 
_struct_ref_seq.seq_align_end 
_struct_ref_seq.pdbx_seq_align_end_ins_code 
_struct_ref_seq.pdbx_db_accession 
_struct_ref_seq.db_align_beg 
_struct_ref_seq.pdbx_db_align_beg_ins_code 
_struct_ref_seq.db_align_end 
_struct_ref_seq.pdbx_db_align_end_ins_code 
_struct_ref_seq.pdbx_auth_seq_align_beg 
_struct_ref_seq.pdbx_auth_seq_align_end 
1 1 466D A 1 ? 7 ? 466D 1 ? 7  ? 1 7  
2 2 466D B 1 ? 7 ? 466D 8 ? 14 ? 8 14 
3 1 466D C 1 ? 7 ? 466D 1 ? 7  ? 1 7  
4 2 466D D 1 ? 7 ? 466D 8 ? 14 ? 8 14 
# 
loop_
_pdbx_struct_assembly.id 
_pdbx_struct_assembly.details 
_pdbx_struct_assembly.method_details 
_pdbx_struct_assembly.oligomeric_details 
_pdbx_struct_assembly.oligomeric_count 
1 author_defined_assembly ? dimeric 2 
2 author_defined_assembly ? dimeric 2 
# 
loop_
_pdbx_struct_assembly_gen.assembly_id 
_pdbx_struct_assembly_gen.oper_expression 
_pdbx_struct_assembly_gen.asym_id_list 
1 1 A,B,E,F,G,H 
2 1 C,D,I,J     
# 
_pdbx_struct_oper_list.id                   1 
_pdbx_struct_oper_list.type                 'identity operation' 
_pdbx_struct_oper_list.name                 1_555 
_pdbx_struct_oper_list.symmetry_operation   x,y,z 
_pdbx_struct_oper_list.matrix[1][1]         1.0000000000 
_pdbx_struct_oper_list.matrix[1][2]         0.0000000000 
_pdbx_struct_oper_list.matrix[1][3]         0.0000000000 
_pdbx_struct_oper_list.vector[1]            0.0000000000 
_pdbx_struct_oper_list.matrix[2][1]         0.0000000000 
_pdbx_struct_oper_list.matrix[2][2]         1.0000000000 
_pdbx_struct_oper_list.matrix[2][3]         0.0000000000 
_pdbx_struct_oper_list.vector[2]            0.0000000000 
_pdbx_struct_oper_list.matrix[3][1]         0.0000000000 
_pdbx_struct_oper_list.matrix[3][2]         0.0000000000 
_pdbx_struct_oper_list.matrix[3][3]         1.0000000000 
_pdbx_struct_oper_list.vector[3]            0.0000000000 
# 
loop_
_struct_biol.id 
1 
2 
# 
loop_
_struct_conn.id 
_struct_conn.conn_type_id 
_struct_conn.pdbx_leaving_atom_flag 
_struct_conn.pdbx_PDB_id 
_struct_conn.ptnr1_label_asym_id 
_struct_conn.ptnr1_label_comp_id 
_struct_conn.ptnr1_label_seq_id 
_struct_conn.ptnr1_label_atom_id 
_struct_conn.pdbx_ptnr1_label_alt_id 
_struct_conn.pdbx_ptnr1_PDB_ins_code 
_struct_conn.pdbx_ptnr1_standard_comp_id 
_struct_conn.ptnr1_symmetry 
_struct_conn.ptnr2_label_asym_id 
_struct_conn.ptnr2_label_comp_id 
_struct_conn.ptnr2_label_seq_id 
_struct_conn.ptnr2_label_atom_id 
_struct_conn.pdbx_ptnr2_label_alt_id 
_struct_conn.pdbx_ptnr2_PDB_ins_code 
_struct_conn.ptnr1_auth_asym_id 
_struct_conn.ptnr1_auth_comp_id 
_struct_conn.ptnr1_auth_seq_id 
_struct_conn.ptnr2_auth_asym_id 
_struct_conn.ptnr2_auth_comp_id 
_struct_conn.ptnr2_auth_seq_id 
_struct_conn.ptnr2_symmetry 
_struct_conn.pdbx_ptnr3_label_atom_id 
_struct_conn.pdbx_ptnr3_label_seq_id 
_struct_conn.pdbx_ptnr3_label_comp_id 
_struct_conn.pdbx_ptnr3_label_asym_id 
_struct_conn.pdbx_ptnr3_label_alt_id 
_struct_conn.pdbx_ptnr3_PDB_ins_code 
_struct_conn.details 
_struct_conn.pdbx_dist_value 
_struct_conn.pdbx_value_order 
_struct_conn.pdbx_role 
metalc1  metalc ? ? A C  7 "O2'" ? ? ? 1_555 E SR  . SR    ? ? A C  7   A SR  101  1_555 ? ? ? ? ? ? ?            2.715 ? ? 
metalc2  metalc ? ? A C  7 "O3'" ? ? ? 1_555 E SR  . SR    ? ? A C  7   A SR  101  1_555 ? ? ? ? ? ? ?            2.744 ? ? 
metalc3  metalc ? ? A C  7 "O3'" ? ? ? 2_656 E SR  . SR    ? ? A C  7   A SR  101  1_555 ? ? ? ? ? ? ?            2.743 ? ? 
metalc4  metalc ? ? A C  7 "O2'" ? ? ? 2_656 E SR  . SR    ? ? A C  7   A SR  101  1_555 ? ? ? ? ? ? ?            2.714 ? ? 
metalc5  metalc ? ? E SR . SR    ? ? ? 1_555 B A   7 "O2'" ? ? A SR 101 B A   14   2_556 ? ? ? ? ? ? ?            2.685 ? ? 
metalc6  metalc ? ? E SR . SR    ? ? ? 1_555 B A   7 "O3'" ? ? A SR 101 B A   14   2_556 ? ? ? ? ? ? ?            2.506 ? ? 
metalc7  metalc ? ? E SR . SR    ? ? ? 1_555 B A   7 "O3'" ? ? A SR 101 B A   14   1_655 ? ? ? ? ? ? ?            2.505 ? ? 
metalc8  metalc ? ? E SR . SR    ? ? ? 1_555 B A   7 "O2'" ? ? A SR 101 B A   14   1_655 ? ? ? ? ? ? ?            2.685 ? ? 
metalc9  metalc ? ? E SR . SR    ? ? ? 1_555 H HOH . O     ? ? A SR 101 B HOH 1004 1_655 ? ? ? ? ? ? ?            2.279 ? ? 
metalc10 metalc ? ? E SR . SR    ? ? ? 1_555 H HOH . O     ? ? A SR 101 B HOH 1004 2_556 ? ? ? ? ? ? ?            2.279 ? ? 
metalc11 metalc ? ? E SR . SR    ? ? ? 1_555 I HOH . O     ? ? A SR 101 C HOH 1045 1_554 ? ? ? ? ? ? ?            2.606 ? ? 
metalc12 metalc ? ? E SR . SR    ? ? ? 1_555 I HOH . O     ? ? A SR 101 C HOH 1045 2_657 ? ? ? ? ? ? ?            2.607 ? ? 
metalc13 metalc ? ? F NA . NA    ? ? ? 1_555 H HOH . O     ? ? A NA 102 B HOH 1025 1_555 ? ? ? ? ? ? ?            2.758 ? ? 
metalc14 metalc ? ? F NA . NA    ? ? ? 1_555 H HOH . O     ? ? A NA 102 B HOH 1056 1_555 ? ? ? ? ? ? ?            2.197 ? ? 
metalc15 metalc ? ? F NA . NA    ? ? ? 1_555 H HOH . O     ? ? A NA 102 B HOH 1056 2_556 ? ? ? ? ? ? ?            2.198 ? ? 
metalc16 metalc ? ? F NA . NA    ? ? ? 1_555 H HOH . O     ? ? A NA 102 B HOH 1063 1_555 ? ? ? ? ? ? ?            2.313 ? ? 
metalc17 metalc ? ? F NA . NA    ? ? ? 1_555 H HOH . O     ? ? A NA 102 B HOH 1063 2_556 ? ? ? ? ? ? ?            2.313 ? ? 
hydrog1  hydrog ? ? A U  1 N3    ? ? ? 1_555 B A   7 N1    ? ? A U  1   B A   14   1_555 ? ? ? ? ? ? WATSON-CRICK ?     ? ? 
hydrog2  hydrog ? ? A U  1 O4    ? ? ? 1_555 B A   7 N6    ? ? A U  1   B A   14   1_555 ? ? ? ? ? ? WATSON-CRICK ?     ? ? 
hydrog3  hydrog ? ? A A  2 N1    ? ? ? 1_555 B U   6 N3    ? ? A A  2   B U   13   1_555 ? ? ? ? ? ? WATSON-CRICK ?     ? ? 
hydrog4  hydrog ? ? A A  2 N6    ? ? ? 1_555 B U   6 O4    ? ? A A  2   B U   13   1_555 ? ? ? ? ? ? WATSON-CRICK ?     ? ? 
hydrog5  hydrog ? ? A G  3 N1    ? ? ? 1_555 B C   5 N3    ? ? A G  3   B C   12   1_555 ? ? ? ? ? ? WATSON-CRICK ?     ? ? 
hydrog6  hydrog ? ? A G  3 N2    ? ? ? 1_555 B C   5 O2    ? ? A G  3   B C   12   1_555 ? ? ? ? ? ? WATSON-CRICK ?     ? ? 
hydrog7  hydrog ? ? A G  3 O6    ? ? ? 1_555 B C   5 N4    ? ? A G  3   B C   12   1_555 ? ? ? ? ? ? WATSON-CRICK ?     ? ? 
hydrog8  hydrog ? ? A C  4 N3    ? ? ? 1_555 B G   4 N1    ? ? A C  4   B G   11   1_555 ? ? ? ? ? ? WATSON-CRICK ?     ? ? 
hydrog9  hydrog ? ? A C  4 N4    ? ? ? 1_555 B G   4 O6    ? ? A C  4   B G   11   1_555 ? ? ? ? ? ? WATSON-CRICK ?     ? ? 
hydrog10 hydrog ? ? A C  4 O2    ? ? ? 1_555 B G   4 N2    ? ? A C  4   B G   11   1_555 ? ? ? ? ? ? WATSON-CRICK ?     ? ? 
hydrog11 hydrog ? ? A U  5 N3    ? ? ? 1_555 B G   3 O6    ? ? A U  5   B G   10   1_555 ? ? ? ? ? ? TYPE_28_PAIR ?     ? ? 
hydrog12 hydrog ? ? A U  5 O2    ? ? ? 1_555 B G   3 N1    ? ? A U  5   B G   10   1_555 ? ? ? ? ? ? TYPE_28_PAIR ?     ? ? 
hydrog13 hydrog ? ? A C  6 N3    ? ? ? 1_555 B G   2 N1    ? ? A C  6   B G   9    1_555 ? ? ? ? ? ? WATSON-CRICK ?     ? ? 
hydrog14 hydrog ? ? A C  6 N4    ? ? ? 1_555 B G   2 O6    ? ? A C  6   B G   9    1_555 ? ? ? ? ? ? WATSON-CRICK ?     ? ? 
hydrog15 hydrog ? ? A C  6 O2    ? ? ? 1_555 B G   2 N2    ? ? A C  6   B G   9    1_555 ? ? ? ? ? ? WATSON-CRICK ?     ? ? 
hydrog16 hydrog ? ? A C  7 N3    ? ? ? 1_555 B G   1 N1    ? ? A C  7   B G   8    1_555 ? ? ? ? ? ? WATSON-CRICK ?     ? ? 
hydrog17 hydrog ? ? A C  7 N4    ? ? ? 1_555 B G   1 O6    ? ? A C  7   B G   8    1_555 ? ? ? ? ? ? WATSON-CRICK ?     ? ? 
hydrog18 hydrog ? ? A C  7 O2    ? ? ? 1_555 B G   1 N2    ? ? A C  7   B G   8    1_555 ? ? ? ? ? ? WATSON-CRICK ?     ? ? 
hydrog19 hydrog ? ? C U  1 N3    ? ? ? 1_555 D A   7 N1    ? ? C U  1   D A   14   1_555 ? ? ? ? ? ? WATSON-CRICK ?     ? ? 
hydrog20 hydrog ? ? C U  1 O4    ? ? ? 1_555 D A   7 N6    ? ? C U  1   D A   14   1_555 ? ? ? ? ? ? WATSON-CRICK ?     ? ? 
hydrog21 hydrog ? ? C A  2 N1    ? ? ? 1_555 D U   6 N3    ? ? C A  2   D U   13   1_555 ? ? ? ? ? ? WATSON-CRICK ?     ? ? 
hydrog22 hydrog ? ? C A  2 N6    ? ? ? 1_555 D U   6 O4    ? ? C A  2   D U   13   1_555 ? ? ? ? ? ? WATSON-CRICK ?     ? ? 
hydrog23 hydrog ? ? C G  3 N1    ? ? ? 1_555 D C   5 N3    ? ? C G  3   D C   12   1_555 ? ? ? ? ? ? WATSON-CRICK ?     ? ? 
hydrog24 hydrog ? ? C G  3 N2    ? ? ? 1_555 D C   5 O2    ? ? C G  3   D C   12   1_555 ? ? ? ? ? ? WATSON-CRICK ?     ? ? 
hydrog25 hydrog ? ? C G  3 O6    ? ? ? 1_555 D C   5 N4    ? ? C G  3   D C   12   1_555 ? ? ? ? ? ? WATSON-CRICK ?     ? ? 
hydrog26 hydrog ? ? C C  4 N3    ? ? ? 1_555 D G   4 N1    ? ? C C  4   D G   11   1_555 ? ? ? ? ? ? WATSON-CRICK ?     ? ? 
hydrog27 hydrog ? ? C C  4 N4    ? ? ? 1_555 D G   4 O6    ? ? C C  4   D G   11   1_555 ? ? ? ? ? ? WATSON-CRICK ?     ? ? 
hydrog28 hydrog ? ? C C  4 O2    ? ? ? 1_555 D G   4 N2    ? ? C C  4   D G   11   1_555 ? ? ? ? ? ? WATSON-CRICK ?     ? ? 
hydrog29 hydrog ? ? C U  5 N3    ? ? ? 1_555 D G   3 O6    ? ? C U  5   D G   10   1_555 ? ? ? ? ? ? TYPE_28_PAIR ?     ? ? 
hydrog30 hydrog ? ? C U  5 O2    ? ? ? 1_555 D G   3 N1    ? ? C U  5   D G   10   1_555 ? ? ? ? ? ? TYPE_28_PAIR ?     ? ? 
hydrog31 hydrog ? ? C C  6 N3    ? ? ? 1_555 D G   2 N1    ? ? C C  6   D G   9    1_555 ? ? ? ? ? ? WATSON-CRICK ?     ? ? 
hydrog32 hydrog ? ? C C  6 N4    ? ? ? 1_555 D G   2 O6    ? ? C C  6   D G   9    1_555 ? ? ? ? ? ? WATSON-CRICK ?     ? ? 
hydrog33 hydrog ? ? C C  6 O2    ? ? ? 1_555 D G   2 N2    ? ? C C  6   D G   9    1_555 ? ? ? ? ? ? WATSON-CRICK ?     ? ? 
hydrog34 hydrog ? ? C C  7 N3    ? ? ? 1_555 D G   1 N1    ? ? C C  7   D G   8    1_555 ? ? ? ? ? ? WATSON-CRICK ?     ? ? 
hydrog35 hydrog ? ? C C  7 N4    ? ? ? 1_555 D G   1 O6    ? ? C C  7   D G   8    1_555 ? ? ? ? ? ? WATSON-CRICK ?     ? ? 
hydrog36 hydrog ? ? C C  7 O2    ? ? ? 1_555 D G   1 N2    ? ? C C  7   D G   8    1_555 ? ? ? ? ? ? WATSON-CRICK ?     ? ? 
# 
loop_
_struct_conn_type.id 
_struct_conn_type.criteria 
_struct_conn_type.reference 
metalc ? ? 
hydrog ? ? 
# 
loop_
_pdbx_struct_conn_angle.id 
_pdbx_struct_conn_angle.ptnr1_label_atom_id 
_pdbx_struct_conn_angle.ptnr1_label_alt_id 
_pdbx_struct_conn_angle.ptnr1_label_asym_id 
_pdbx_struct_conn_angle.ptnr1_label_comp_id 
_pdbx_struct_conn_angle.ptnr1_label_seq_id 
_pdbx_struct_conn_angle.ptnr1_auth_atom_id 
_pdbx_struct_conn_angle.ptnr1_auth_asym_id 
_pdbx_struct_conn_angle.ptnr1_auth_comp_id 
_pdbx_struct_conn_angle.ptnr1_auth_seq_id 
_pdbx_struct_conn_angle.ptnr1_PDB_ins_code 
_pdbx_struct_conn_angle.ptnr1_symmetry 
_pdbx_struct_conn_angle.ptnr2_label_atom_id 
_pdbx_struct_conn_angle.ptnr2_label_alt_id 
_pdbx_struct_conn_angle.ptnr2_label_asym_id 
_pdbx_struct_conn_angle.ptnr2_label_comp_id 
_pdbx_struct_conn_angle.ptnr2_label_seq_id 
_pdbx_struct_conn_angle.ptnr2_auth_atom_id 
_pdbx_struct_conn_angle.ptnr2_auth_asym_id 
_pdbx_struct_conn_angle.ptnr2_auth_comp_id 
_pdbx_struct_conn_angle.ptnr2_auth_seq_id 
_pdbx_struct_conn_angle.ptnr2_PDB_ins_code 
_pdbx_struct_conn_angle.ptnr2_symmetry 
_pdbx_struct_conn_angle.ptnr3_label_atom_id 
_pdbx_struct_conn_angle.ptnr3_label_alt_id 
_pdbx_struct_conn_angle.ptnr3_label_asym_id 
_pdbx_struct_conn_angle.ptnr3_label_comp_id 
_pdbx_struct_conn_angle.ptnr3_label_seq_id 
_pdbx_struct_conn_angle.ptnr3_auth_atom_id 
_pdbx_struct_conn_angle.ptnr3_auth_asym_id 
_pdbx_struct_conn_angle.ptnr3_auth_comp_id 
_pdbx_struct_conn_angle.ptnr3_auth_seq_id 
_pdbx_struct_conn_angle.ptnr3_PDB_ins_code 
_pdbx_struct_conn_angle.ptnr3_symmetry 
_pdbx_struct_conn_angle.value 
_pdbx_struct_conn_angle.value_esd 
1  "O2'" ? A C   7 ? A C   7    ? 1_555 SR ? E SR . ? A SR 101 ? 1_555 "O3'" ? A C   7 ? A C   7    ? 1_555 60.4  ? 
2  "O2'" ? A C   7 ? A C   7    ? 1_555 SR ? E SR . ? A SR 101 ? 1_555 "O3'" ? A C   7 ? A C   7    ? 2_656 128.5 ? 
3  "O3'" ? A C   7 ? A C   7    ? 1_555 SR ? E SR . ? A SR 101 ? 1_555 "O3'" ? A C   7 ? A C   7    ? 2_656 160.6 ? 
4  "O2'" ? A C   7 ? A C   7    ? 1_555 SR ? E SR . ? A SR 101 ? 1_555 "O2'" ? A C   7 ? A C   7    ? 2_656 135.3 ? 
5  "O3'" ? A C   7 ? A C   7    ? 1_555 SR ? E SR . ? A SR 101 ? 1_555 "O2'" ? A C   7 ? A C   7    ? 2_656 128.4 ? 
6  "O3'" ? A C   7 ? A C   7    ? 2_656 SR ? E SR . ? A SR 101 ? 1_555 "O2'" ? A C   7 ? A C   7    ? 2_656 60.4  ? 
7  "O2'" ? A C   7 ? A C   7    ? 1_555 SR ? E SR . ? A SR 101 ? 1_555 "O2'" ? B A   7 ? B A   14   ? 2_556 10.2  ? 
8  "O3'" ? A C   7 ? A C   7    ? 1_555 SR ? E SR . ? A SR 101 ? 1_555 "O2'" ? B A   7 ? B A   14   ? 2_556 67.4  ? 
9  "O3'" ? A C   7 ? A C   7    ? 2_656 SR ? E SR . ? A SR 101 ? 1_555 "O2'" ? B A   7 ? B A   14   ? 2_556 119.3 ? 
10 "O2'" ? A C   7 ? A C   7    ? 2_656 SR ? E SR . ? A SR 101 ? 1_555 "O2'" ? B A   7 ? B A   14   ? 2_556 138.4 ? 
11 "O2'" ? A C   7 ? A C   7    ? 1_555 SR ? E SR . ? A SR 101 ? 1_555 "O3'" ? B A   7 ? B A   14   ? 2_556 57.3  ? 
12 "O3'" ? A C   7 ? A C   7    ? 1_555 SR ? E SR . ? A SR 101 ? 1_555 "O3'" ? B A   7 ? B A   14   ? 2_556 9.1   ? 
13 "O3'" ? A C   7 ? A C   7    ? 2_656 SR ? E SR . ? A SR 101 ? 1_555 "O3'" ? B A   7 ? B A   14   ? 2_556 154.3 ? 
14 "O2'" ? A C   7 ? A C   7    ? 2_656 SR ? E SR . ? A SR 101 ? 1_555 "O3'" ? B A   7 ? B A   14   ? 2_556 137.2 ? 
15 "O2'" ? B A   7 ? B A   14   ? 2_556 SR ? E SR . ? A SR 101 ? 1_555 "O3'" ? B A   7 ? B A   14   ? 2_556 63.0  ? 
16 "O2'" ? A C   7 ? A C   7    ? 1_555 SR ? E SR . ? A SR 101 ? 1_555 "O3'" ? B A   7 ? B A   14   ? 1_655 137.3 ? 
17 "O3'" ? A C   7 ? A C   7    ? 1_555 SR ? E SR . ? A SR 101 ? 1_555 "O3'" ? B A   7 ? B A   14   ? 1_655 154.3 ? 
18 "O3'" ? A C   7 ? A C   7    ? 2_656 SR ? E SR . ? A SR 101 ? 1_555 "O3'" ? B A   7 ? B A   14   ? 1_655 9.1   ? 
19 "O2'" ? A C   7 ? A C   7    ? 2_656 SR ? E SR . ? A SR 101 ? 1_555 "O3'" ? B A   7 ? B A   14   ? 1_655 57.3  ? 
20 "O2'" ? B A   7 ? B A   14   ? 2_556 SR ? E SR . ? A SR 101 ? 1_555 "O3'" ? B A   7 ? B A   14   ? 1_655 127.9 ? 
21 "O3'" ? B A   7 ? B A   14   ? 2_556 SR ? E SR . ? A SR 101 ? 1_555 "O3'" ? B A   7 ? B A   14   ? 1_655 150.3 ? 
22 "O2'" ? A C   7 ? A C   7    ? 1_555 SR ? E SR . ? A SR 101 ? 1_555 "O2'" ? B A   7 ? B A   14   ? 1_655 138.4 ? 
23 "O3'" ? A C   7 ? A C   7    ? 1_555 SR ? E SR . ? A SR 101 ? 1_555 "O2'" ? B A   7 ? B A   14   ? 1_655 119.3 ? 
24 "O3'" ? A C   7 ? A C   7    ? 2_656 SR ? E SR . ? A SR 101 ? 1_555 "O2'" ? B A   7 ? B A   14   ? 1_655 67.4  ? 
25 "O2'" ? A C   7 ? A C   7    ? 2_656 SR ? E SR . ? A SR 101 ? 1_555 "O2'" ? B A   7 ? B A   14   ? 1_655 10.2  ? 
26 "O2'" ? B A   7 ? B A   14   ? 2_556 SR ? E SR . ? A SR 101 ? 1_555 "O2'" ? B A   7 ? B A   14   ? 1_655 143.7 ? 
27 "O3'" ? B A   7 ? B A   14   ? 2_556 SR ? E SR . ? A SR 101 ? 1_555 "O2'" ? B A   7 ? B A   14   ? 1_655 127.9 ? 
28 "O3'" ? B A   7 ? B A   14   ? 1_655 SR ? E SR . ? A SR 101 ? 1_555 "O2'" ? B A   7 ? B A   14   ? 1_655 63.0  ? 
29 "O2'" ? A C   7 ? A C   7    ? 1_555 SR ? E SR . ? A SR 101 ? 1_555 O     ? H HOH . ? B HOH 1004 ? 1_655 73.8  ? 
30 "O3'" ? A C   7 ? A C   7    ? 1_555 SR ? E SR . ? A SR 101 ? 1_555 O     ? H HOH . ? B HOH 1004 ? 1_655 95.8  ? 
31 "O3'" ? A C   7 ? A C   7    ? 2_656 SR ? E SR . ? A SR 101 ? 1_555 O     ? H HOH . ? B HOH 1004 ? 1_655 73.4  ? 
32 "O2'" ? A C   7 ? A C   7    ? 2_656 SR ? E SR . ? A SR 101 ? 1_555 O     ? H HOH . ? B HOH 1004 ? 1_655 133.8 ? 
33 "O2'" ? B A   7 ? B A   14   ? 2_556 SR ? E SR . ? A SR 101 ? 1_555 O     ? H HOH . ? B HOH 1004 ? 1_655 64.6  ? 
34 "O3'" ? B A   7 ? B A   14   ? 2_556 SR ? E SR . ? A SR 101 ? 1_555 O     ? H HOH . ? B HOH 1004 ? 1_655 86.7  ? 
35 "O3'" ? B A   7 ? B A   14   ? 1_655 SR ? E SR . ? A SR 101 ? 1_555 O     ? H HOH . ? B HOH 1004 ? 1_655 77.2  ? 
36 "O2'" ? B A   7 ? B A   14   ? 1_655 SR ? E SR . ? A SR 101 ? 1_555 O     ? H HOH . ? B HOH 1004 ? 1_655 140.2 ? 
37 "O2'" ? A C   7 ? A C   7    ? 1_555 SR ? E SR . ? A SR 101 ? 1_555 O     ? H HOH . ? B HOH 1004 ? 2_556 133.8 ? 
38 "O3'" ? A C   7 ? A C   7    ? 1_555 SR ? E SR . ? A SR 101 ? 1_555 O     ? H HOH . ? B HOH 1004 ? 2_556 73.4  ? 
39 "O3'" ? A C   7 ? A C   7    ? 2_656 SR ? E SR . ? A SR 101 ? 1_555 O     ? H HOH . ? B HOH 1004 ? 2_556 95.8  ? 
40 "O2'" ? A C   7 ? A C   7    ? 2_656 SR ? E SR . ? A SR 101 ? 1_555 O     ? H HOH . ? B HOH 1004 ? 2_556 73.8  ? 
41 "O2'" ? B A   7 ? B A   14   ? 2_556 SR ? E SR . ? A SR 101 ? 1_555 O     ? H HOH . ? B HOH 1004 ? 2_556 140.1 ? 
42 "O3'" ? B A   7 ? B A   14   ? 2_556 SR ? E SR . ? A SR 101 ? 1_555 O     ? H HOH . ? B HOH 1004 ? 2_556 77.2  ? 
43 "O3'" ? B A   7 ? B A   14   ? 1_655 SR ? E SR . ? A SR 101 ? 1_555 O     ? H HOH . ? B HOH 1004 ? 2_556 86.7  ? 
44 "O2'" ? B A   7 ? B A   14   ? 1_655 SR ? E SR . ? A SR 101 ? 1_555 O     ? H HOH . ? B HOH 1004 ? 2_556 64.6  ? 
45 O     ? H HOH . ? B HOH 1004 ? 1_655 SR ? E SR . ? A SR 101 ? 1_555 O     ? H HOH . ? B HOH 1004 ? 2_556 114.0 ? 
46 "O2'" ? A C   7 ? A C   7    ? 1_555 SR ? E SR . ? A SR 101 ? 1_555 O     ? I HOH . ? C HOH 1045 ? 1_554 71.2  ? 
47 "O3'" ? A C   7 ? A C   7    ? 1_555 SR ? E SR . ? A SR 101 ? 1_555 O     ? I HOH . ? C HOH 1045 ? 1_554 128.6 ? 
48 "O3'" ? A C   7 ? A C   7    ? 2_656 SR ? E SR . ? A SR 101 ? 1_555 O     ? I HOH . ? C HOH 1045 ? 1_554 67.9  ? 
49 "O2'" ? A C   7 ? A C   7    ? 2_656 SR ? E SR . ? A SR 101 ? 1_555 O     ? I HOH . ? C HOH 1045 ? 1_554 76.4  ? 
50 "O2'" ? B A   7 ? B A   14   ? 2_556 SR ? E SR . ? A SR 101 ? 1_555 O     ? I HOH . ? C HOH 1045 ? 1_554 67.5  ? 
51 "O3'" ? B A   7 ? B A   14   ? 2_556 SR ? E SR . ? A SR 101 ? 1_555 O     ? I HOH . ? C HOH 1045 ? 1_554 128.0 ? 
52 "O3'" ? B A   7 ? B A   14   ? 1_655 SR ? E SR . ? A SR 101 ? 1_555 O     ? I HOH . ? C HOH 1045 ? 1_554 76.1  ? 
53 "O2'" ? B A   7 ? B A   14   ? 1_655 SR ? E SR . ? A SR 101 ? 1_555 O     ? I HOH . ? C HOH 1045 ? 1_554 85.8  ? 
54 O     ? H HOH . ? B HOH 1004 ? 1_655 SR ? E SR . ? A SR 101 ? 1_555 O     ? I HOH . ? C HOH 1045 ? 1_554 86.0  ? 
55 O     ? H HOH . ? B HOH 1004 ? 2_556 SR ? E SR . ? A SR 101 ? 1_555 O     ? I HOH . ? C HOH 1045 ? 1_554 150.2 ? 
56 "O2'" ? A C   7 ? A C   7    ? 1_555 SR ? E SR . ? A SR 101 ? 1_555 O     ? I HOH . ? C HOH 1045 ? 2_657 76.4  ? 
57 "O3'" ? A C   7 ? A C   7    ? 1_555 SR ? E SR . ? A SR 101 ? 1_555 O     ? I HOH . ? C HOH 1045 ? 2_657 67.9  ? 
58 "O3'" ? A C   7 ? A C   7    ? 2_656 SR ? E SR . ? A SR 101 ? 1_555 O     ? I HOH . ? C HOH 1045 ? 2_657 128.6 ? 
59 "O2'" ? A C   7 ? A C   7    ? 2_656 SR ? E SR . ? A SR 101 ? 1_555 O     ? I HOH . ? C HOH 1045 ? 2_657 71.2  ? 
60 "O2'" ? B A   7 ? B A   14   ? 2_556 SR ? E SR . ? A SR 101 ? 1_555 O     ? I HOH . ? C HOH 1045 ? 2_657 85.8  ? 
61 "O3'" ? B A   7 ? B A   14   ? 2_556 SR ? E SR . ? A SR 101 ? 1_555 O     ? I HOH . ? C HOH 1045 ? 2_657 76.1  ? 
62 "O3'" ? B A   7 ? B A   14   ? 1_655 SR ? E SR . ? A SR 101 ? 1_555 O     ? I HOH . ? C HOH 1045 ? 2_657 128.0 ? 
63 "O2'" ? B A   7 ? B A   14   ? 1_655 SR ? E SR . ? A SR 101 ? 1_555 O     ? I HOH . ? C HOH 1045 ? 2_657 67.5  ? 
64 O     ? H HOH . ? B HOH 1004 ? 1_655 SR ? E SR . ? A SR 101 ? 1_555 O     ? I HOH . ? C HOH 1045 ? 2_657 150.2 ? 
65 O     ? H HOH . ? B HOH 1004 ? 2_556 SR ? E SR . ? A SR 101 ? 1_555 O     ? I HOH . ? C HOH 1045 ? 2_657 86.0  ? 
66 O     ? I HOH . ? C HOH 1045 ? 1_554 SR ? E SR . ? A SR 101 ? 1_555 O     ? I HOH . ? C HOH 1045 ? 2_657 85.7  ? 
67 O     ? H HOH . ? B HOH 1025 ? 1_555 NA ? F NA . ? A NA 102 ? 1_555 O     ? H HOH . ? B HOH 1056 ? 1_555 61.4  ? 
68 O     ? H HOH . ? B HOH 1025 ? 1_555 NA ? F NA . ? A NA 102 ? 1_555 O     ? H HOH . ? B HOH 1056 ? 2_556 134.9 ? 
69 O     ? H HOH . ? B HOH 1056 ? 1_555 NA ? F NA . ? A NA 102 ? 1_555 O     ? H HOH . ? B HOH 1056 ? 2_556 132.8 ? 
70 O     ? H HOH . ? B HOH 1025 ? 1_555 NA ? F NA . ? A NA 102 ? 1_555 O     ? H HOH . ? B HOH 1063 ? 1_555 128.5 ? 
71 O     ? H HOH . ? B HOH 1056 ? 1_555 NA ? F NA . ? A NA 102 ? 1_555 O     ? H HOH . ? B HOH 1063 ? 1_555 69.2  ? 
72 O     ? H HOH . ? B HOH 1056 ? 2_556 NA ? F NA . ? A NA 102 ? 1_555 O     ? H HOH . ? B HOH 1063 ? 1_555 72.9  ? 
73 O     ? H HOH . ? B HOH 1025 ? 1_555 NA ? F NA . ? A NA 102 ? 1_555 O     ? H HOH . ? B HOH 1063 ? 2_556 80.6  ? 
74 O     ? H HOH . ? B HOH 1056 ? 1_555 NA ? F NA . ? A NA 102 ? 1_555 O     ? H HOH . ? B HOH 1063 ? 2_556 72.9  ? 
75 O     ? H HOH . ? B HOH 1056 ? 2_556 NA ? F NA . ? A NA 102 ? 1_555 O     ? H HOH . ? B HOH 1063 ? 2_556 69.2  ? 
76 O     ? H HOH . ? B HOH 1063 ? 1_555 NA ? F NA . ? A NA 102 ? 1_555 O     ? H HOH . ? B HOH 1063 ? 2_556 71.8  ? 
# 
loop_
_struct_site.id 
_struct_site.pdbx_evidence_code 
_struct_site.pdbx_auth_asym_id 
_struct_site.pdbx_auth_comp_id 
_struct_site.pdbx_auth_seq_id 
_struct_site.pdbx_auth_ins_code 
_struct_site.pdbx_num_residues 
_struct_site.details 
AC1 Software A SR 101 ? 10 'BINDING SITE FOR RESIDUE SR A 101' 
AC2 Software A NA 102 ? 8  'BINDING SITE FOR RESIDUE NA A 102' 
# 
loop_
_struct_site_gen.id 
_struct_site_gen.site_id 
_struct_site_gen.pdbx_num_res 
_struct_site_gen.label_comp_id 
_struct_site_gen.label_asym_id 
_struct_site_gen.label_seq_id 
_struct_site_gen.pdbx_auth_ins_code 
_struct_site_gen.auth_comp_id 
_struct_site_gen.auth_asym_id 
_struct_site_gen.auth_seq_id 
_struct_site_gen.label_atom_id 
_struct_site_gen.label_alt_id 
_struct_site_gen.symmetry 
_struct_site_gen.details 
1  AC1 10 C   A 7 ? C   A 7    . ? 1_555 ? 
2  AC1 10 C   A 7 ? C   A 7    . ? 2_656 ? 
3  AC1 10 A   B 7 ? A   B 14   . ? 2_556 ? 
4  AC1 10 A   B 7 ? A   B 14   . ? 1_655 ? 
5  AC1 10 HOH H . ? HOH B 1004 . ? 2_556 ? 
6  AC1 10 HOH H . ? HOH B 1004 . ? 1_655 ? 
7  AC1 10 HOH H . ? HOH B 1081 . ? 2_556 ? 
8  AC1 10 HOH H . ? HOH B 1081 . ? 1_655 ? 
9  AC1 10 HOH I . ? HOH C 1045 . ? 2_657 ? 
10 AC1 10 HOH I . ? HOH C 1045 . ? 1_554 ? 
11 AC2 8  HOH H . ? HOH B 1025 . ? 1_555 ? 
12 AC2 8  HOH H . ? HOH B 1025 . ? 2_556 ? 
13 AC2 8  HOH H . ? HOH B 1056 . ? 2_556 ? 
14 AC2 8  HOH H . ? HOH B 1056 . ? 1_555 ? 
15 AC2 8  HOH H . ? HOH B 1063 . ? 1_555 ? 
16 AC2 8  HOH H . ? HOH B 1063 . ? 2_556 ? 
17 AC2 8  HOH H . ? HOH B 1084 . ? 2_556 ? 
18 AC2 8  HOH H . ? HOH B 1084 . ? 1_555 ? 
# 
loop_
_pdbx_validate_rmsd_angle.id 
_pdbx_validate_rmsd_angle.PDB_model_num 
_pdbx_validate_rmsd_angle.auth_atom_id_1 
_pdbx_validate_rmsd_angle.auth_asym_id_1 
_pdbx_validate_rmsd_angle.auth_comp_id_1 
_pdbx_validate_rmsd_angle.auth_seq_id_1 
_pdbx_validate_rmsd_angle.PDB_ins_code_1 
_pdbx_validate_rmsd_angle.label_alt_id_1 
_pdbx_validate_rmsd_angle.auth_atom_id_2 
_pdbx_validate_rmsd_angle.auth_asym_id_2 
_pdbx_validate_rmsd_angle.auth_comp_id_2 
_pdbx_validate_rmsd_angle.auth_seq_id_2 
_pdbx_validate_rmsd_angle.PDB_ins_code_2 
_pdbx_validate_rmsd_angle.label_alt_id_2 
_pdbx_validate_rmsd_angle.auth_atom_id_3 
_pdbx_validate_rmsd_angle.auth_asym_id_3 
_pdbx_validate_rmsd_angle.auth_comp_id_3 
_pdbx_validate_rmsd_angle.auth_seq_id_3 
_pdbx_validate_rmsd_angle.PDB_ins_code_3 
_pdbx_validate_rmsd_angle.label_alt_id_3 
_pdbx_validate_rmsd_angle.angle_value 
_pdbx_validate_rmsd_angle.angle_target_value 
_pdbx_validate_rmsd_angle.angle_deviation 
_pdbx_validate_rmsd_angle.angle_standard_deviation 
_pdbx_validate_rmsd_angle.linker_flag 
1 1 N1    A G 3  ? ? C6    A G 3  ? ? O6    A G 3  ? ? 124.53 119.90 4.63  0.60 N 
2 1 C5    A G 3  ? ? C6    A G 3  ? ? O6    A G 3  ? ? 124.31 128.60 -4.29 0.60 N 
3 1 "O5'" A C 4  ? ? "C5'" A C 4  ? ? "C4'" A C 4  ? ? 104.01 109.40 -5.39 0.80 N 
4 1 "C3'" B G 8  ? ? "O3'" B G 8  ? ? P     B G 9  ? ? 127.37 119.70 7.67  1.20 Y 
5 1 "C3'" B G 10 ? ? "O3'" B G 10 ? ? P     B G 11 ? ? 127.65 119.70 7.95  1.20 Y 
6 1 C4    C G 3  ? ? C5    C G 3  ? ? N7    C G 3  ? ? 108.12 110.80 -2.68 0.40 N 
7 1 N9    C G 3  ? ? C4    C G 3  ? ? C5    C G 3  ? ? 108.23 105.40 2.83  0.40 N 
8 1 C5    C G 3  ? ? C6    C G 3  ? ? O6    C G 3  ? ? 133.21 128.60 4.61  0.60 N 
# 
loop_
_pdbx_struct_special_symmetry.id 
_pdbx_struct_special_symmetry.PDB_model_num 
_pdbx_struct_special_symmetry.auth_asym_id 
_pdbx_struct_special_symmetry.auth_comp_id 
_pdbx_struct_special_symmetry.auth_seq_id 
_pdbx_struct_special_symmetry.PDB_ins_code 
_pdbx_struct_special_symmetry.label_asym_id 
_pdbx_struct_special_symmetry.label_comp_id 
_pdbx_struct_special_symmetry.label_seq_id 
1 1 A SR  101  ? E SR  . 
2 1 A NA  102  ? F NA  . 
3 1 B HOH 1081 ? H HOH . 
# 
loop_
_chem_comp_atom.comp_id 
_chem_comp_atom.atom_id 
_chem_comp_atom.type_symbol 
_chem_comp_atom.pdbx_aromatic_flag 
_chem_comp_atom.pdbx_stereo_config 
_chem_comp_atom.pdbx_ordinal 
A   OP3    O  N N 1   
A   P      P  N N 2   
A   OP1    O  N N 3   
A   OP2    O  N N 4   
A   "O5'"  O  N N 5   
A   "C5'"  C  N N 6   
A   "C4'"  C  N R 7   
A   "O4'"  O  N N 8   
A   "C3'"  C  N S 9   
A   "O3'"  O  N N 10  
A   "C2'"  C  N R 11  
A   "O2'"  O  N N 12  
A   "C1'"  C  N R 13  
A   N9     N  Y N 14  
A   C8     C  Y N 15  
A   N7     N  Y N 16  
A   C5     C  Y N 17  
A   C6     C  Y N 18  
A   N6     N  N N 19  
A   N1     N  Y N 20  
A   C2     C  Y N 21  
A   N3     N  Y N 22  
A   C4     C  Y N 23  
A   HOP3   H  N N 24  
A   HOP2   H  N N 25  
A   "H5'"  H  N N 26  
A   "H5''" H  N N 27  
A   "H4'"  H  N N 28  
A   "H3'"  H  N N 29  
A   "HO3'" H  N N 30  
A   "H2'"  H  N N 31  
A   "HO2'" H  N N 32  
A   "H1'"  H  N N 33  
A   H8     H  N N 34  
A   H61    H  N N 35  
A   H62    H  N N 36  
A   H2     H  N N 37  
C   OP3    O  N N 38  
C   P      P  N N 39  
C   OP1    O  N N 40  
C   OP2    O  N N 41  
C   "O5'"  O  N N 42  
C   "C5'"  C  N N 43  
C   "C4'"  C  N R 44  
C   "O4'"  O  N N 45  
C   "C3'"  C  N S 46  
C   "O3'"  O  N N 47  
C   "C2'"  C  N R 48  
C   "O2'"  O  N N 49  
C   "C1'"  C  N R 50  
C   N1     N  N N 51  
C   C2     C  N N 52  
C   O2     O  N N 53  
C   N3     N  N N 54  
C   C4     C  N N 55  
C   N4     N  N N 56  
C   C5     C  N N 57  
C   C6     C  N N 58  
C   HOP3   H  N N 59  
C   HOP2   H  N N 60  
C   "H5'"  H  N N 61  
C   "H5''" H  N N 62  
C   "H4'"  H  N N 63  
C   "H3'"  H  N N 64  
C   "HO3'" H  N N 65  
C   "H2'"  H  N N 66  
C   "HO2'" H  N N 67  
C   "H1'"  H  N N 68  
C   H41    H  N N 69  
C   H42    H  N N 70  
C   H5     H  N N 71  
C   H6     H  N N 72  
G   OP3    O  N N 73  
G   P      P  N N 74  
G   OP1    O  N N 75  
G   OP2    O  N N 76  
G   "O5'"  O  N N 77  
G   "C5'"  C  N N 78  
G   "C4'"  C  N R 79  
G   "O4'"  O  N N 80  
G   "C3'"  C  N S 81  
G   "O3'"  O  N N 82  
G   "C2'"  C  N R 83  
G   "O2'"  O  N N 84  
G   "C1'"  C  N R 85  
G   N9     N  Y N 86  
G   C8     C  Y N 87  
G   N7     N  Y N 88  
G   C5     C  Y N 89  
G   C6     C  N N 90  
G   O6     O  N N 91  
G   N1     N  N N 92  
G   C2     C  N N 93  
G   N2     N  N N 94  
G   N3     N  N N 95  
G   C4     C  Y N 96  
G   HOP3   H  N N 97  
G   HOP2   H  N N 98  
G   "H5'"  H  N N 99  
G   "H5''" H  N N 100 
G   "H4'"  H  N N 101 
G   "H3'"  H  N N 102 
G   "HO3'" H  N N 103 
G   "H2'"  H  N N 104 
G   "HO2'" H  N N 105 
G   "H1'"  H  N N 106 
G   H8     H  N N 107 
G   H1     H  N N 108 
G   H21    H  N N 109 
G   H22    H  N N 110 
HOH O      O  N N 111 
HOH H1     H  N N 112 
HOH H2     H  N N 113 
NA  NA     NA N N 114 
SR  SR     SR N N 115 
U   OP3    O  N N 116 
U   P      P  N N 117 
U   OP1    O  N N 118 
U   OP2    O  N N 119 
U   "O5'"  O  N N 120 
U   "C5'"  C  N N 121 
U   "C4'"  C  N R 122 
U   "O4'"  O  N N 123 
U   "C3'"  C  N S 124 
U   "O3'"  O  N N 125 
U   "C2'"  C  N R 126 
U   "O2'"  O  N N 127 
U   "C1'"  C  N R 128 
U   N1     N  N N 129 
U   C2     C  N N 130 
U   O2     O  N N 131 
U   N3     N  N N 132 
U   C4     C  N N 133 
U   O4     O  N N 134 
U   C5     C  N N 135 
U   C6     C  N N 136 
U   HOP3   H  N N 137 
U   HOP2   H  N N 138 
U   "H5'"  H  N N 139 
U   "H5''" H  N N 140 
U   "H4'"  H  N N 141 
U   "H3'"  H  N N 142 
U   "HO3'" H  N N 143 
U   "H2'"  H  N N 144 
U   "HO2'" H  N N 145 
U   "H1'"  H  N N 146 
U   H3     H  N N 147 
U   H5     H  N N 148 
U   H6     H  N N 149 
# 
loop_
_chem_comp_bond.comp_id 
_chem_comp_bond.atom_id_1 
_chem_comp_bond.atom_id_2 
_chem_comp_bond.value_order 
_chem_comp_bond.pdbx_aromatic_flag 
_chem_comp_bond.pdbx_stereo_config 
_chem_comp_bond.pdbx_ordinal 
A   OP3   P      sing N N 1   
A   OP3   HOP3   sing N N 2   
A   P     OP1    doub N N 3   
A   P     OP2    sing N N 4   
A   P     "O5'"  sing N N 5   
A   OP2   HOP2   sing N N 6   
A   "O5'" "C5'"  sing N N 7   
A   "C5'" "C4'"  sing N N 8   
A   "C5'" "H5'"  sing N N 9   
A   "C5'" "H5''" sing N N 10  
A   "C4'" "O4'"  sing N N 11  
A   "C4'" "C3'"  sing N N 12  
A   "C4'" "H4'"  sing N N 13  
A   "O4'" "C1'"  sing N N 14  
A   "C3'" "O3'"  sing N N 15  
A   "C3'" "C2'"  sing N N 16  
A   "C3'" "H3'"  sing N N 17  
A   "O3'" "HO3'" sing N N 18  
A   "C2'" "O2'"  sing N N 19  
A   "C2'" "C1'"  sing N N 20  
A   "C2'" "H2'"  sing N N 21  
A   "O2'" "HO2'" sing N N 22  
A   "C1'" N9     sing N N 23  
A   "C1'" "H1'"  sing N N 24  
A   N9    C8     sing Y N 25  
A   N9    C4     sing Y N 26  
A   C8    N7     doub Y N 27  
A   C8    H8     sing N N 28  
A   N7    C5     sing Y N 29  
A   C5    C6     sing Y N 30  
A   C5    C4     doub Y N 31  
A   C6    N6     sing N N 32  
A   C6    N1     doub Y N 33  
A   N6    H61    sing N N 34  
A   N6    H62    sing N N 35  
A   N1    C2     sing Y N 36  
A   C2    N3     doub Y N 37  
A   C2    H2     sing N N 38  
A   N3    C4     sing Y N 39  
C   OP3   P      sing N N 40  
C   OP3   HOP3   sing N N 41  
C   P     OP1    doub N N 42  
C   P     OP2    sing N N 43  
C   P     "O5'"  sing N N 44  
C   OP2   HOP2   sing N N 45  
C   "O5'" "C5'"  sing N N 46  
C   "C5'" "C4'"  sing N N 47  
C   "C5'" "H5'"  sing N N 48  
C   "C5'" "H5''" sing N N 49  
C   "C4'" "O4'"  sing N N 50  
C   "C4'" "C3'"  sing N N 51  
C   "C4'" "H4'"  sing N N 52  
C   "O4'" "C1'"  sing N N 53  
C   "C3'" "O3'"  sing N N 54  
C   "C3'" "C2'"  sing N N 55  
C   "C3'" "H3'"  sing N N 56  
C   "O3'" "HO3'" sing N N 57  
C   "C2'" "O2'"  sing N N 58  
C   "C2'" "C1'"  sing N N 59  
C   "C2'" "H2'"  sing N N 60  
C   "O2'" "HO2'" sing N N 61  
C   "C1'" N1     sing N N 62  
C   "C1'" "H1'"  sing N N 63  
C   N1    C2     sing N N 64  
C   N1    C6     sing N N 65  
C   C2    O2     doub N N 66  
C   C2    N3     sing N N 67  
C   N3    C4     doub N N 68  
C   C4    N4     sing N N 69  
C   C4    C5     sing N N 70  
C   N4    H41    sing N N 71  
C   N4    H42    sing N N 72  
C   C5    C6     doub N N 73  
C   C5    H5     sing N N 74  
C   C6    H6     sing N N 75  
G   OP3   P      sing N N 76  
G   OP3   HOP3   sing N N 77  
G   P     OP1    doub N N 78  
G   P     OP2    sing N N 79  
G   P     "O5'"  sing N N 80  
G   OP2   HOP2   sing N N 81  
G   "O5'" "C5'"  sing N N 82  
G   "C5'" "C4'"  sing N N 83  
G   "C5'" "H5'"  sing N N 84  
G   "C5'" "H5''" sing N N 85  
G   "C4'" "O4'"  sing N N 86  
G   "C4'" "C3'"  sing N N 87  
G   "C4'" "H4'"  sing N N 88  
G   "O4'" "C1'"  sing N N 89  
G   "C3'" "O3'"  sing N N 90  
G   "C3'" "C2'"  sing N N 91  
G   "C3'" "H3'"  sing N N 92  
G   "O3'" "HO3'" sing N N 93  
G   "C2'" "O2'"  sing N N 94  
G   "C2'" "C1'"  sing N N 95  
G   "C2'" "H2'"  sing N N 96  
G   "O2'" "HO2'" sing N N 97  
G   "C1'" N9     sing N N 98  
G   "C1'" "H1'"  sing N N 99  
G   N9    C8     sing Y N 100 
G   N9    C4     sing Y N 101 
G   C8    N7     doub Y N 102 
G   C8    H8     sing N N 103 
G   N7    C5     sing Y N 104 
G   C5    C6     sing N N 105 
G   C5    C4     doub Y N 106 
G   C6    O6     doub N N 107 
G   C6    N1     sing N N 108 
G   N1    C2     sing N N 109 
G   N1    H1     sing N N 110 
G   C2    N2     sing N N 111 
G   C2    N3     doub N N 112 
G   N2    H21    sing N N 113 
G   N2    H22    sing N N 114 
G   N3    C4     sing N N 115 
HOH O     H1     sing N N 116 
HOH O     H2     sing N N 117 
U   OP3   P      sing N N 118 
U   OP3   HOP3   sing N N 119 
U   P     OP1    doub N N 120 
U   P     OP2    sing N N 121 
U   P     "O5'"  sing N N 122 
U   OP2   HOP2   sing N N 123 
U   "O5'" "C5'"  sing N N 124 
U   "C5'" "C4'"  sing N N 125 
U   "C5'" "H5'"  sing N N 126 
U   "C5'" "H5''" sing N N 127 
U   "C4'" "O4'"  sing N N 128 
U   "C4'" "C3'"  sing N N 129 
U   "C4'" "H4'"  sing N N 130 
U   "O4'" "C1'"  sing N N 131 
U   "C3'" "O3'"  sing N N 132 
U   "C3'" "C2'"  sing N N 133 
U   "C3'" "H3'"  sing N N 134 
U   "O3'" "HO3'" sing N N 135 
U   "C2'" "O2'"  sing N N 136 
U   "C2'" "C1'"  sing N N 137 
U   "C2'" "H2'"  sing N N 138 
U   "O2'" "HO2'" sing N N 139 
U   "C1'" N1     sing N N 140 
U   "C1'" "H1'"  sing N N 141 
U   N1    C2     sing N N 142 
U   N1    C6     sing N N 143 
U   C2    O2     doub N N 144 
U   C2    N3     sing N N 145 
U   N3    C4     sing N N 146 
U   N3    H3     sing N N 147 
U   C4    O4     doub N N 148 
U   C4    C5     sing N N 149 
U   C5    C6     doub N N 150 
U   C5    H5     sing N N 151 
U   C6    H6     sing N N 152 
# 
loop_
_ndb_struct_conf_na.entry_id 
_ndb_struct_conf_na.feature 
466D 'double helix'         
466D 'a-form double helix'  
466D 'mismatched base pair' 
# 
loop_
_ndb_struct_na_base_pair.model_number 
_ndb_struct_na_base_pair.i_label_asym_id 
_ndb_struct_na_base_pair.i_label_comp_id 
_ndb_struct_na_base_pair.i_label_seq_id 
_ndb_struct_na_base_pair.i_symmetry 
_ndb_struct_na_base_pair.j_label_asym_id 
_ndb_struct_na_base_pair.j_label_comp_id 
_ndb_struct_na_base_pair.j_label_seq_id 
_ndb_struct_na_base_pair.j_symmetry 
_ndb_struct_na_base_pair.shear 
_ndb_struct_na_base_pair.stretch 
_ndb_struct_na_base_pair.stagger 
_ndb_struct_na_base_pair.buckle 
_ndb_struct_na_base_pair.propeller 
_ndb_struct_na_base_pair.opening 
_ndb_struct_na_base_pair.pair_number 
_ndb_struct_na_base_pair.pair_name 
_ndb_struct_na_base_pair.i_auth_asym_id 
_ndb_struct_na_base_pair.i_auth_seq_id 
_ndb_struct_na_base_pair.i_PDB_ins_code 
_ndb_struct_na_base_pair.j_auth_asym_id 
_ndb_struct_na_base_pair.j_auth_seq_id 
_ndb_struct_na_base_pair.j_PDB_ins_code 
_ndb_struct_na_base_pair.hbond_type_28 
_ndb_struct_na_base_pair.hbond_type_12 
1 A U 1 1_555 B A 7 1_555 -0.135 -0.057 -0.214 1.186   -8.385  0.759  1  A_U1:A14_B A 1  ? B 14 ? 20 1 
1 A A 2 1_555 B U 6 1_555 0.002  -0.140 0.106  -0.563  -16.154 4.744  2  A_A2:U13_B A 2  ? B 13 ? 20 1 
1 A G 3 1_555 B C 5 1_555 -0.208 -0.219 -0.050 -0.149  -9.537  -2.741 3  A_G3:C12_B A 3  ? B 12 ? 19 1 
1 A C 4 1_555 B G 4 1_555 0.156  -0.078 -0.133 2.417   -8.487  1.506  4  A_C4:G11_B A 4  ? B 11 ? 19 1 
1 A U 5 1_555 B G 3 1_555 2.479  -0.504 0.008  5.858   -9.241  -2.311 5  A_U5:G10_B A 5  ? B 10 ? 28 ? 
1 A C 6 1_555 B G 2 1_555 0.191  -0.144 0.073  2.093   -6.653  -1.599 6  A_C6:G9_B  A 6  ? B 9  ? 19 1 
1 A C 7 1_555 B G 1 1_555 0.184  -0.094 -0.082 4.275   -0.367  -1.207 7  A_C7:G8_B  A 7  ? B 8  ? 19 1 
1 D G 1 1_555 C C 7 1_555 -0.307 -0.084 0.019  -1.997  -9.327  -0.686 8  D_G8:C7_C  D 8  ? C 7  ? 19 1 
1 D G 2 1_555 C C 6 1_555 -0.182 -0.078 0.152  -1.408  -16.515 1.526  9  D_G9:C6_C  D 9  ? C 6  ? 19 1 
1 D G 3 1_555 C U 5 1_555 -1.719 -0.423 -0.541 -13.219 -14.089 -0.617 10 D_G10:U5_C D 10 ? C 5  ? 28 1 
1 D G 4 1_555 C C 4 1_555 -0.216 -0.118 -0.028 0.871   -9.205  0.536  11 D_G11:C4_C D 11 ? C 4  ? 19 1 
1 D C 5 1_555 C G 3 1_555 0.163  0.049  0.068  -3.174  -15.155 5.371  12 D_C12:G3_C D 12 ? C 3  ? 19 1 
1 D U 6 1_555 C A 2 1_555 -0.088 -0.024 -0.092 -2.607  -9.211  3.082  13 D_U13:A2_C D 13 ? C 2  ? 20 1 
1 D A 7 1_555 C U 1 1_555 0.072  -0.063 0.221  4.965   -1.582  -2.412 14 D_A14:U1_C D 14 ? C 1  ? 20 1 
# 
loop_
_ndb_struct_na_base_pair_step.model_number 
_ndb_struct_na_base_pair_step.i_label_asym_id_1 
_ndb_struct_na_base_pair_step.i_label_comp_id_1 
_ndb_struct_na_base_pair_step.i_label_seq_id_1 
_ndb_struct_na_base_pair_step.i_symmetry_1 
_ndb_struct_na_base_pair_step.j_label_asym_id_1 
_ndb_struct_na_base_pair_step.j_label_comp_id_1 
_ndb_struct_na_base_pair_step.j_label_seq_id_1 
_ndb_struct_na_base_pair_step.j_symmetry_1 
_ndb_struct_na_base_pair_step.i_label_asym_id_2 
_ndb_struct_na_base_pair_step.i_label_comp_id_2 
_ndb_struct_na_base_pair_step.i_label_seq_id_2 
_ndb_struct_na_base_pair_step.i_symmetry_2 
_ndb_struct_na_base_pair_step.j_label_asym_id_2 
_ndb_struct_na_base_pair_step.j_label_comp_id_2 
_ndb_struct_na_base_pair_step.j_label_seq_id_2 
_ndb_struct_na_base_pair_step.j_symmetry_2 
_ndb_struct_na_base_pair_step.shift 
_ndb_struct_na_base_pair_step.slide 
_ndb_struct_na_base_pair_step.rise 
_ndb_struct_na_base_pair_step.tilt 
_ndb_struct_na_base_pair_step.roll 
_ndb_struct_na_base_pair_step.twist 
_ndb_struct_na_base_pair_step.x_displacement 
_ndb_struct_na_base_pair_step.y_displacement 
_ndb_struct_na_base_pair_step.helical_rise 
_ndb_struct_na_base_pair_step.inclination 
_ndb_struct_na_base_pair_step.tip 
_ndb_struct_na_base_pair_step.helical_twist 
_ndb_struct_na_base_pair_step.step_number 
_ndb_struct_na_base_pair_step.step_name 
_ndb_struct_na_base_pair_step.i_auth_asym_id_1 
_ndb_struct_na_base_pair_step.i_auth_seq_id_1 
_ndb_struct_na_base_pair_step.i_PDB_ins_code_1 
_ndb_struct_na_base_pair_step.j_auth_asym_id_1 
_ndb_struct_na_base_pair_step.j_auth_seq_id_1 
_ndb_struct_na_base_pair_step.j_PDB_ins_code_1 
_ndb_struct_na_base_pair_step.i_auth_asym_id_2 
_ndb_struct_na_base_pair_step.i_auth_seq_id_2 
_ndb_struct_na_base_pair_step.i_PDB_ins_code_2 
_ndb_struct_na_base_pair_step.j_auth_asym_id_2 
_ndb_struct_na_base_pair_step.j_auth_seq_id_2 
_ndb_struct_na_base_pair_step.j_PDB_ins_code_2 
1 A U 1 1_555 B A 7 1_555 A A 2 1_555 B U 6 1_555 0.400  -1.384 3.374 0.180  5.806  35.524  -3.066 -0.621 3.118 9.438   -0.293 
35.981  1  AA_U1A2:U13A14_BB A 1  ? B 14 ? A 2  ? B 13 ? 
1 A A 2 1_555 B U 6 1_555 A G 3 1_555 B C 5 1_555 -0.977 -1.414 3.196 -2.790 7.585  29.656  -4.068 1.331  2.834 14.484  5.327  
30.714  2  AA_A2G3:C12U13_BB A 2  ? B 13 ? A 3  ? B 12 ? 
1 A G 3 1_555 B C 5 1_555 A C 4 1_555 B G 4 1_555 0.401  -1.382 3.276 -0.143 9.146  34.234  -3.550 -0.679 2.823 15.203  0.238  
35.399  3  AA_G3C4:G11C12_BB A 3  ? B 12 ? A 4  ? B 11 ? 
1 A C 4 1_555 B G 4 1_555 A U 5 1_555 B G 3 1_555 0.052  -1.444 3.259 1.350  5.801  38.220  -2.869 0.081  3.016 8.795   -2.046 
38.664  4  AA_C4U5:G10G11_BB A 4  ? B 11 ? A 5  ? B 10 ? 
1 A U 5 1_555 B G 3 1_555 A C 6 1_555 B G 2 1_555 -0.002 -1.940 3.069 2.882  8.784  27.063  -5.624 0.559  2.325 18.113  -5.943 
28.570  5  AA_U5C6:G9G10_BB  A 5  ? B 10 ? A 6  ? B 9  ? 
1 A C 6 1_555 B G 2 1_555 A C 7 1_555 B G 1 1_555 0.220  -1.913 3.220 2.195  5.620  29.572  -4.744 -0.006 2.825 10.869  -4.244 
30.168  6  AA_C6C7:G8G9_BB   A 6  ? B 9  ? A 7  ? B 8  ? 
1 A C 7 1_555 B G 1 1_555 D G 1 1_555 C C 7 1_555 0.179  -3.617 3.329 -0.849 4.331  -16.974 8.820  -0.010 4.119 -14.361 -2.813 
-17.534 7  AD_C7G8:C7G8_CB   A 7  ? B 8  ? D 8  ? C 7  ? 
1 D G 1 1_555 C C 7 1_555 D G 2 1_555 C C 6 1_555 -0.045 -1.703 3.241 -4.178 2.304  34.374  -3.200 -0.550 3.108 3.876   7.028  
34.693  8  DD_G8G9:C6C7_CC   D 8  ? C 7  ? D 9  ? C 6  ? 
1 D G 2 1_555 C C 6 1_555 D G 3 1_555 C U 5 1_555 -0.080 -2.017 3.456 2.396  12.538 26.091  -6.576 0.647  2.253 25.893  -4.947 
28.997  9  DD_G9G10:U5C6_CC  D 9  ? C 6  ? D 10 ? C 5  ? 
1 D G 3 1_555 C U 5 1_555 D G 4 1_555 C C 4 1_555 0.339  -1.507 2.963 -1.715 5.002  36.337  -2.990 -0.742 2.720 7.968   2.732  
36.707  10 DD_G10G11:C4U5_CC D 10 ? C 5  ? D 11 ? C 4  ? 
1 D G 4 1_555 C C 4 1_555 D C 5 1_555 C G 3 1_555 1.049  -1.376 3.424 2.103  5.322  31.858  -3.431 -1.502 3.219 9.598   -3.794 
32.355  11 DD_G11C12:G3C4_CC D 11 ? C 4  ? D 12 ? C 3  ? 
1 D C 5 1_555 C G 3 1_555 D U 6 1_555 C A 2 1_555 -0.961 -1.601 3.107 -0.672 10.988 28.942  -4.848 1.689  2.376 21.049  1.287  
30.923  12 DD_C12U13:A2G3_CC D 12 ? C 3  ? D 13 ? C 2  ? 
1 D U 6 1_555 C A 2 1_555 D A 7 1_555 C U 1 1_555 0.009  -1.184 3.175 -1.230 9.038  30.176  -3.733 -0.229 2.713 16.881  2.297  
31.494  13 DD_U13A14:U1A2_CC D 13 ? C 2  ? D 14 ? C 1  ? 
# 
_atom_sites.entry_id                    466D 
_atom_sites.fract_transf_matrix[1][1]   0.01613218 
_atom_sites.fract_transf_matrix[1][2]   -0.02452239 
_atom_sites.fract_transf_matrix[1][3]   0.01016292 
_atom_sites.fract_transf_matrix[2][1]   -0.00780821 
_atom_sites.fract_transf_matrix[2][2]   0.00287193 
_atom_sites.fract_transf_matrix[2][3]   0.01932417 
_atom_sites.fract_transf_matrix[3][1]   -0.02520327 
_atom_sites.fract_transf_matrix[3][2]   -0.02919064 
_atom_sites.fract_transf_matrix[3][3]   -0.00584548 
_atom_sites.fract_transf_vector[1]      0.240710 
_atom_sites.fract_transf_vector[2]      0.344297 
_atom_sites.fract_transf_vector[3]      0.733529 
# 
loop_
_atom_type.symbol 
C  
N  
NA 
O  
P  
SR 
# 
loop_
_atom_site.group_PDB 
_atom_site.id 
_atom_site.type_symbol 
_atom_site.label_atom_id 
_atom_site.label_alt_id 
_atom_site.label_comp_id 
_atom_site.label_asym_id 
_atom_site.label_entity_id 
_atom_site.label_seq_id 
_atom_site.pdbx_PDB_ins_code 
_atom_site.Cartn_x 
_atom_site.Cartn_y 
_atom_site.Cartn_z 
_atom_site.occupancy 
_atom_site.B_iso_or_equiv 
_atom_site.pdbx_formal_charge 
_atom_site.auth_seq_id 
_atom_site.auth_comp_id 
_atom_site.auth_asym_id 
_atom_site.auth_atom_id 
_atom_site.pdbx_PDB_model_num 
ATOM   1   O  "O5'" . U   A 1 1 ? -5.331  14.004  1.960   0.50 22.10 ? 1    U   A "O5'" 1 
ATOM   2   C  "C5'" . U   A 1 1 ? -6.736  14.004  2.324   0.50 20.01 ? 1    U   A "C5'" 1 
ATOM   3   C  "C4'" . U   A 1 1 ? -7.534  14.112  1.012   0.50 16.70 ? 1    U   A "C4'" 1 
ATOM   4   O  "O4'" . U   A 1 1 ? -7.153  15.339  0.335   0.50 16.51 ? 1    U   A "O4'" 1 
ATOM   5   C  "C3'" . U   A 1 1 ? -7.295  13.056  0.000   0.50 16.35 ? 1    U   A "C3'" 1 
ATOM   6   O  "O3'" . U   A 1 1 ? -8.117  11.910  0.323   0.50 16.02 ? 1    U   A "O3'" 1 
ATOM   7   C  "C2'" . U   A 1 1 ? -7.695  13.695  -1.269  0.50 14.38 ? 1    U   A "C2'" 1 
ATOM   8   O  "O2'" . U   A 1 1 ? -9.091  13.618  -1.461  0.50 18.67 ? 1    U   A "O2'" 1 
ATOM   9   C  "C1'" . U   A 1 1 ? -7.248  15.133  -1.058  0.50 17.05 ? 1    U   A "C1'" 1 
ATOM   10  N  N1    . U   A 1 1 ? -5.940  15.389  -1.669  0.50 14.30 ? 1    U   A N1    1 
ATOM   11  C  C2    . U   A 1 1 ? -5.933  15.557  -3.044  0.50 11.58 ? 1    U   A C2    1 
ATOM   12  O  O2    . U   A 1 1 ? -6.933  15.500  -3.732  0.50 17.34 ? 1    U   A O2    1 
ATOM   13  N  N3    . U   A 1 1 ? -4.715  15.798  -3.621  0.50 12.78 ? 1    U   A N3    1 
ATOM   14  C  C4    . U   A 1 1 ? -3.526  15.876  -2.919  0.50 11.10 ? 1    U   A C4    1 
ATOM   15  O  O4    . U   A 1 1 ? -2.492  16.096  -3.537  0.50 16.30 ? 1    U   A O4    1 
ATOM   16  C  C5    . U   A 1 1 ? -3.610  15.695  -1.504  0.50 14.15 ? 1    U   A C5    1 
ATOM   17  C  C6    . U   A 1 1 ? -4.792  15.458  -0.919  0.50 14.85 ? 1    U   A C6    1 
ATOM   18  P  P     . A   A 1 2 ? -7.769  10.540  -0.352  0.50 18.51 ? 2    A   A P     1 
ATOM   19  O  OP1   . A   A 1 2 ? -8.791  9.574   0.094   0.50 19.92 ? 2    A   A OP1   1 
ATOM   20  O  OP2   . A   A 1 2 ? -6.323  10.296  -0.136  0.50 18.92 ? 2    A   A OP2   1 
ATOM   21  O  "O5'" . A   A 1 2 ? -7.976  10.780  -1.896  0.50 18.33 ? 2    A   A "O5'" 1 
ATOM   22  C  "C5'" . A   A 1 2 ? -9.249  10.531  -2.546  0.50 16.29 ? 2    A   A "C5'" 1 
ATOM   23  C  "C4'" . A   A 1 2 ? -8.981  10.620  -4.051  0.50 15.43 ? 2    A   A "C4'" 1 
ATOM   24  O  "O4'" . A   A 1 2 ? -8.353  11.913  -4.320  0.50 18.16 ? 2    A   A "O4'" 1 
ATOM   25  C  "C3'" . A   A 1 2 ? -8.020  9.665   -4.677  0.50 16.46 ? 2    A   A "C3'" 1 
ATOM   26  O  "O3'" . A   A 1 2 ? -8.617  8.369   -4.774  0.50 17.18 ? 2    A   A "O3'" 1 
ATOM   27  C  "C2'" . A   A 1 2 ? -7.820  10.343  -5.979  0.50 17.23 ? 2    A   A "C2'" 1 
ATOM   28  O  "O2'" . A   A 1 2 ? -8.954  10.317  -6.803  0.50 18.56 ? 2    A   A "O2'" 1 
ATOM   29  C  "C1'" . A   A 1 2 ? -7.551  11.758  -5.473  0.50 16.68 ? 2    A   A "C1'" 1 
ATOM   30  N  N9    . A   A 1 2 ? -6.165  11.974  -5.099  0.50 14.54 ? 2    A   A N9    1 
ATOM   31  C  C8    . A   A 1 2 ? -5.552  11.907  -3.875  0.50 15.16 ? 2    A   A C8    1 
ATOM   32  N  N7    . A   A 1 2 ? -4.265  12.176  -3.943  0.50 15.68 ? 2    A   A N7    1 
ATOM   33  C  C5    . A   A 1 2 ? -4.023  12.433  -5.287  0.50 13.95 ? 2    A   A C5    1 
ATOM   34  C  C6    . A   A 1 2 ? -2.872  12.776  -6.021  0.50 14.09 ? 2    A   A C6    1 
ATOM   35  N  N6    . A   A 1 2 ? -1.654  12.939  -5.506  0.50 17.79 ? 2    A   A N6    1 
ATOM   36  N  N1    . A   A 1 2 ? -3.028  12.951  -7.353  0.50 14.43 ? 2    A   A N1    1 
ATOM   37  C  C2    . A   A 1 2 ? -4.227  12.800  -7.925  0.50 12.27 ? 2    A   A C2    1 
ATOM   38  N  N3    . A   A 1 2 ? -5.375  12.480  -7.335  0.50 13.87 ? 2    A   A N3    1 
ATOM   39  C  C4    . A   A 1 2 ? -5.187  12.313  -6.015  0.50 13.62 ? 2    A   A C4    1 
ATOM   40  P  P     . G   A 1 3 ? -7.730  7.083   -4.848  0.50 18.03 ? 3    G   A P     1 
ATOM   41  O  OP1   . G   A 1 3 ? -8.645  5.918   -4.652  0.50 15.05 ? 3    G   A OP1   1 
ATOM   42  O  OP2   . G   A 1 3 ? -6.501  7.228   -4.057  0.50 19.06 ? 3    G   A OP2   1 
ATOM   43  O  "O5'" . G   A 1 3 ? -7.294  7.017   -6.370  0.50 20.16 ? 3    G   A "O5'" 1 
ATOM   44  C  "C5'" . G   A 1 3 ? -8.403  7.202   -7.297  0.50 21.71 ? 3    G   A "C5'" 1 
ATOM   45  C  "C4'" . G   A 1 3 ? -7.772  7.316   -8.692  0.50 21.35 ? 3    G   A "C4'" 1 
ATOM   46  O  "O4'" . G   A 1 3 ? -7.273  8.675   -8.881  0.50 18.61 ? 3    G   A "O4'" 1 
ATOM   47  C  "C3'" . G   A 1 3 ? -6.579  6.468   -8.974  0.50 19.04 ? 3    G   A "C3'" 1 
ATOM   48  O  "O3'" . G   A 1 3 ? -7.017  5.119   -9.227  0.50 21.37 ? 3    G   A "O3'" 1 
ATOM   49  C  "C2'" . G   A 1 3 ? -6.016  7.163   -10.153 0.50 18.58 ? 3    G   A "C2'" 1 
ATOM   50  O  "O2'" . G   A 1 3 ? -6.803  7.025   -11.307 0.50 20.46 ? 3    G   A "O2'" 1 
ATOM   51  C  "C1'" . G   A 1 3 ? -6.074  8.586   -9.632  0.50 15.54 ? 3    G   A "C1'" 1 
ATOM   52  N  N9    . G   A 1 3 ? -4.984  8.930   -8.733  0.50 13.70 ? 3    G   A N9    1 
ATOM   53  C  C8    . G   A 1 3 ? -5.004  8.929   -7.361  0.50 15.68 ? 3    G   A C8    1 
ATOM   54  N  N7    . G   A 1 3 ? -3.865  9.288   -6.832  0.50 13.43 ? 3    G   A N7    1 
ATOM   55  C  C5    . G   A 1 3 ? -3.061  9.537   -7.931  0.50 12.55 ? 3    G   A C5    1 
ATOM   56  C  C6    . G   A 1 3 ? -1.706  9.961   -7.997  0.50 13.39 ? 3    G   A C6    1 
ATOM   57  O  O6    . G   A 1 3 ? -0.997  10.186  -7.009  0.50 15.59 ? 3    G   A O6    1 
ATOM   58  N  N1    . G   A 1 3 ? -1.285  10.088  -9.312  0.50 13.35 ? 3    G   A N1    1 
ATOM   59  C  C2    . G   A 1 3 ? -2.041  9.848   -10.433 0.50 15.67 ? 3    G   A C2    1 
ATOM   60  N  N2    . G   A 1 3 ? -1.425  10.036  -11.609 0.50 12.65 ? 3    G   A N2    1 
ATOM   61  N  N3    . G   A 1 3 ? -3.304  9.452   -10.390 0.50 14.28 ? 3    G   A N3    1 
ATOM   62  C  C4    . G   A 1 3 ? -3.725  9.325   -9.113  0.50 13.09 ? 3    G   A C4    1 
ATOM   63  P  P     . C   A 1 4 ? -6.010  3.896   -9.104  0.50 23.47 ? 4    C   A P     1 
ATOM   64  O  OP1   . C   A 1 4 ? -6.760  2.725   -9.614  0.50 20.84 ? 4    C   A OP1   1 
ATOM   65  O  OP2   . C   A 1 4 ? -5.451  3.908   -7.743  0.50 29.77 ? 4    C   A OP2   1 
ATOM   66  O  "O5'" . C   A 1 4 ? -4.863  4.218   -10.122 0.50 20.14 ? 4    C   A "O5'" 1 
ATOM   67  C  "C5'" . C   A 1 4 ? -5.118  4.063   -11.554 0.50 15.43 ? 4    C   A "C5'" 1 
ATOM   68  C  "C4'" . C   A 1 4 ? -3.727  4.236   -12.202 0.50 15.87 ? 4    C   A "C4'" 1 
ATOM   69  O  "O4'" . C   A 1 4 ? -3.318  5.625   -12.031 0.50 12.89 ? 4    C   A "O4'" 1 
ATOM   70  C  "C3'" . C   A 1 4 ? -2.611  3.446   -11.624 0.50 13.27 ? 4    C   A "C3'" 1 
ATOM   71  O  "O3'" . C   A 1 4 ? -2.660  2.121   -12.181 0.50 14.98 ? 4    C   A "O3'" 1 
ATOM   72  C  "C2'" . C   A 1 4 ? -1.436  4.229   -12.060 0.50 13.90 ? 4    C   A "C2'" 1 
ATOM   73  O  "O2'" . C   A 1 4 ? -1.167  4.059   -13.431 0.50 15.08 ? 4    C   A "O2'" 1 
ATOM   74  C  "C1'" . C   A 1 4 ? -1.939  5.633   -11.735 0.50 13.78 ? 4    C   A "C1'" 1 
ATOM   75  N  N1    . C   A 1 4 ? -1.729  5.989   -10.322 0.50 13.43 ? 4    C   A N1    1 
ATOM   76  C  C2    . C   A 1 4 ? -0.456  6.530   -10.051 0.50 10.34 ? 4    C   A C2    1 
ATOM   77  O  O2    . C   A 1 4 ? 0.302   6.631   -11.016 0.50 13.20 ? 4    C   A O2    1 
ATOM   78  N  N3    . C   A 1 4 ? -0.156  6.888   -8.784  0.50 9.77  ? 4    C   A N3    1 
ATOM   79  C  C4    . C   A 1 4 ? -1.039  6.741   -7.797  0.50 10.00 ? 4    C   A C4    1 
ATOM   80  N  N4    . C   A 1 4 ? -0.676  7.121   -6.557  0.50 11.29 ? 4    C   A N4    1 
ATOM   81  C  C5    . C   A 1 4 ? -2.340  6.197   -8.041  0.50 10.66 ? 4    C   A C5    1 
ATOM   82  C  C6    . C   A 1 4 ? -2.630  5.842   -9.304  0.50 12.94 ? 4    C   A C6    1 
ATOM   83  P  P     . U   A 1 5 ? -2.263  0.851   -11.346 0.50 11.36 ? 5    U   A P     1 
ATOM   84  O  OP1   . U   A 1 5 ? -2.660  -0.349  -12.122 0.50 12.30 ? 5    U   A OP1   1 
ATOM   85  O  OP2   . U   A 1 5 ? -2.788  1.011   -9.952  0.50 12.55 ? 5    U   A OP2   1 
ATOM   86  O  "O5'" . U   A 1 5 ? -0.679  0.895   -11.267 0.50 12.25 ? 5    U   A "O5'" 1 
ATOM   87  C  "C5'" . U   A 1 5 ? 0.150   1.038   -12.434 0.50 12.74 ? 5    U   A "C5'" 1 
ATOM   88  C  "C4'" . U   A 1 5 ? 1.518   1.610   -12.038 0.50 11.05 ? 5    U   A "C4'" 1 
ATOM   89  O  "O4'" . U   A 1 5 ? 1.322   2.937   -11.467 0.50 12.26 ? 5    U   A "O4'" 1 
ATOM   90  C  "C3'" . U   A 1 5 ? 2.312   0.927   -10.977 0.50 10.61 ? 5    U   A "C3'" 1 
ATOM   91  O  "O3'" . U   A 1 5 ? 2.910   -0.249  -11.553 0.50 9.96  ? 5    U   A "O3'" 1 
ATOM   92  C  "C2'" . U   A 1 5 ? 3.289   1.977   -10.598 0.50 11.05 ? 5    U   A "C2'" 1 
ATOM   93  O  "O2'" . U   A 1 5 ? 4.303   2.141   -11.550 0.50 13.39 ? 5    U   A "O2'" 1 
ATOM   94  C  "C1'" . U   A 1 5 ? 2.373   3.194   -10.560 0.50 10.98 ? 5    U   A "C1'" 1 
ATOM   95  N  N1    . U   A 1 5 ? 1.761   3.437   -9.250  0.50 11.16 ? 5    U   A N1    1 
ATOM   96  C  C2    . U   A 1 5 ? 2.516   4.090   -8.301  0.50 10.14 ? 5    U   A C2    1 
ATOM   97  O  O2    . U   A 1 5 ? 3.648   4.458   -8.525  0.50 11.00 ? 5    U   A O2    1 
ATOM   98  N  N3    . U   A 1 5 ? 1.885   4.297   -7.094  0.50 10.74 ? 5    U   A N3    1 
ATOM   99  C  C4    . U   A 1 5 ? 0.604   3.911   -6.770  0.50 11.68 ? 5    U   A C4    1 
ATOM   100 O  O4    . U   A 1 5 ? 0.194   4.168   -5.637  0.50 14.87 ? 5    U   A O4    1 
ATOM   101 C  C5    . U   A 1 5 ? -0.103  3.235   -7.810  0.50 10.93 ? 5    U   A C5    1 
ATOM   102 C  C6    . U   A 1 5 ? 0.471   3.029   -8.995  0.50 12.57 ? 5    U   A C6    1 
ATOM   103 P  P     . C   A 1 6 ? 3.371   -1.469  -10.676 0.50 10.27 ? 6    C   A P     1 
ATOM   104 O  OP1   . C   A 1 6 ? 3.697   -2.560  -11.635 0.50 9.69  ? 6    C   A OP1   1 
ATOM   105 O  OP2   . C   A 1 6 ? 2.380   -1.687  -9.606  0.50 11.70 ? 6    C   A OP2   1 
ATOM   106 O  "O5'" . C   A 1 6 ? 4.670   -0.989  -9.927  0.50 9.69  ? 6    C   A "O5'" 1 
ATOM   107 C  "C5'" . C   A 1 6 ? 5.901   -0.775  -10.675 0.50 10.24 ? 6    C   A "C5'" 1 
ATOM   108 C  "C4'" . C   A 1 6 ? 6.955   -0.240  -9.697  0.50 10.37 ? 6    C   A "C4'" 1 
ATOM   109 O  "O4'" . C   A 1 6 ? 6.582   1.129   -9.343  0.50 8.42  ? 6    C   A "O4'" 1 
ATOM   110 C  "C3'" . C   A 1 6 ? 7.113   -0.886  -8.360  0.50 9.69  ? 6    C   A "C3'" 1 
ATOM   111 O  "O3'" . C   A 1 6 ? 7.835   -2.117  -8.482  0.50 11.92 ? 6    C   A "O3'" 1 
ATOM   112 C  "C2'" . C   A 1 6 ? 7.871   0.169   -7.647  0.50 9.66  ? 6    C   A "C2'" 1 
ATOM   113 O  "O2'" . C   A 1 6 ? 9.176   0.323   -8.133  0.50 7.92  ? 6    C   A "O2'" 1 
ATOM   114 C  "C1'" . C   A 1 6 ? 7.024   1.374   -8.016  0.50 8.86  ? 6    C   A "C1'" 1 
ATOM   115 N  N1    . C   A 1 6 ? 5.857   1.558   -7.153  0.50 8.83  ? 6    C   A N1    1 
ATOM   116 C  C2    . C   A 1 6 ? 6.042   2.195   -5.920  0.50 10.37 ? 6    C   A C2    1 
ATOM   117 O  O2    . C   A 1 6 ? 7.184   2.577   -5.610  0.50 10.53 ? 6    C   A O2    1 
ATOM   118 N  N3    . C   A 1 6 ? 4.966   2.366   -5.126  0.50 10.13 ? 6    C   A N3    1 
ATOM   119 C  C4    . C   A 1 6 ? 3.753   1.945   -5.491  0.50 12.32 ? 6    C   A C4    1 
ATOM   120 N  N4    . C   A 1 6 ? 2.726   2.144   -4.654  0.50 17.30 ? 6    C   A N4    1 
ATOM   121 C  C5    . C   A 1 6 ? 3.538   1.290   -6.738  0.50 9.82  ? 6    C   A C5    1 
ATOM   122 C  C6    . C   A 1 6 ? 4.611   1.126   -7.525  0.50 9.93  ? 6    C   A C6    1 
ATOM   123 P  P     . C   A 1 7 ? 7.881   -3.244  -7.393  0.50 11.42 ? 7    C   A P     1 
ATOM   124 O  OP1   . C   A 1 7 ? 8.806   -4.306  -7.874  0.50 13.34 ? 7    C   A OP1   1 
ATOM   125 O  OP2   . C   A 1 7 ? 6.468   -3.600  -7.039  0.50 13.49 ? 7    C   A OP2   1 
ATOM   126 O  "O5'" . C   A 1 7 ? 8.490   -2.562  -6.119  0.50 11.53 ? 7    C   A "O5'" 1 
ATOM   127 C  "C5'" . C   A 1 7 ? 9.912   -2.344  -5.945  0.50 10.68 ? 7    C   A "C5'" 1 
ATOM   128 C  "C4'" . C   A 1 7 ? 10.096  -1.744  -4.539  0.50 10.03 ? 7    C   A "C4'" 1 
ATOM   129 O  "O4'" . C   A 1 7 ? 9.290   -0.536  -4.438  0.50 9.08  ? 7    C   A "O4'" 1 
ATOM   130 C  "C3'" . C   A 1 7 ? 9.644   -2.553  -3.375  0.50 11.16 ? 7    C   A "C3'" 1 
ATOM   131 O  "O3'" . C   A 1 7 ? 10.640  -3.557  -3.089  0.50 15.57 ? 7    C   A "O3'" 1 
ATOM   132 C  "C2'" . C   A 1 7 ? 9.522   -1.534  -2.316  0.50 8.32  ? 7    C   A "C2'" 1 
ATOM   133 O  "O2'" . C   A 1 7 ? 10.771  -1.155  -1.766  0.50 9.19  ? 7    C   A "O2'" 1 
ATOM   134 C  "C1'" . C   A 1 7 ? 8.915   -0.369  -3.092  0.50 10.17 ? 7    C   A "C1'" 1 
ATOM   135 N  N1    . C   A 1 7 ? 7.441   -0.329  -3.015  0.50 11.85 ? 7    C   A N1    1 
ATOM   136 C  C2    . C   A 1 7 ? 6.903   0.262   -1.868  0.50 12.28 ? 7    C   A C2    1 
ATOM   137 O  O2    . C   A 1 7 ? 7.714   0.698   -1.029  0.50 14.18 ? 7    C   A O2    1 
ATOM   138 N  N3    . C   A 1 7 ? 5.565   0.339   -1.719  0.50 13.20 ? 7    C   A N3    1 
ATOM   139 C  C4    . C   A 1 7 ? 4.747   -0.146  -2.657  0.50 14.51 ? 7    C   A C4    1 
ATOM   140 N  N4    . C   A 1 7 ? 3.428   -0.046  -2.456  0.50 13.86 ? 7    C   A N4    1 
ATOM   141 C  C5    . C   A 1 7 ? 5.272   -0.756  -3.830  0.50 11.62 ? 7    C   A C5    1 
ATOM   142 C  C6    . C   A 1 7 ? 6.603   -0.824  -3.960  0.50 13.44 ? 7    C   A C6    1 
ATOM   143 O  "O5'" . G   B 2 1 ? 0.285   3.981   5.302   0.50 32.50 ? 8    G   B "O5'" 1 
ATOM   144 C  "C5'" . G   B 2 1 ? 0.688   5.198   5.978   0.50 21.86 ? 8    G   B "C5'" 1 
ATOM   145 C  "C4'" . G   B 2 1 ? 2.216   5.126   6.159   0.50 21.76 ? 8    G   B "C4'" 1 
ATOM   146 O  "O4'" . G   B 2 1 ? 2.600   3.731   6.317   0.50 17.58 ? 8    G   B "O4'" 1 
ATOM   147 C  "C3'" . G   B 2 1 ? 3.035   5.632   5.025   0.50 19.44 ? 8    G   B "C3'" 1 
ATOM   148 O  "O3'" . G   B 2 1 ? 3.288   7.039   5.220   0.50 15.75 ? 8    G   B "O3'" 1 
ATOM   149 C  "C2'" . G   B 2 1 ? 4.265   4.806   5.094   0.50 18.63 ? 8    G   B "C2'" 1 
ATOM   150 O  "O2'" . G   B 2 1 ? 5.127   5.212   6.119   0.50 18.46 ? 8    G   B "O2'" 1 
ATOM   151 C  "C1'" . G   B 2 1 ? 3.611   3.459   5.380   0.50 15.39 ? 8    G   B "C1'" 1 
ATOM   152 N  N9    . G   B 2 1 ? 3.021   2.910   4.172   0.50 17.25 ? 8    G   B N9    1 
ATOM   153 C  C8    . G   B 2 1 ? 1.687   2.742   3.895   0.50 17.51 ? 8    G   B C8    1 
ATOM   154 N  N7    . G   B 2 1 ? 1.469   2.220   2.715   0.50 17.61 ? 8    G   B N7    1 
ATOM   155 C  C5    . G   B 2 1 ? 2.738   2.034   2.184   0.50 16.59 ? 8    G   B C5    1 
ATOM   156 C  C6    . G   B 2 1 ? 3.163   1.507   0.940   0.50 15.51 ? 8    G   B C6    1 
ATOM   157 O  O6    . G   B 2 1 ? 2.446   1.083   0.025   0.50 13.84 ? 8    G   B O6    1 
ATOM   158 N  N1    . G   B 2 1 ? 4.549   1.490   0.787   0.50 13.88 ? 8    G   B N1    1 
ATOM   159 C  C2    . G   B 2 1 ? 5.435   1.939   1.740   0.50 13.77 ? 8    G   B C2    1 
ATOM   160 N  N2    . G   B 2 1 ? 6.734   1.849   1.426   0.50 14.72 ? 8    G   B N2    1 
ATOM   161 N  N3    . G   B 2 1 ? 5.043   2.430   2.902   0.50 15.26 ? 8    G   B N3    1 
ATOM   162 C  C4    . G   B 2 1 ? 3.707   2.454   3.067   0.50 17.39 ? 8    G   B C4    1 
ATOM   163 P  P     . G   B 2 2 ? 3.204   8.191   4.135   0.50 14.92 ? 9    G   B P     1 
ATOM   164 O  OP1   . G   B 2 2 ? 3.264   9.436   4.929   0.50 15.71 ? 9    G   B OP1   1 
ATOM   165 O  OP2   . G   B 2 2 ? 2.015   7.944   3.277   0.50 21.10 ? 9    G   B OP2   1 
ATOM   166 O  "O5'" . G   B 2 2 ? 4.503   7.986   3.266   0.50 14.60 ? 9    G   B "O5'" 1 
ATOM   167 C  "C5'" . G   B 2 2 ? 5.716   8.016   4.053   0.50 15.36 ? 9    G   B "C5'" 1 
ATOM   168 C  "C4'" . G   B 2 2 ? 6.872   7.486   3.195   0.50 17.10 ? 9    G   B "C4'" 1 
ATOM   169 O  "O4'" . G   B 2 2 ? 6.685   6.048   3.045   0.50 18.98 ? 9    G   B "O4'" 1 
ATOM   170 C  "C3'" . G   B 2 2 ? 7.002   7.981   1.796   0.50 14.84 ? 9    G   B "C3'" 1 
ATOM   171 O  "O3'" . G   B 2 2 ? 7.691   9.245   1.819   0.50 13.61 ? 9    G   B "O3'" 1 
ATOM   172 C  "C2'" . G   B 2 2 ? 7.783   6.905   1.151   0.50 14.59 ? 9    G   B "C2'" 1 
ATOM   173 O  "O2'" . G   B 2 2 ? 9.150   6.930   1.494   0.50 19.00 ? 9    G   B "O2'" 1 
ATOM   174 C  "C1'" . G   B 2 2 ? 7.101   5.683   1.750   0.50 18.65 ? 9    G   B "C1'" 1 
ATOM   175 N  N9    . G   B 2 2 ? 5.917   5.276   1.015   0.50 19.09 ? 9    G   B N9    1 
ATOM   176 C  C8    . G   B 2 2 ? 4.606   5.359   1.410   0.50 17.57 ? 9    G   B C8    1 
ATOM   177 N  N7    . G   B 2 2 ? 3.780   4.899   0.500   0.50 14.71 ? 9    G   B N7    1 
ATOM   178 C  C5    . G   B 2 2 ? 4.602   4.496   -0.548  0.50 13.06 ? 9    G   B C5    1 
ATOM   179 C  C6    . G   B 2 2 ? 4.290   3.918   -1.808  0.50 14.29 ? 9    G   B C6    1 
ATOM   180 O  O6    . G   B 2 2 ? 3.159   3.648   -2.242  0.50 11.81 ? 9    G   B O6    1 
ATOM   181 N  N1    . G   B 2 2 ? 5.448   3.673   -2.549  0.50 18.43 ? 9    G   B N1    1 
ATOM   182 C  C2    . G   B 2 2 ? 6.731   3.937   -2.155  0.50 18.75 ? 9    G   B C2    1 
ATOM   183 N  N2    . G   B 2 2 ? 7.717   3.627   -3.014  0.50 18.19 ? 9    G   B N2    1 
ATOM   184 N  N3    . G   B 2 2 ? 7.028   4.474   -0.983  0.50 19.76 ? 9    G   B N3    1 
ATOM   185 C  C4    . G   B 2 2 ? 5.926   4.722   -0.245  0.50 18.10 ? 9    G   B C4    1 
ATOM   186 P  P     . G   B 2 3 ? 7.633   10.268  0.649   0.50 12.77 ? 10   G   B P     1 
ATOM   187 O  OP1   . G   B 2 3 ? 8.487   11.414  1.102   0.50 15.81 ? 10   G   B OP1   1 
ATOM   188 O  OP2   . G   B 2 3 ? 6.211   10.495  0.285   0.50 15.33 ? 10   G   B OP2   1 
ATOM   189 O  "O5'" . G   B 2 3 ? 8.351   9.635   -0.592  0.50 14.31 ? 10   G   B "O5'" 1 
ATOM   190 C  "C5'" . G   B 2 3 ? 9.798   9.600   -0.750  0.50 14.72 ? 10   G   B "C5'" 1 
ATOM   191 C  "C4'" . G   B 2 3 ? 10.055  8.928   -2.101  0.50 12.86 ? 10   G   B "C4'" 1 
ATOM   192 O  "O4'" . G   B 2 3 ? 9.417   7.614   -2.116  0.50 13.86 ? 10   G   B "O4'" 1 
ATOM   193 C  "C3'" . G   B 2 3 ? 9.477   9.560   -3.321  0.50 12.05 ? 10   G   B "C3'" 1 
ATOM   194 O  "O3'" . G   B 2 3 ? 10.233  10.750  -3.639  0.50 12.27 ? 10   G   B "O3'" 1 
ATOM   195 C  "C2'" . G   B 2 3 ? 9.627   8.462   -4.293  0.50 10.37 ? 10   G   B "C2'" 1 
ATOM   196 O  "O2'" . G   B 2 3 ? 10.962  8.255   -4.689  0.50 12.30 ? 10   G   B "O2'" 1 
ATOM   197 C  "C1'" . G   B 2 3 ? 9.157   7.272   -3.469  0.50 12.92 ? 10   G   B "C1'" 1 
ATOM   198 N  N9    . G   B 2 3 ? 7.732   6.970   -3.613  0.50 13.01 ? 10   G   B N9    1 
ATOM   199 C  C8    . G   B 2 3 ? 6.740   7.126   -2.676  0.50 16.13 ? 10   G   B C8    1 
ATOM   200 N  N7    . G   B 2 3 ? 5.553   6.771   -3.088  0.50 14.33 ? 10   G   B N7    1 
ATOM   201 C  C5    . G   B 2 3 ? 5.770   6.349   -4.390  0.50 12.46 ? 10   G   B C5    1 
ATOM   202 C  C6    . G   B 2 3 ? 4.866   5.847   -5.359  0.50 8.82  ? 10   G   B C6    1 
ATOM   203 O  O6    . G   B 2 3 ? 3.650   5.667   -5.262  0.50 10.31 ? 10   G   B O6    1 
ATOM   204 N  N1    . G   B 2 3 ? 5.491   5.532   -6.560  0.50 9.51  ? 10   G   B N1    1 
ATOM   205 C  C2    . G   B 2 3 ? 6.845   5.694   -6.779  0.50 9.47  ? 10   G   B C2    1 
ATOM   206 N  N2    . G   B 2 3 ? 7.273   5.336   -8.002  0.50 7.29  ? 10   G   B N2    1 
ATOM   207 N  N3    . G   B 2 3 ? 7.708   6.161   -5.884  0.50 8.95  ? 10   G   B N3    1 
ATOM   208 C  C4    . G   B 2 3 ? 7.095   6.465   -4.722  0.50 10.82 ? 10   G   B C4    1 
ATOM   209 P  P     . G   B 2 4 ? 9.691   12.104  -4.271  0.50 15.35 ? 11   G   B P     1 
ATOM   210 O  OP1   . G   B 2 4 ? 10.858  12.986  -4.437  0.50 21.42 ? 11   G   B OP1   1 
ATOM   211 O  OP2   . G   B 2 4 ? 8.505   12.469  -3.480  0.50 22.55 ? 11   G   B OP2   1 
ATOM   212 O  "O5'" . G   B 2 4 ? 9.195   11.672  -5.727  0.50 15.98 ? 11   G   B "O5'" 1 
ATOM   213 C  "C5'" . G   B 2 4 ? 10.059  11.215  -6.784  0.50 12.86 ? 11   G   B "C5'" 1 
ATOM   214 C  "C4'" . G   B 2 4 ? 9.264   10.596  -7.936  0.50 11.43 ? 11   G   B "C4'" 1 
ATOM   215 O  "O4'" . G   B 2 4 ? 8.607   9.362   -7.473  0.50 13.15 ? 11   G   B "O4'" 1 
ATOM   216 C  "C3'" . G   B 2 4 ? 8.108   11.341  -8.512  0.50 12.54 ? 11   G   B "C3'" 1 
ATOM   217 O  "O3'" . G   B 2 4 ? 8.592   12.438  -9.284  0.50 14.89 ? 11   G   B "O3'" 1 
ATOM   218 C  "C2'" . G   B 2 4 ? 7.485   10.276  -9.339  0.50 11.60 ? 11   G   B "C2'" 1 
ATOM   219 O  "O2'" . G   B 2 4 ? 8.222   10.038  -10.518 0.50 12.54 ? 11   G   B "O2'" 1 
ATOM   220 C  "C1'" . G   B 2 4 ? 7.536   9.108   -8.364  0.50 11.57 ? 11   G   B "C1'" 1 
ATOM   221 N  N9    . G   B 2 4 ? 6.303   9.009   -7.599  0.50 13.40 ? 11   G   B N9    1 
ATOM   222 C  C8    . G   B 2 4 ? 6.162   9.401   -6.281  0.50 13.12 ? 11   G   B C8    1 
ATOM   223 N  N7    . G   B 2 4 ? 4.953   9.207   -5.828  0.50 14.93 ? 11   G   B N7    1 
ATOM   224 C  C5    . G   B 2 4 ? 4.256   8.660   -6.899  0.50 15.12 ? 11   G   B C5    1 
ATOM   225 C  C6    . G   B 2 4 ? 2.903   8.246   -6.995  0.50 13.18 ? 11   G   B C6    1 
ATOM   226 O  O6    . G   B 2 4 ? 2.007   8.276   -6.127  0.50 15.81 ? 11   G   B O6    1 
ATOM   227 N  N1    . G   B 2 4 ? 2.596   7.745   -8.258  0.50 13.13 ? 11   G   B N1    1 
ATOM   228 C  C2    . G   B 2 4 ? 3.488   7.659   -9.292  0.50 13.22 ? 11   G   B C2    1 
ATOM   229 N  N2    . G   B 2 4 ? 3.052   7.154   -10.454 0.50 14.75 ? 11   G   B N2    1 
ATOM   230 N  N3    . G   B 2 4 ? 4.746   8.041   -9.207  0.50 12.71 ? 11   G   B N3    1 
ATOM   231 C  C4    . G   B 2 4 ? 5.080   8.532   -8.001  0.50 13.59 ? 11   G   B C4    1 
ATOM   232 P  P     . C   B 2 5 ? 7.763   13.733  -9.574  0.50 11.75 ? 12   C   B P     1 
ATOM   233 O  OP1   . C   B 2 5 ? 8.720   14.688  -10.182 0.50 11.73 ? 12   C   B OP1   1 
ATOM   234 O  OP2   . C   B 2 5 ? 7.028   14.071  -8.312  0.50 16.30 ? 12   C   B OP2   1 
ATOM   235 O  "O5'" . C   B 2 5 ? 6.636   13.351  -10.615 0.50 13.47 ? 12   C   B "O5'" 1 
ATOM   236 C  "C5'" . C   B 2 5 ? 6.976   13.186  -12.010 0.50 11.88 ? 12   C   B "C5'" 1 
ATOM   237 C  "C4'" . C   B 2 5 ? 5.763   12.622  -12.757 0.50 11.42 ? 12   C   B "C4'" 1 
ATOM   238 O  "O4'" . C   B 2 5 ? 5.315   11.410  -12.080 0.50 13.07 ? 12   C   B "O4'" 1 
ATOM   239 C  "C3'" . C   B 2 5 ? 4.515   13.442  -12.812 0.50 9.87  ? 12   C   B "C3'" 1 
ATOM   240 O  "O3'" . C   B 2 5 ? 4.688   14.499  -13.769 0.50 8.89  ? 12   C   B "O3'" 1 
ATOM   241 C  "C2'" . C   B 2 5 ? 3.533   12.413  -13.211 0.50 11.65 ? 12   C   B "C2'" 1 
ATOM   242 O  "O2'" . C   B 2 5 ? 3.686   12.009  -14.553 0.50 12.50 ? 12   C   B "O2'" 1 
ATOM   243 C  "C1'" . C   B 2 5 ? 3.915   11.280  -12.272 0.50 12.98 ? 12   C   B "C1'" 1 
ATOM   244 N  N1    . C   B 2 5 ? 3.329   11.301  -10.928 0.50 12.78 ? 12   C   B N1    1 
ATOM   245 C  C2    . C   B 2 5 ? 2.014   10.848  -10.770 0.50 12.62 ? 12   C   B C2    1 
ATOM   246 O  O2    . C   B 2 5 ? 1.394   10.442  -11.780 0.50 14.79 ? 12   C   B O2    1 
ATOM   247 N  N3    . C   B 2 5 ? 1.478   10.868  -9.533  0.50 13.34 ? 12   C   B N3    1 
ATOM   248 C  C4    . C   B 2 5 ? 2.176   11.305  -8.481  0.50 13.44 ? 12   C   B C4    1 
ATOM   249 N  N4    . C   B 2 5 ? 1.574   11.294  -7.291  0.50 14.54 ? 12   C   B N4    1 
ATOM   250 C  C5    . C   B 2 5 ? 3.516   11.776  -8.615  0.50 13.65 ? 12   C   B C5    1 
ATOM   251 C  C6    . C   B 2 5 ? 4.039   11.753  -9.848  0.50 12.03 ? 12   C   B C6    1 
ATOM   252 P  P     . U   B 2 6 ? 3.966   15.886  -13.509 0.50 11.87 ? 13   U   B P     1 
ATOM   253 O  OP1   . U   B 2 6 ? 4.264   16.780  -14.646 0.50 18.02 ? 13   U   B OP1   1 
ATOM   254 O  OP2   . U   B 2 6 ? 4.231   16.311  -12.101 0.50 12.51 ? 13   U   B OP2   1 
ATOM   255 O  "O5'" . U   B 2 6 ? 2.439   15.534  -13.523 0.50 14.47 ? 13   U   B "O5'" 1 
ATOM   256 C  "C5'" . U   B 2 6 ? 1.824   15.256  -14.816 0.50 13.38 ? 13   U   B "C5'" 1 
ATOM   257 C  "C4'" . U   B 2 6 ? 0.426   14.703  -14.498 0.50 12.09 ? 13   U   B "C4'" 1 
ATOM   258 O  "O4'" . U   B 2 6 ? 0.569   13.695  -13.459 0.50 12.19 ? 13   U   B "O4'" 1 
ATOM   259 C  "C3'" . U   B 2 6 ? -0.587  15.630  -13.923 0.50 11.28 ? 13   U   B "C3'" 1 
ATOM   260 O  "O3'" . U   B 2 6 ? -1.130  16.443  -14.978 0.50 10.15 ? 13   U   B "O3'" 1 
ATOM   261 C  "C2'" . U   B 2 6 ? -1.563  14.680  -13.356 0.50 12.39 ? 13   U   B "C2'" 1 
ATOM   262 O  "O2'" . U   B 2 6 ? -2.361  14.095  -14.360 0.50 14.01 ? 13   U   B "O2'" 1 
ATOM   263 C  "C1'" . U   B 2 6 ? -0.654  13.632  -12.737 0.50 11.22 ? 13   U   B "C1'" 1 
ATOM   264 N  N1    . U   B 2 6 ? -0.327  13.838  -11.322 0.50 13.40 ? 13   U   B N1    1 
ATOM   265 C  C2    . U   B 2 6 ? -1.314  13.451  -10.432 0.50 11.32 ? 13   U   B C2    1 
ATOM   266 O  O2    . U   B 2 6 ? -2.377  12.979  -10.795 0.50 15.25 ? 13   U   B O2    1 
ATOM   267 N  N3    . U   B 2 6 ? -0.989  13.648  -9.116  0.50 13.22 ? 13   U   B N3    1 
ATOM   268 C  C4    . U   B 2 6 ? 0.178   14.172  -8.601  0.50 12.84 ? 13   U   B C4    1 
ATOM   269 O  O4    . U   B 2 6 ? 0.295   14.276  -7.379  0.50 13.41 ? 13   U   B O4    1 
ATOM   270 C  C5    . U   B 2 6 ? 1.143   14.545  -9.586  0.50 14.31 ? 13   U   B C5    1 
ATOM   271 C  C6    . U   B 2 6 ? 0.865   14.367  -10.886 0.50 14.05 ? 13   U   B C6    1 
ATOM   272 P  P     . A   B 2 7 ? -1.727  17.861  -14.666 0.50 13.60 ? 14   A   B P     1 
ATOM   273 O  OP1   . A   B 2 7 ? -2.027  18.491  -15.979 0.50 15.71 ? 14   A   B OP1   1 
ATOM   274 O  OP2   . A   B 2 7 ? -0.788  18.566  -13.741 0.50 18.27 ? 14   A   B OP2   1 
ATOM   275 O  "O5'" . A   B 2 7 ? -3.081  17.564  -13.912 0.50 12.91 ? 14   A   B "O5'" 1 
ATOM   276 C  "C5'" . A   B 2 7 ? -4.142  16.868  -14.598 0.50 11.37 ? 14   A   B "C5'" 1 
ATOM   277 C  "C4'" . A   B 2 7 ? -5.343  16.686  -13.657 0.50 10.55 ? 14   A   B "C4'" 1 
ATOM   278 O  "O4'" . A   B 2 7 ? -5.022  15.629  -12.700 0.50 11.06 ? 14   A   B "O4'" 1 
ATOM   279 C  "C3'" . A   B 2 7 ? -5.735  17.825  -12.789 0.50 10.71 ? 14   A   B "C3'" 1 
ATOM   280 O  "O3'" . A   B 2 7 ? -6.534  18.763  -13.540 0.50 8.72  ? 14   A   B "O3'" 1 
ATOM   281 C  "C2'" . A   B 2 7 ? -6.517  17.156  -11.725 0.50 10.85 ? 14   A   B "C2'" 1 
ATOM   282 O  "O2'" . A   B 2 7 ? -7.816  16.808  -12.159 0.50 14.15 ? 14   A   B "O2'" 1 
ATOM   283 C  "C1'" . A   B 2 7 ? -5.659  15.924  -11.478 0.50 10.44 ? 14   A   B "C1'" 1 
ATOM   284 N  N9    . A   B 2 7 ? -4.617  16.141  -10.465 0.50 10.70 ? 14   A   B N9    1 
ATOM   285 C  C8    . A   B 2 7 ? -3.322  16.534  -10.660 0.50 10.19 ? 14   A   B C8    1 
ATOM   286 N  N7    . A   B 2 7 ? -2.607  16.650  -9.564  0.50 11.85 ? 14   A   B N7    1 
ATOM   287 C  C5    . A   B 2 7 ? -3.508  16.311  -8.561  0.50 10.10 ? 14   A   B C5    1 
ATOM   288 C  C6    . A   B 2 7 ? -3.404  16.228  -7.162  0.50 11.05 ? 14   A   B C6    1 
ATOM   289 N  N6    . A   B 2 7 ? -2.313  16.483  -6.442  0.50 12.63 ? 14   A   B N6    1 
ATOM   290 N  N1    . A   B 2 7 ? -4.510  15.852  -6.476  0.50 11.39 ? 14   A   B N1    1 
ATOM   291 C  C2    . A   B 2 7 ? -5.634  15.583  -7.145  0.50 12.10 ? 14   A   B C2    1 
ATOM   292 N  N3    . A   B 2 7 ? -5.858  15.625  -8.455  0.50 10.18 ? 14   A   B N3    1 
ATOM   293 C  C4    . A   B 2 7 ? -4.741  15.999  -9.110  0.50 9.47  ? 14   A   B C4    1 
ATOM   294 O  "O5'" . U   C 1 1 ? -1.184  -15.796 -2.842  0.50 26.10 ? 1    U   C "O5'" 1 
ATOM   295 C  "C5'" . U   C 1 1 ? -1.695  -16.483 -4.014  0.50 14.94 ? 1    U   C "C5'" 1 
ATOM   296 C  "C4'" . U   C 1 1 ? -3.170  -16.837 -3.710  0.50 14.57 ? 1    U   C "C4'" 1 
ATOM   297 O  "O4'" . U   C 1 1 ? -3.193  -18.010 -2.864  0.50 12.57 ? 1    U   C "O4'" 1 
ATOM   298 C  "C3'" . U   C 1 1 ? -3.956  -15.824 -2.964  0.50 12.16 ? 1    U   C "C3'" 1 
ATOM   299 O  "O3'" . U   C 1 1 ? -4.481  -14.874 -3.919  0.50 14.06 ? 1    U   C "O3'" 1 
ATOM   300 C  "C2'" . U   C 1 1 ? -4.999  -16.636 -2.315  0.50 12.29 ? 1    U   C "C2'" 1 
ATOM   301 O  "O2'" . U   C 1 1 ? -6.006  -17.036 -3.213  0.50 12.66 ? 1    U   C "O2'" 1 
ATOM   302 C  "C1'" . U   C 1 1 ? -4.171  -17.834 -1.855  0.50 13.44 ? 1    U   C "C1'" 1 
ATOM   303 N  N1    . U   C 1 1 ? -3.469  -17.676 -0.570  0.50 12.11 ? 1    U   C N1    1 
ATOM   304 C  C2    . U   C 1 1 ? -4.225  -17.840 0.580   0.50 12.78 ? 1    U   C C2    1 
ATOM   305 O  O2    . U   C 1 1 ? -5.417  -18.093 0.545   0.50 15.99 ? 1    U   C O2    1 
ATOM   306 N  N3    . U   C 1 1 ? -3.534  -17.690 1.758   0.50 14.13 ? 1    U   C N3    1 
ATOM   307 C  C4    . U   C 1 1 ? -2.190  -17.404 1.887   0.50 12.21 ? 1    U   C C4    1 
ATOM   308 O  O4    . U   C 1 1 ? -1.720  -17.300 3.023   0.50 14.35 ? 1    U   C O4    1 
ATOM   309 C  C5    . U   C 1 1 ? -1.477  -17.253 0.656   0.50 10.53 ? 1    U   C C5    1 
ATOM   310 C  C6    . U   C 1 1 ? -2.131  -17.395 -0.500  0.50 10.98 ? 1    U   C C6    1 
ATOM   311 P  P     . A   C 1 2 ? -4.764  -13.377 -3.478  0.50 16.47 ? 2    A   C P     1 
ATOM   312 O  OP1   . A   C 1 2 ? -5.039  -12.660 -4.748  0.50 23.19 ? 2    A   C OP1   1 
ATOM   313 O  OP2   . A   C 1 2 ? -3.631  -12.965 -2.609  0.50 19.57 ? 2    A   C OP2   1 
ATOM   314 O  "O5'" . A   C 1 2 ? -6.031  -13.414 -2.564  0.50 13.94 ? 2    A   C "O5'" 1 
ATOM   315 C  "C5'" . A   C 1 2 ? -7.344  -13.827 -3.012  0.50 14.41 ? 2    A   C "C5'" 1 
ATOM   316 C  "C4'" . A   C 1 2 ? -8.206  -13.985 -1.757  0.50 13.90 ? 2    A   C "C4'" 1 
ATOM   317 O  "O4'" . A   C 1 2 ? -7.667  -15.080 -0.951  0.50 13.23 ? 2    A   C "O4'" 1 
ATOM   318 C  "C3'" . A   C 1 2 ? -8.242  -12.853 -0.792  0.50 17.43 ? 2    A   C "C3'" 1 
ATOM   319 O  "O3'" . A   C 1 2 ? -9.087  -11.806 -1.292  0.50 21.37 ? 2    A   C "O3'" 1 
ATOM   320 C  "C2'" . A   C 1 2 ? -8.797  -13.519 0.413   0.50 17.07 ? 2    A   C "C2'" 1 
ATOM   321 O  "O2'" . A   C 1 2 ? -10.174 -13.775 0.285   0.50 19.15 ? 2    A   C "O2'" 1 
ATOM   322 C  "C1'" . A   C 1 2 ? -7.978  -14.798 0.409   0.50 15.39 ? 2    A   C "C1'" 1 
ATOM   323 N  N9    . A   C 1 2 ? -6.701  -14.700 1.116   0.50 14.79 ? 2    A   C N9    1 
ATOM   324 C  C8    . A   C 1 2 ? -5.461  -14.456 0.566   0.50 13.25 ? 2    A   C C8    1 
ATOM   325 N  N7    . A   C 1 2 ? -4.486  -14.425 1.443   0.50 13.05 ? 2    A   C N7    1 
ATOM   326 C  C5    . A   C 1 2 ? -5.120  -14.666 2.659   0.50 13.42 ? 2    A   C C5    1 
ATOM   327 C  C6    . A   C 1 2 ? -4.664  -14.766 3.982   0.50 13.37 ? 2    A   C C6    1 
ATOM   328 N  N6    . A   C 1 2 ? -3.405  -14.637 4.399   0.50 15.75 ? 2    A   C N6    1 
ATOM   329 N  N1    . A   C 1 2 ? -5.573  -15.018 4.957   0.50 15.52 ? 2    A   C N1    1 
ATOM   330 C  C2    . A   C 1 2 ? -6.851  -15.158 4.604   0.50 15.80 ? 2    A   C C2    1 
ATOM   331 N  N3    . A   C 1 2 ? -7.393  -15.085 3.401   0.50 15.19 ? 2    A   C N3    1 
ATOM   332 C  C4    . A   C 1 2 ? -6.476  -14.837 2.461   0.50 13.06 ? 2    A   C C4    1 
ATOM   333 P  P     . G   C 1 3 ? -8.797  -10.274 -0.993  0.50 25.70 ? 3    G   C P     1 
ATOM   334 O  OP1   . G   C 1 3 ? -9.879  -9.491  -1.645  0.50 30.90 ? 3    G   C OP1   1 
ATOM   335 O  OP2   . G   C 1 3 ? -7.366  -10.013 -1.258  0.50 29.47 ? 3    G   C OP2   1 
ATOM   336 O  "O5'" . G   C 1 3 ? -9.022  -10.182 0.566   0.50 22.45 ? 3    G   C "O5'" 1 
ATOM   337 C  "C5'" . G   C 1 3 ? -10.378 -10.357 1.079   0.50 18.41 ? 3    G   C "C5'" 1 
ATOM   338 C  "C4'" . G   C 1 3 ? -10.221 -10.510 2.596   0.50 18.43 ? 3    G   C "C4'" 1 
ATOM   339 O  "O4'" . G   C 1 3 ? -9.305  -11.615 2.861   0.50 19.59 ? 3    G   C "O4'" 1 
ATOM   340 C  "C3'" . G   C 1 3 ? -9.602  -9.388  3.349   0.50 15.80 ? 3    G   C "C3'" 1 
ATOM   341 O  "O3'" . G   C 1 3 ? -10.593 -8.346  3.503   0.50 20.17 ? 3    G   C "O3'" 1 
ATOM   342 C  "C2'" . G   C 1 3 ? -9.222  -10.046 4.612   0.50 19.92 ? 3    G   C "C2'" 1 
ATOM   343 O  "O2'" . G   C 1 3 ? -10.341 -10.209 5.461   0.50 23.40 ? 3    G   C "O2'" 1 
ATOM   344 C  "C1'" . G   C 1 3 ? -8.686  -11.390 4.118   0.50 19.17 ? 3    G   C "C1'" 1 
ATOM   345 N  N9    . G   C 1 3 ? -7.217  -11.412 3.983   0.50 17.35 ? 3    G   C N9    1 
ATOM   346 C  C8    . G   C 1 3 ? -6.412  -11.285 2.885   0.50 17.13 ? 3    G   C C8    1 
ATOM   347 N  N7    . G   C 1 3 ? -5.126  -11.356 3.144   0.50 16.33 ? 3    G   C N7    1 
ATOM   348 C  C5    . G   C 1 3 ? -5.042  -11.546 4.522   0.50 14.83 ? 3    G   C C5    1 
ATOM   349 C  C6    . G   C 1 3 ? -3.923  -11.695 5.389   0.50 15.68 ? 3    G   C C6    1 
ATOM   350 O  O6    . G   C 1 3 ? -2.679  -11.703 5.197   0.50 18.10 ? 3    G   C O6    1 
ATOM   351 N  N1    . G   C 1 3 ? -4.367  -11.862 6.709   0.50 14.92 ? 3    G   C N1    1 
ATOM   352 C  C2    . G   C 1 3 ? -5.675  -11.881 7.118   0.50 15.41 ? 3    G   C C2    1 
ATOM   353 N  N2    . G   C 1 3 ? -5.899  -12.054 8.428   0.50 20.51 ? 3    G   C N2    1 
ATOM   354 N  N3    . G   C 1 3 ? -6.720  -11.744 6.318   0.50 18.00 ? 3    G   C N3    1 
ATOM   355 C  C4    . G   C 1 3 ? -6.332  -11.580 5.032   0.50 16.35 ? 3    G   C C4    1 
ATOM   356 P  P     . C   C 1 4 ? -10.080 -6.888  3.749   0.50 16.72 ? 4    C   C P     1 
ATOM   357 O  OP1   . C   C 1 4 ? -11.142 -5.941  3.321   0.50 24.73 ? 4    C   C OP1   1 
ATOM   358 O  OP2   . C   C 1 4 ? -8.760  -6.800  3.038   0.50 20.39 ? 4    C   C OP2   1 
ATOM   359 O  "O5'" . C   C 1 4 ? -9.822  -6.715  5.264   0.50 14.44 ? 4    C   C "O5'" 1 
ATOM   360 C  "C5'" . C   C 1 4 ? -10.848 -6.733  6.279   0.50 13.62 ? 4    C   C "C5'" 1 
ATOM   361 C  "C4'" . C   C 1 4 ? -10.152 -6.900  7.633   0.50 11.36 ? 4    C   C "C4'" 1 
ATOM   362 O  "O4'" . C   C 1 4 ? -9.385  -8.140  7.651   0.50 12.26 ? 4    C   C "O4'" 1 
ATOM   363 C  "C3'" . C   C 1 4 ? -9.114  -5.891  8.012   0.50 9.90  ? 4    C   C "C3'" 1 
ATOM   364 O  "O3'" . C   C 1 4 ? -9.755  -4.663  8.375   0.50 11.97 ? 4    C   C "O3'" 1 
ATOM   365 C  "C2'" . C   C 1 4 ? -8.484  -6.585  9.149   0.50 10.85 ? 4    C   C "C2'" 1 
ATOM   366 O  "O2'" . C   C 1 4 ? -9.331  -6.655  10.270  0.50 12.95 ? 4    C   C "O2'" 1 
ATOM   367 C  "C1'" . C   C 1 4 ? -8.287  -7.960  8.532   0.50 13.17 ? 4    C   C "C1'" 1 
ATOM   368 N  N1    . C   C 1 4 ? -7.041  -8.087  7.764   0.50 12.13 ? 4    C   C N1    1 
ATOM   369 C  C2    . C   C 1 4 ? -5.839  -8.232  8.460   0.50 11.39 ? 4    C   C C2    1 
ATOM   370 O  O2    . C   C 1 4 ? -5.920  -8.241  9.695   0.50 11.98 ? 4    C   C O2    1 
ATOM   371 N  N3    . C   C 1 4 ? -4.681  -8.352  7.776   0.50 11.63 ? 4    C   C N3    1 
ATOM   372 C  C4    . C   C 1 4 ? -4.671  -8.337  6.443   0.50 10.06 ? 4    C   C C4    1 
ATOM   373 N  N4    . C   C 1 4 ? -3.508  -8.460  5.786   0.50 10.34 ? 4    C   C N4    1 
ATOM   374 C  C5    . C   C 1 4 ? -5.885  -8.192  5.710   0.50 12.55 ? 4    C   C C5    1 
ATOM   375 C  C6    . C   C 1 4 ? -7.020  -8.073  6.403   0.50 11.82 ? 4    C   C C6    1 
ATOM   376 P  P     . U   C 1 5 ? -9.070  -3.247  8.236   0.50 13.76 ? 5    U   C P     1 
ATOM   377 O  OP1   . U   C 1 5 ? -10.083 -2.255  8.651   0.50 14.86 ? 5    U   C OP1   1 
ATOM   378 O  OP2   . U   C 1 5 ? -8.381  -3.186  6.934   0.50 17.72 ? 5    U   C OP2   1 
ATOM   379 O  "O5'" . U   C 1 5 ? -7.959  -3.295  9.370   0.50 14.67 ? 5    U   C "O5'" 1 
ATOM   380 C  "C5'" . U   C 1 5 ? -8.309  -3.287  10.780  0.50 14.23 ? 5    U   C "C5'" 1 
ATOM   381 C  "C4'" . U   C 1 5 ? -7.001  -3.434  11.573  0.50 15.30 ? 5    U   C "C4'" 1 
ATOM   382 O  "O4'" . U   C 1 5 ? -6.397  -4.712  11.218  0.50 17.71 ? 5    U   C "O4'" 1 
ATOM   383 C  "C3'" . U   C 1 5 ? -5.905  -2.465  11.312  0.50 16.33 ? 5    U   C "C3'" 1 
ATOM   384 O  "O3'" . U   C 1 5 ? -6.201  -1.246  12.025  0.50 19.96 ? 5    U   C "O3'" 1 
ATOM   385 C  "C2'" . U   C 1 5 ? -4.726  -3.191  11.832  0.50 17.45 ? 5    U   C "C2'" 1 
ATOM   386 O  "O2'" . U   C 1 5 ? -4.691  -3.176  13.240  0.50 25.16 ? 5    U   C "O2'" 1 
ATOM   387 C  "C1'" . U   C 1 5 ? -4.988  -4.587  11.288  0.50 18.53 ? 5    U   C "C1'" 1 
ATOM   388 N  N1    . U   C 1 5 ? -4.462  -4.835  9.941   0.50 21.77 ? 5    U   C N1    1 
ATOM   389 C  C2    . U   C 1 5 ? -3.166  -5.284  9.803   0.50 26.39 ? 5    U   C C2    1 
ATOM   390 O  O2    . U   C 1 5 ? -2.403  -5.495  10.721  0.50 27.96 ? 5    U   C O2    1 
ATOM   391 N  N3    . U   C 1 5 ? -2.727  -5.498  8.519   0.50 28.47 ? 5    U   C N3    1 
ATOM   392 C  C4    . U   C 1 5 ? -3.440  -5.315  7.352   0.50 28.84 ? 5    U   C C4    1 
ATOM   393 O  O4    . U   C 1 5 ? -2.872  -5.564  6.283   0.50 30.69 ? 5    U   C O4    1 
ATOM   394 C  C5    . U   C 1 5 ? -4.774  -4.850  7.570   0.50 24.53 ? 5    U   C C5    1 
ATOM   395 C  C6    . U   C 1 5 ? -5.230  -4.633  8.813   0.50 21.23 ? 5    U   C C6    1 
ATOM   396 P  P     . C   C 1 6 ? -5.671  0.125   11.463  0.50 19.73 ? 6    C   C P     1 
ATOM   397 O  OP1   . C   C 1 6 ? -6.360  1.207   12.191  0.50 27.17 ? 6    C   C OP1   1 
ATOM   398 O  OP2   . C   C 1 6 ? -5.879  0.011   9.976   0.50 29.23 ? 6    C   C OP2   1 
ATOM   399 O  "O5'" . C   C 1 6 ? -4.130  0.113   11.778  0.50 17.44 ? 6    C   C "O5'" 1 
ATOM   400 C  "C5'" . C   C 1 6 ? -3.674  0.116   13.149  0.50 14.89 ? 6    C   C "C5'" 1 
ATOM   401 C  "C4'" . C   C 1 6 ? -2.156  -0.131  13.171  0.50 14.18 ? 6    C   C "C4'" 1 
ATOM   402 O  "O4'" . C   C 1 6 ? -1.878  -1.468  12.647  0.50 10.62 ? 6    C   C "O4'" 1 
ATOM   403 C  "C3'" . C   C 1 6 ? -1.313  0.764   12.340  0.50 11.56 ? 6    C   C "C3'" 1 
ATOM   404 O  "O3'" . C   C 1 6 ? -1.090  2.007   13.038  0.50 11.83 ? 6    C   C "O3'" 1 
ATOM   405 C  "C2'" . C   C 1 6 ? -0.070  -0.026  12.186  0.50 11.16 ? 6    C   C "C2'" 1 
ATOM   406 O  "O2'" . C   C 1 6 ? 0.733   0.026   13.345  0.50 13.73 ? 6    C   C "O2'" 1 
ATOM   407 C  "C1'" . C   C 1 6 ? -0.650  -1.414  11.951  0.50 11.16 ? 6    C   C "C1'" 1 
ATOM   408 N  N1    . C   C 1 6 ? -0.902  -1.694  10.525  0.50 13.20 ? 6    C   C N1    1 
ATOM   409 C  C2    . C   C 1 6 ? 0.244   -2.035  9.791   0.50 15.71 ? 6    C   C C2    1 
ATOM   410 O  O2    . C   C 1 6 ? 1.331   -2.067  10.393  0.50 16.25 ? 6    C   C O2    1 
ATOM   411 N  N3    . C   C 1 6 ? 0.122   -2.311  8.476   0.50 15.44 ? 6    C   C N3    1 
ATOM   412 C  C4    . C   C 1 6 ? -1.077  -2.255  7.887   0.50 14.11 ? 6    C   C C4    1 
ATOM   413 N  N4    . C   C 1 6 ? -1.112  -2.543  6.579   0.50 19.57 ? 6    C   C N4    1 
ATOM   414 C  C5    . C   C 1 6 ? -2.254  -1.912  8.607   0.50 12.77 ? 6    C   C C5    1 
ATOM   415 C  C6    . C   C 1 6 ? -2.124  -1.640  9.926   0.50 14.23 ? 6    C   C C6    1 
ATOM   416 P  P     . C   C 1 7 ? -0.840  3.325   12.200  0.50 12.26 ? 7    C   C P     1 
ATOM   417 O  OP1   . C   C 1 7 ? -0.851  4.415   13.219  0.50 14.36 ? 7    C   C OP1   1 
ATOM   418 O  OP2   . C   C 1 7 ? -1.803  3.342   11.080  0.50 10.66 ? 7    C   C OP2   1 
ATOM   419 O  "O5'" . C   C 1 7 ? 0.602   3.194   11.575  0.50 10.54 ? 7    C   C "O5'" 1 
ATOM   420 C  "C5'" . C   C 1 7 ? 1.804   3.205   12.379  0.50 11.93 ? 7    C   C "C5'" 1 
ATOM   421 C  "C4'" . C   C 1 7 ? 3.018   2.952   11.473  0.50 12.22 ? 7    C   C "C4'" 1 
ATOM   422 O  "O4'" . C   C 1 7 ? 2.900   1.616   10.892  0.50 12.74 ? 7    C   C "O4'" 1 
ATOM   423 C  "C3'" . C   C 1 7 ? 3.201   3.819   10.277  0.50 11.96 ? 7    C   C "C3'" 1 
ATOM   424 O  "O3'" . C   C 1 7 ? 3.750   5.088   10.676  0.50 13.70 ? 7    C   C "O3'" 1 
ATOM   425 C  "C2'" . C   C 1 7 ? 4.144   3.017   9.461   0.50 13.50 ? 7    C   C "C2'" 1 
ATOM   426 O  "O2'" . C   C 1 7 ? 5.465   3.109   9.940   0.50 13.98 ? 7    C   C "O2'" 1 
ATOM   427 C  "C1'" . C   C 1 7 ? 3.563   1.622   9.651   0.50 14.79 ? 7    C   C "C1'" 1 
ATOM   428 N  N1    . C   C 1 7 ? 2.610   1.296   8.576   0.50 10.86 ? 7    C   C N1    1 
ATOM   429 C  C2    . C   C 1 7 ? 3.124   0.732   7.402   0.50 14.20 ? 7    C   C C2    1 
ATOM   430 O  O2    . C   C 1 7 ? 4.345   0.527   7.334   0.50 15.46 ? 7    C   C O2    1 
ATOM   431 N  N3    . C   C 1 7 ? 2.269   0.427   6.399   0.50 12.94 ? 7    C   C N3    1 
ATOM   432 C  C4    . C   C 1 7 ? 0.967   0.665   6.523   0.50 14.88 ? 7    C   C C4    1 
ATOM   433 N  N4    . C   C 1 7 ? 0.203   0.330   5.475   0.50 19.84 ? 7    C   C N4    1 
ATOM   434 C  C5    . C   C 1 7 ? 0.420   1.243   7.704   0.50 15.54 ? 7    C   C C5    1 
ATOM   435 C  C6    . C   C 1 7 ? 1.275   1.546   8.697   0.50 13.72 ? 7    C   C C6    1 
ATOM   436 O  "O5'" . G   D 2 1 ? 4.762   -4.815  -2.256  0.50 15.15 ? 8    G   D "O5'" 1 
ATOM   437 C  "C5'" . G   D 2 1 ? 6.189   -4.945  -2.421  0.50 13.11 ? 8    G   D "C5'" 1 
ATOM   438 C  "C4'" . G   D 2 1 ? 6.894   -4.054  -1.389  0.50 13.94 ? 8    G   D "C4'" 1 
ATOM   439 O  "O4'" . G   D 2 1 ? 6.248   -2.750  -1.344  0.50 12.73 ? 8    G   D "O4'" 1 
ATOM   440 C  "C3'" . G   D 2 1 ? 6.850   -4.492  0.034   0.50 13.39 ? 8    G   D "C3'" 1 
ATOM   441 O  "O3'" . G   D 2 1 ? 7.788   -5.573  0.200   0.50 12.39 ? 8    G   D "O3'" 1 
ATOM   442 C  "C2'" . G   D 2 1 ? 7.224   -3.249  0.731   0.50 12.91 ? 8    G   D "C2'" 1 
ATOM   443 O  "O2'" . G   D 2 1 ? 8.592   -2.950  0.602   0.50 11.96 ? 8    G   D "O2'" 1 
ATOM   444 C  "C1'" . G   D 2 1 ? 6.367   -2.237  -0.029  0.50 12.45 ? 8    G   D "C1'" 1 
ATOM   445 N  N9    . G   D 2 1 ? 5.026   -2.053  0.525   0.50 13.31 ? 8    G   D N9    1 
ATOM   446 C  C8    . G   D 2 1 ? 3.825   -2.356  -0.076  0.50 12.41 ? 8    G   D C8    1 
ATOM   447 N  N7    . G   D 2 1 ? 2.781   -2.084  0.651   0.50 13.90 ? 8    G   D N7    1 
ATOM   448 C  C5    . G   D 2 1 ? 3.326   -1.563  1.818   0.50 13.63 ? 8    G   D C5    1 
ATOM   449 C  C6    . G   D 2 1 ? 2.656   -1.094  2.977   0.50 14.21 ? 8    G   D C6    1 
ATOM   450 O  O6    . G   D 2 1 ? 1.434   -1.053  3.183   0.50 17.33 ? 8    G   D O6    1 
ATOM   451 N  N1    . G   D 2 1 ? 3.544   -0.646  3.940   0.50 12.83 ? 8    G   D N1    1 
ATOM   452 C  C2    . G   D 2 1 ? 4.913   -0.657  3.791   0.50 12.67 ? 8    G   D C2    1 
ATOM   453 N  N2    . G   D 2 1 ? 5.570   -0.173  4.863   0.50 15.77 ? 8    G   D N2    1 
ATOM   454 N  N3    . G   D 2 1 ? 5.549   -1.093  2.717   0.50 14.35 ? 8    G   D N3    1 
ATOM   455 C  C4    . G   D 2 1 ? 4.701   -1.534  1.761   0.50 11.43 ? 8    G   D C4    1 
ATOM   456 P  P     . G   D 2 2 ? 7.643   -6.738  1.256   0.50 13.00 ? 9    G   D P     1 
ATOM   457 O  OP1   . G   D 2 2 ? 8.797   -7.629  0.993   0.50 13.68 ? 9    G   D OP1   1 
ATOM   458 O  OP2   . G   D 2 2 ? 6.262   -7.236  1.265   0.50 12.04 ? 9    G   D OP2   1 
ATOM   459 O  "O5'" . G   D 2 2 ? 7.855   -6.010  2.631   0.50 12.14 ? 9    G   D "O5'" 1 
ATOM   460 C  "C5'" . G   D 2 2 ? 9.164   -5.539  3.039   0.50 11.54 ? 9    G   D "C5'" 1 
ATOM   461 C  "C4'" . G   D 2 2 ? 8.936   -4.764  4.343   0.50 12.52 ? 9    G   D "C4'" 1 
ATOM   462 O  "O4'" . G   D 2 2 ? 8.061   -3.632  4.078   0.50 13.10 ? 9    G   D "O4'" 1 
ATOM   463 C  "C3'" . G   D 2 2 ? 8.231   -5.475  5.449   0.50 13.19 ? 9    G   D "C3'" 1 
ATOM   464 O  "O3'" . G   D 2 2 ? 9.116   -6.428  6.059   0.50 13.27 ? 9    G   D "O3'" 1 
ATOM   465 C  "C2'" . G   D 2 2 ? 7.876   -4.328  6.322   0.50 14.31 ? 9    G   D "C2'" 1 
ATOM   466 O  "O2'" . G   D 2 2 ? 8.987   -3.785  6.985   0.50 15.29 ? 9    G   D "O2'" 1 
ATOM   467 C  "C1'" . G   D 2 2 ? 7.328   -3.380  5.270   0.50 12.76 ? 9    G   D "C1'" 1 
ATOM   468 N  N9    . G   D 2 2 ? 5.912   -3.599  4.988   0.50 13.28 ? 9    G   D N9    1 
ATOM   469 C  C8    . G   D 2 2 ? 5.365   -4.143  3.845   0.50 14.64 ? 9    G   D C8    1 
ATOM   470 N  N7    . G   D 2 2 ? 4.060   -4.212  3.885   0.50 15.27 ? 9    G   D N7    1 
ATOM   471 C  C5    . G   D 2 2 ? 3.715   -3.686  5.119   0.50 13.49 ? 9    G   D C5    1 
ATOM   472 C  C6    . G   D 2 2 ? 2.459   -3.490  5.749   0.50 13.45 ? 9    G   D C6    1 
ATOM   473 O  O6    . G   D 2 2 ? 1.325   -3.755  5.319   0.50 15.37 ? 9    G   D O6    1 
ATOM   474 N  N1    . G   D 2 2 ? 2.585   -2.916  7.020   0.50 12.91 ? 9    G   D N1    1 
ATOM   475 C  C2    . G   D 2 2 ? 3.772   -2.572  7.617   0.50 12.98 ? 9    G   D C2    1 
ATOM   476 N  N2    . G   D 2 2 ? 3.753   -2.029  8.842   0.50 16.87 ? 9    G   D N2    1 
ATOM   477 N  N3    . G   D 2 2 ? 4.935   -2.757  7.027   0.50 14.96 ? 9    G   D N3    1 
ATOM   478 C  C4    . G   D 2 2 ? 4.849   -3.306  5.804   0.50 13.36 ? 9    G   D C4    1 
ATOM   479 P  P     . G   D 2 3 ? 8.510   -7.706  6.761   0.50 13.53 ? 10   G   D P     1 
ATOM   480 O  OP1   . G   D 2 3 ? 9.699   -8.496  7.206   0.50 14.02 ? 10   G   D OP1   1 
ATOM   481 O  OP2   . G   D 2 3 ? 7.500   -8.328  5.856   0.50 15.47 ? 10   G   D OP2   1 
ATOM   482 O  "O5'" . G   D 2 3 ? 7.686   -7.190  7.973   0.50 13.76 ? 10   G   D "O5'" 1 
ATOM   483 C  "C5'" . G   D 2 3 ? 8.445   -6.830  9.155   0.50 13.93 ? 10   G   D "C5'" 1 
ATOM   484 C  "C4'" . G   D 2 3 ? 7.406   -6.535  10.238  0.50 14.10 ? 10   G   D "C4'" 1 
ATOM   485 O  "O4'" . G   D 2 3 ? 6.584   -5.406  9.789   0.50 12.55 ? 10   G   D "O4'" 1 
ATOM   486 C  "C3'" . G   D 2 3 ? 6.378   -7.562  10.552  0.50 12.70 ? 10   G   D "C3'" 1 
ATOM   487 O  "O3'" . G   D 2 3 ? 6.985   -8.638  11.298  0.50 14.28 ? 10   G   D "O3'" 1 
ATOM   488 C  "C2'" . G   D 2 3 ? 5.432   -6.740  11.336  0.50 11.05 ? 10   G   D "C2'" 1 
ATOM   489 O  "O2'" . G   D 2 3 ? 5.936   -6.423  12.594  0.50 14.15 ? 10   G   D "O2'" 1 
ATOM   490 C  "C1'" . G   D 2 3 ? 5.341   -5.503  10.430  0.50 12.63 ? 10   G   D "C1'" 1 
ATOM   491 N  N9    . G   D 2 3 ? 4.271   -5.684  9.466   0.50 11.30 ? 10   G   D N9    1 
ATOM   492 C  C8    . G   D 2 3 ? 4.331   -6.005  8.141   0.50 13.15 ? 10   G   D C8    1 
ATOM   493 N  N7    . G   D 2 3 ? 3.151   -6.085  7.588   0.50 14.23 ? 10   G   D N7    1 
ATOM   494 C  C5    . G   D 2 3 ? 2.259   -5.800  8.616   0.50 13.37 ? 10   G   D C5    1 
ATOM   495 C  C6    . G   D 2 3 ? 0.846   -5.730  8.655   0.50 10.85 ? 10   G   D C6    1 
ATOM   496 O  O6    . G   D 2 3 ? 0.028   -5.910  7.747   0.50 13.30 ? 10   G   D O6    1 
ATOM   497 N  N1    . G   D 2 3 ? 0.350   -5.406  9.914   0.50 10.84 ? 10   G   D N1    1 
ATOM   498 C  C2    . G   D 2 3 ? 1.124   -5.174  11.022  0.50 9.60  ? 10   G   D C2    1 
ATOM   499 N  N2    . G   D 2 3 ? 0.481   -4.875  12.164  0.50 10.27 ? 10   G   D N2    1 
ATOM   500 N  N3    . G   D 2 3 ? 2.447   -5.237  11.008  0.50 12.74 ? 10   G   D N3    1 
ATOM   501 C  C4    . G   D 2 3 ? 2.934   -5.549  9.788   0.50 12.12 ? 10   G   D C4    1 
ATOM   502 P  P     . G   D 2 4 ? 6.373   -10.083 11.090  0.50 13.98 ? 11   G   D P     1 
ATOM   503 O  OP1   . G   D 2 4 ? 7.262   -11.037 11.806  0.50 17.84 ? 11   G   D OP1   1 
ATOM   504 O  OP2   . G   D 2 4 ? 6.146   -10.213 9.620   0.50 17.96 ? 11   G   D OP2   1 
ATOM   505 O  "O5'" . G   D 2 4 ? 4.987   -10.033 11.821  0.50 14.30 ? 11   G   D "O5'" 1 
ATOM   506 C  "C5'" . G   D 2 4 ? 4.934   -9.738  13.233  0.50 12.19 ? 11   G   D "C5'" 1 
ATOM   507 C  "C4'" . G   D 2 4 ? 3.478   -9.597  13.679  0.50 11.30 ? 11   G   D "C4'" 1 
ATOM   508 O  "O4'" . G   D 2 4 ? 2.851   -8.471  12.985  0.50 10.34 ? 11   G   D "O4'" 1 
ATOM   509 C  "C3'" . G   D 2 4 ? 2.525   -10.709 13.375  0.50 12.90 ? 11   G   D "C3'" 1 
ATOM   510 O  "O3'" . G   D 2 4 ? 2.786   -11.813 14.246  0.50 10.93 ? 11   G   D "O3'" 1 
ATOM   511 C  "C2'" . G   D 2 4 ? 1.240   -10.032 13.647  0.50 11.86 ? 11   G   D "C2'" 1 
ATOM   512 O  "O2'" . G   D 2 4 ? 1.050   -9.794  15.021  0.50 11.46 ? 11   G   D "O2'" 1 
ATOM   513 C  "C1'" . G   D 2 4 ? 1.461   -8.740  12.874  0.50 9.28  ? 11   G   D "C1'" 1 
ATOM   514 N  N9    . G   D 2 4 ? 1.108   -8.859  11.464  0.50 9.90  ? 11   G   D N9    1 
ATOM   515 C  C8    . G   D 2 4 ? 1.952   -9.158  10.422  0.50 11.05 ? 11   G   D C8    1 
ATOM   516 N  N7    . G   D 2 4 ? 1.376   -9.203  9.252   0.50 11.77 ? 11   G   D N7    1 
ATOM   517 C  C5    . G   D 2 4 ? 0.045   -8.914  9.527   0.50 11.41 ? 11   G   D C5    1 
ATOM   518 C  C6    . G   D 2 4 ? -1.078  -8.812  8.671   0.50 10.03 ? 11   G   D C6    1 
ATOM   519 O  O6    . G   D 2 4 ? -1.129  -8.963  7.445   0.50 10.39 ? 11   G   D O6    1 
ATOM   520 N  N1    . G   D 2 4 ? -2.246  -8.496  9.367   0.50 9.97  ? 11   G   D N1    1 
ATOM   521 C  C2    . G   D 2 4 ? -2.306  -8.304  10.726  0.50 10.21 ? 11   G   D C2    1 
ATOM   522 N  N2    . G   D 2 4 ? -3.515  -8.005  11.241  0.50 9.74  ? 11   G   D N2    1 
ATOM   523 N  N3    . G   D 2 4 ? -1.264  -8.397  11.531  0.50 10.47 ? 11   G   D N3    1 
ATOM   524 C  C4    . G   D 2 4 ? -0.124  -8.702  10.882  0.50 10.27 ? 11   G   D C4    1 
ATOM   525 P  P     . C   D 2 5 ? 2.330   -13.287 13.892  0.50 11.52 ? 12   C   D P     1 
ATOM   526 O  OP1   . C   D 2 5 ? 2.787   -14.101 15.046  0.50 12.45 ? 12   C   D OP1   1 
ATOM   527 O  OP2   . C   D 2 5 ? 2.820   -13.600 12.530  0.50 16.37 ? 12   C   D OP2   1 
ATOM   528 O  "O5'" . C   D 2 5 ? 0.759   -13.258 13.904  0.50 13.46 ? 12   C   D "O5'" 1 
ATOM   529 C  "C5'" . C   D 2 5 ? -0.068  -12.993 15.071  0.50 13.09 ? 12   C   D "C5'" 1 
ATOM   530 C  "C4'" . C   D 2 5 ? -1.481  -12.659 14.567  0.50 11.91 ? 12   C   D "C4'" 1 
ATOM   531 O  "O4'" . C   D 2 5 ? -1.375  -11.643 13.532  0.50 10.56 ? 12   C   D "O4'" 1 
ATOM   532 C  "C3'" . C   D 2 5 ? -2.260  -13.732 13.890  0.50 11.30 ? 12   C   D "C3'" 1 
ATOM   533 O  "O3'" . C   D 2 5 ? -2.811  -14.605 14.901  0.50 11.17 ? 12   C   D "O3'" 1 
ATOM   534 C  "C2'" . C   D 2 5 ? -3.276  -12.960 13.140  0.50 11.66 ? 12   C   D "C2'" 1 
ATOM   535 O  "O2'" . C   D 2 5 ? -4.323  -12.498 13.957  0.50 13.10 ? 12   C   D "O2'" 1 
ATOM   536 C  "C1'" . C   D 2 5 ? -2.441  -11.791 12.620  0.50 10.53 ? 12   C   D "C1'" 1 
ATOM   537 N  N1    . C   D 2 5 ? -1.887  -11.994 11.261  0.50 7.95  ? 12   C   D N1    1 
ATOM   538 C  C2    . C   D 2 5 ? -2.770  -11.873 10.181  0.50 7.29  ? 12   C   D C2    1 
ATOM   539 O  O2    . C   D 2 5 ? -3.951  -11.606 10.420  0.50 7.77  ? 12   C   D O2    1 
ATOM   540 N  N3    . C   D 2 5 ? -2.330  -12.044 8.908   0.50 8.23  ? 12   C   D N3    1 
ATOM   541 C  C4    . C   D 2 5 ? -1.046  -12.340 8.693   0.50 11.31 ? 12   C   D C4    1 
ATOM   542 N  N4    . C   D 2 5 ? -0.683  -12.498 7.412   0.50 9.56  ? 12   C   D N4    1 
ATOM   543 C  C5    . C   D 2 5 ? -0.116  -12.470 9.766   0.50 12.11 ? 12   C   D C5    1 
ATOM   544 C  C6    . C   D 2 5 ? -0.580  -12.290 11.018  0.50 13.04 ? 12   C   D C6    1 
ATOM   545 P  P     . U   D 2 6 ? -3.229  -16.092 14.540  0.50 11.76 ? 13   U   D P     1 
ATOM   546 O  OP1   . U   D 2 6 ? -3.570  -16.746 15.808  0.50 13.65 ? 13   U   D OP1   1 
ATOM   547 O  OP2   . U   D 2 6 ? -2.155  -16.618 13.644  0.50 12.95 ? 13   U   D OP2   1 
ATOM   548 O  "O5'" . U   D 2 6 ? -4.531  -15.947 13.680  0.50 10.82 ? 13   U   D "O5'" 1 
ATOM   549 C  "C5'" . U   D 2 6 ? -5.794  -15.462 14.204  0.50 12.87 ? 13   U   D "C5'" 1 
ATOM   550 C  "C4'" . U   D 2 6 ? -6.848  -15.672 13.108  0.50 13.44 ? 13   U   D "C4'" 1 
ATOM   551 O  "O4'" . U   D 2 6 ? -6.725  -14.627 12.101  0.50 12.73 ? 13   U   D "O4'" 1 
ATOM   552 C  "C3'" . U   D 2 6 ? -6.738  -16.931 12.322  0.50 14.70 ? 13   U   D "C3'" 1 
ATOM   553 O  "O3'" . U   D 2 6 ? -7.257  -18.011 13.123  0.50 17.62 ? 13   U   D "O3'" 1 
ATOM   554 C  "C2'" . U   D 2 6 ? -7.550  -16.613 11.126  0.50 11.49 ? 13   U   D "C2'" 1 
ATOM   555 O  "O2'" . U   D 2 6 ? -8.935  -16.653 11.380  0.50 17.04 ? 13   U   D "O2'" 1 
ATOM   556 C  "C1'" . U   D 2 6 ? -7.061  -15.190 10.851  0.50 12.20 ? 13   U   D "C1'" 1 
ATOM   557 N  N1    . U   D 2 6 ? -5.878  -15.151 9.977   0.50 12.15 ? 13   U   D N1    1 
ATOM   558 C  C2    . U   D 2 6 ? -6.146  -15.065 8.618   0.50 11.38 ? 13   U   D C2    1 
ATOM   559 O  O2    . U   D 2 6 ? -7.291  -15.026 8.217   0.50 14.69 ? 13   U   D O2    1 
ATOM   560 N  N3    . U   D 2 6 ? -5.057  -15.026 7.786   0.50 12.18 ? 13   U   D N3    1 
ATOM   561 C  C4    . U   D 2 6 ? -3.733  -15.071 8.186   0.50 11.80 ? 13   U   D C4    1 
ATOM   562 O  O4    . U   D 2 6 ? -2.845  -15.028 7.337   0.50 12.57 ? 13   U   D O4    1 
ATOM   563 C  C5    . U   D 2 6 ? -3.523  -15.162 9.601   0.50 13.21 ? 13   U   D C5    1 
ATOM   564 C  C6    . U   D 2 6 ? -4.585  -15.197 10.423  0.50 12.91 ? 13   U   D C6    1 
ATOM   565 P  P     . A   D 2 7 ? -6.850  -19.533 13.008  0.50 13.56 ? 14   A   D P     1 
ATOM   566 O  OP1   . A   D 2 7 ? -7.611  -20.211 14.100  0.50 12.54 ? 14   A   D OP1   1 
ATOM   567 O  OP2   . A   D 2 7 ? -5.399  -19.676 12.935  0.50 18.33 ? 14   A   D OP2   1 
ATOM   568 O  "O5'" . A   D 2 7 ? -7.464  -19.970 11.612  0.50 12.46 ? 14   A   D "O5'" 1 
ATOM   569 C  "C5'" . A   D 2 7 ? -8.891  -20.054 11.442  0.50 13.24 ? 14   A   D "C5'" 1 
ATOM   570 C  "C4'" . A   D 2 7 ? -9.180  -20.189 9.938   0.50 12.65 ? 14   A   D "C4'" 1 
ATOM   571 O  "O4'" . A   D 2 7 ? -8.688  -19.006 9.244   0.50 14.08 ? 14   A   D "O4'" 1 
ATOM   572 C  "C3'" . A   D 2 7 ? -8.512  -21.293 9.201   0.50 14.79 ? 14   A   D "C3'" 1 
ATOM   573 O  "O3'" . A   D 2 7 ? -9.236  -22.508 9.472   0.50 12.78 ? 14   A   D "O3'" 1 
ATOM   574 C  "C2'" . A   D 2 7 ? -8.617  -20.872 7.789   0.50 13.65 ? 14   A   D "C2'" 1 
ATOM   575 O  "O2'" . A   D 2 7 ? -9.883  -21.194 7.249   0.50 16.30 ? 14   A   D "O2'" 1 
ATOM   576 C  "C1'" . A   D 2 7 ? -8.419  -19.369 7.910   0.50 14.05 ? 14   A   D "C1'" 1 
ATOM   577 N  N9    . A   D 2 7 ? -7.038  -19.022 7.574   0.50 13.95 ? 14   A   D N9    1 
ATOM   578 C  C8    . A   D 2 7 ? -6.005  -18.873 8.464   0.50 17.39 ? 14   A   D C8    1 
ATOM   579 N  N7    . A   D 2 7 ? -4.870  -18.565 7.895   0.50 13.35 ? 14   A   D N7    1 
ATOM   580 C  C5    . A   D 2 7 ? -5.176  -18.510 6.542   0.50 11.57 ? 14   A   D C5    1 
ATOM   581 C  C6    . A   D 2 7 ? -4.378  -18.226 5.424   0.50 13.37 ? 14   A   D C6    1 
ATOM   582 N  N6    . A   D 2 7 ? -3.073  -17.939 5.527   0.50 12.32 ? 14   A   D N6    1 
ATOM   583 N  N1    . A   D 2 7 ? -4.970  -18.247 4.203   0.50 15.52 ? 14   A   D N1    1 
ATOM   584 C  C2    . A   D 2 7 ? -6.271  -18.537 4.150   0.50 15.90 ? 14   A   D C2    1 
ATOM   585 N  N3    . A   D 2 7 ? -7.122  -18.820 5.133   0.50 13.62 ? 14   A   D N3    1 
ATOM   586 C  C4    . A   D 2 7 ? -6.512  -18.793 6.327   0.50 14.27 ? 14   A   D C4    1 
HETATM 587 SR SR    . SR  E 3 . ? 12.926  -2.805  -1.773  0.50 12.79 ? 101  SR  A SR    1 
HETATM 588 NA NA    . NA  F 4 . ? -0.027  8.602   -2.885  0.50 24.48 ? 102  NA  A NA    1 
HETATM 589 O  O     . HOH G 5 . ? 0.070   -2.999  -10.537 1.00 17.57 ? 1002 HOH A O     1 
HETATM 590 O  O     . HOH G 5 . ? 10.190  0.466   0.282   1.00 18.61 ? 1007 HOH A O     1 
HETATM 591 O  O     . HOH G 5 . ? 9.592   -5.705  -3.456  1.00 23.64 ? 1009 HOH A O     1 
HETATM 592 O  O     . HOH G 5 . ? 5.902   -2.667  -13.418 1.00 26.18 ? 1010 HOH A O     1 
HETATM 593 O  O     . HOH G 5 . ? -0.019  1.145   -5.040  1.00 32.33 ? 1015 HOH A O     1 
HETATM 594 O  O     . HOH G 5 . ? -4.985  10.906  -12.692 1.00 23.15 ? 1018 HOH A O     1 
HETATM 595 O  O     . HOH G 5 . ? 4.400   -2.305  -6.027  1.00 26.97 ? 1026 HOH A O     1 
HETATM 596 O  O     . HOH G 5 . ? -4.906  5.184   -5.736  1.00 26.36 ? 1030 HOH A O     1 
HETATM 597 O  O     . HOH G 5 . ? 10.227  -6.072  -6.891  1.00 35.56 ? 1031 HOH A O     1 
HETATM 598 O  O     . HOH G 5 . ? -4.453  -2.462  -10.818 1.00 36.47 ? 1033 HOH A O     1 
HETATM 599 O  O     . HOH G 5 . ? 10.494  3.169   0.703   1.00 34.09 ? 1036 HOH A O     1 
HETATM 600 O  O     . HOH G 5 . ? -2.465  1.494   -5.604  1.00 37.79 ? 1044 HOH A O     1 
HETATM 601 O  O     . HOH G 5 . ? 6.502   -0.366  -14.244 1.00 33.74 ? 1049 HOH A O     1 
HETATM 602 O  O     . HOH G 5 . ? -7.029  12.557  -11.624 1.00 34.25 ? 1052 HOH A O     1 
HETATM 603 O  O     . HOH G 5 . ? 1.577   -1.359  -3.653  1.00 29.53 ? 1054 HOH A O     1 
HETATM 604 O  O     . HOH G 5 . ? -3.666  5.346   -1.370  1.00 40.71 ? 1062 HOH A O     1 
HETATM 605 O  O     . HOH G 5 . ? -6.002  5.937   -0.916  1.00 50.30 ? 1067 HOH A O     1 
HETATM 606 O  O     . HOH G 5 . ? -0.417  14.677  -3.298  1.00 51.69 ? 1071 HOH A O     1 
HETATM 607 O  O     . HOH G 5 . ? -0.448  4.728   -3.226  1.00 41.77 ? 1073 HOH A O     1 
HETATM 608 O  O     . HOH G 5 . ? 0.182   -5.768  -9.821  1.00 53.41 ? 1080 HOH A O     1 
HETATM 609 O  O     . HOH H 5 . ? -2.183  14.686  -17.438 1.00 18.17 ? 1003 HOH B O     1 
HETATM 610 O  O     . HOH H 5 . ? -8.500  20.274  -15.212 1.00 22.41 ? 1004 HOH B O     1 
HETATM 611 O  O     . HOH H 5 . ? 13.065  10.085  -4.983  1.00 28.87 ? 1006 HOH B O     1 
HETATM 612 O  O     . HOH H 5 . ? 11.536  14.606  -9.142  1.00 23.39 ? 1013 HOH B O     1 
HETATM 613 O  O     . HOH H 5 . ? 2.290   17.795  -10.505 1.00 25.45 ? 1014 HOH B O     1 
HETATM 614 O  O     . HOH H 5 . ? 6.125   13.585  -5.556  1.00 28.76 ? 1016 HOH B O     1 
HETATM 615 O  O     . HOH H 5 . ? 7.414   3.515   5.276   1.00 41.08 ? 1021 HOH B O     1 
HETATM 616 O  O     . HOH H 5 . ? 7.608   9.529   -13.288 1.00 25.69 ? 1023 HOH B O     1 
HETATM 617 O  O     . HOH H 5 . ? 0.751   5.301   -1.341  1.00 38.11 ? 1024 HOH B O     1 
HETATM 618 O  O     . HOH H 5 . ? 2.246   7.068   -2.589  1.00 33.59 ? 1025 HOH B O     1 
HETATM 619 O  O     . HOH H 5 . ? 11.760  14.410  -6.244  1.00 27.85 ? 1027 HOH B O     1 
HETATM 620 O  O     . HOH H 5 . ? 0.283   14.867  -18.637 1.00 29.94 ? 1028 HOH B O     1 
HETATM 621 O  O     . HOH H 5 . ? 2.353   17.179  -20.185 1.00 41.57 ? 1035 HOH B O     1 
HETATM 622 O  O     . HOH H 5 . ? -6.136  20.376  -16.880 1.00 39.93 ? 1037 HOH B O     1 
HETATM 623 O  O     . HOH H 5 . ? 8.003   7.287   -12.685 1.00 35.51 ? 1039 HOH B O     1 
HETATM 624 O  O     . HOH H 5 . ? -6.926  13.892  -14.144 1.00 30.95 ? 1041 HOH B O     1 
HETATM 625 O  O     . HOH H 5 . ? 5.105   9.476   -15.908 1.00 46.91 ? 1046 HOH B O     1 
HETATM 626 O  O     . HOH H 5 . ? 3.942   8.529   -0.972  1.00 27.73 ? 1047 HOH B O     1 
HETATM 627 O  O     . HOH H 5 . ? 1.478   9.225   -1.411  1.00 15.28 ? 1056 HOH B O     1 
HETATM 628 O  O     . HOH H 5 . ? 1.068   8.714   -13.343 1.00 40.71 ? 1058 HOH B O     1 
HETATM 629 O  O     . HOH H 5 . ? 2.345   8.743   0.663   1.00 33.59 ? 1059 HOH B O     1 
HETATM 630 O  O     . HOH H 5 . ? 4.550   15.613  -8.926  1.00 31.65 ? 1060 HOH B O     1 
HETATM 631 O  O     . HOH H 5 . ? -0.903  10.174  -1.433  1.00 48.36 ? 1063 HOH B O     1 
HETATM 632 O  O     . HOH H 5 . ? 10.103  13.107  0.134   1.00 45.25 ? 1065 HOH B O     1 
HETATM 633 O  O     . HOH H 5 . ? 2.286   17.443  -17.901 1.00 56.74 ? 1068 HOH B O     1 
HETATM 634 O  O     . HOH H 5 . ? 3.897   19.343  -14.965 1.00 42.54 ? 1069 HOH B O     1 
HETATM 635 O  O     . HOH H 5 . ? 2.828   21.083  -12.601 1.00 40.65 ? 1072 HOH B O     1 
HETATM 636 O  O     . HOH H 5 . ? 1.003   10.777  2.886   1.00 52.57 ? 1074 HOH B O     1 
HETATM 637 O  O     . HOH H 5 . ? 6.380   8.518   -11.627 1.00 36.51 ? 1079 HOH B O     1 
HETATM 638 O  O     A HOH H 5 . ? -8.191  18.204  -16.162 0.50 37.82 ? 1081 HOH B O     1 
HETATM 639 O  O     A HOH H 5 . ? -2.817  17.733  -17.887 0.50 25.67 ? 1082 HOH B O     1 
HETATM 640 O  O     A HOH H 5 . ? 10.123  11.632  2.477   0.50 30.81 ? 1083 HOH B O     1 
HETATM 641 O  O     A HOH H 5 . ? 1.261   8.848   -3.661  0.50 20.13 ? 1084 HOH B O     1 
HETATM 642 O  O     . HOH I 5 . ? -3.193  1.769   8.950   1.00 19.22 ? 1005 HOH C O     1 
HETATM 643 O  O     . HOH I 5 . ? -2.374  -5.132  12.976  1.00 19.64 ? 1008 HOH C O     1 
HETATM 644 O  O     . HOH I 5 . ? -1.626  5.496   9.263   1.00 24.77 ? 1017 HOH C O     1 
HETATM 645 O  O     . HOH I 5 . ? -2.419  0.586   4.938   1.00 34.22 ? 1019 HOH C O     1 
HETATM 646 O  O     . HOH I 5 . ? -7.306  -5.020  4.579   1.00 26.78 ? 1020 HOH C O     1 
HETATM 647 O  O     . HOH I 5 . ? -3.923  -9.575  1.732   1.00 28.39 ? 1029 HOH C O     1 
HETATM 648 O  O     . HOH I 5 . ? -6.971  -16.756 -5.659  1.00 15.61 ? 1045 HOH C O     1 
HETATM 649 O  O     . HOH I 5 . ? -6.049  -14.022 -6.496  1.00 36.33 ? 1051 HOH C O     1 
HETATM 650 O  O     . HOH I 5 . ? -7.004  -1.270  5.997   1.00 35.79 ? 1053 HOH C O     1 
HETATM 651 O  O     . HOH I 5 . ? -11.816 -3.386  3.880   1.00 33.72 ? 1057 HOH C O     1 
HETATM 652 O  O     . HOH I 5 . ? -5.180  -1.379  7.483   1.00 31.41 ? 1064 HOH C O     1 
HETATM 653 O  O     . HOH I 5 . ? -13.308 -2.636  2.300   1.00 41.14 ? 1066 HOH C O     1 
HETATM 654 O  O     . HOH I 5 . ? -2.187  -10.686 0.549   1.00 42.35 ? 1070 HOH C O     1 
HETATM 655 O  O     . HOH I 5 . ? -2.610  -2.645  4.547   1.00 52.03 ? 1077 HOH C O     1 
HETATM 656 O  O     . HOH I 5 . ? -1.941  -13.903 0.999   1.00 43.10 ? 1078 HOH C O     1 
HETATM 657 O  O     A HOH I 5 . ? -4.136  -11.612 2.815   0.50 21.77 ? 1085 HOH C O     1 
HETATM 658 O  O     . HOH J 5 . ? 9.925   -1.330  2.426   1.00 13.55 ? 1001 HOH D O     1 
HETATM 659 O  O     . HOH J 5 . ? 8.351   -0.108  4.383   1.00 22.22 ? 1011 HOH D O     1 
HETATM 660 O  O     . HOH J 5 . ? 4.259   -7.005  -0.654  1.00 35.12 ? 1012 HOH D O     1 
HETATM 661 O  O     . HOH J 5 . ? -9.493  -20.600 4.637   1.00 24.79 ? 1022 HOH D O     1 
HETATM 662 O  O     . HOH J 5 . ? 5.546   -8.335  3.420   1.00 33.73 ? 1032 HOH D O     1 
HETATM 663 O  O     . HOH J 5 . ? 9.598   -11.376 11.121  1.00 32.13 ? 1034 HOH D O     1 
HETATM 664 O  O     . HOH J 5 . ? 10.059  -8.924  2.409   1.00 47.93 ? 1038 HOH D O     1 
HETATM 665 O  O     . HOH J 5 . ? 1.785   -12.887 6.788   1.00 34.21 ? 1040 HOH D O     1 
HETATM 666 O  O     . HOH J 5 . ? 5.544   -0.665  10.523  1.00 34.99 ? 1042 HOH D O     1 
HETATM 667 O  O     . HOH J 5 . ? 0.556   -17.583 14.233  1.00 48.74 ? 1043 HOH D O     1 
HETATM 668 O  O     . HOH J 5 . ? 3.478   -4.224  -4.261  1.00 38.89 ? 1048 HOH D O     1 
HETATM 669 O  O     . HOH J 5 . ? 10.335  -9.103  11.540  1.00 29.89 ? 1050 HOH D O     1 
HETATM 670 O  O     . HOH J 5 . ? 12.520  -10.994 2.201   1.00 40.79 ? 1055 HOH D O     1 
HETATM 671 O  O     . HOH J 5 . ? 14.156  -9.276  2.649   1.00 33.10 ? 1061 HOH D O     1 
HETATM 672 O  O     . HOH J 5 . ? 5.272   -11.342 4.721   1.00 39.15 ? 1075 HOH D O     1 
HETATM 673 O  O     . HOH J 5 . ? -4.502  -20.146 14.998  1.00 43.90 ? 1076 HOH D O     1 
# 
loop_
_atom_site_anisotrop.id 
_atom_site_anisotrop.type_symbol 
_atom_site_anisotrop.pdbx_label_atom_id 
_atom_site_anisotrop.pdbx_label_alt_id 
_atom_site_anisotrop.pdbx_label_comp_id 
_atom_site_anisotrop.pdbx_label_asym_id 
_atom_site_anisotrop.pdbx_label_seq_id 
_atom_site_anisotrop.pdbx_PDB_ins_code 
_atom_site_anisotrop.U[1][1] 
_atom_site_anisotrop.U[2][2] 
_atom_site_anisotrop.U[3][3] 
_atom_site_anisotrop.U[1][2] 
_atom_site_anisotrop.U[1][3] 
_atom_site_anisotrop.U[2][3] 
_atom_site_anisotrop.pdbx_auth_seq_id 
_atom_site_anisotrop.pdbx_auth_comp_id 
_atom_site_anisotrop.pdbx_auth_asym_id 
_atom_site_anisotrop.pdbx_auth_atom_id 
1   O  "O5'" . U   A 1 ? 0.3117 0.3304 0.1977 0.1223  0.0399  0.0684  1    U   A "O5'" 
2   C  "C5'" . U   A 1 ? 0.3412 0.2737 0.1453 0.0548  0.0810  0.0164  1    U   A "C5'" 
3   C  "C4'" . U   A 1 ? 0.2872 0.1742 0.1732 0.0082  0.0700  0.0281  1    U   A "C4'" 
4   O  "O4'" . U   A 1 ? 0.2960 0.1456 0.1856 0.0191  0.0697  0.0121  1    U   A "O4'" 
5   C  "C3'" . U   A 1 ? 0.2904 0.1646 0.1661 0.0130  0.0557  0.0329  1    U   A "C3'" 
6   O  "O3'" . U   A 1 ? 0.2323 0.2204 0.1561 -0.0213 0.0844  -0.0180 1    U   A "O3'" 
7   C  "C2'" . U   A 1 ? 0.1990 0.1482 0.1992 0.0529  0.0106  0.0134  1    U   A "C2'" 
8   O  "O2'" . U   A 1 ? 0.1873 0.3010 0.2208 0.0177  0.0628  -0.0042 1    U   A "O2'" 
9   C  "C1'" . U   A 1 ? 0.3138 0.1556 0.1785 0.0066  0.0484  0.0264  1    U   A "C1'" 
10  N  N1    . U   A 1 ? 0.2829 0.1208 0.1396 0.0210  0.0190  0.0127  1    U   A N1    
11  C  C2    . U   A 1 ? 0.2136 0.0725 0.1539 -0.0013 -0.0064 0.0343  1    U   A C2    
12  O  O2    . U   A 1 ? 0.2201 0.2216 0.2171 0.0463  -0.0457 -0.0305 1    U   A O2    
13  N  N3    . U   A 1 ? 0.1972 0.1374 0.1509 0.0713  0.0129  0.0333  1    U   A N3    
14  C  C4    . U   A 1 ? 0.2096 0.0501 0.1620 0.0458  -0.0081 0.0325  1    U   A C4    
15  O  O4    . U   A 1 ? 0.2018 0.2173 0.2003 0.0316  -0.0126 0.0497  1    U   A O4    
16  C  C5    . U   A 1 ? 0.2819 0.1083 0.1475 0.0479  -0.0108 -0.0217 1    U   A C5    
17  C  C6    . U   A 1 ? 0.3095 0.1385 0.1164 0.0426  0.0109  -0.0173 1    U   A C6    
18  P  P     . A   A 2 ? 0.2349 0.2315 0.2368 -0.0478 0.0810  -0.0539 2    A   A P     
19  O  OP1   . A   A 2 ? 0.2497 0.2645 0.2423 -0.0865 -0.0448 0.0219  2    A   A OP1   
20  O  OP2   . A   A 2 ? 0.2493 0.1743 0.2954 -0.0419 0.0246  -0.1500 2    A   A OP2   
21  O  "O5'" . A   A 2 ? 0.2768 0.1903 0.2293 -0.0913 0.0501  -0.0791 2    A   A "O5'" 
22  C  "C5'" . A   A 2 ? 0.2143 0.1566 0.2480 -0.0560 0.0771  0.0244  2    A   A "C5'" 
23  C  "C4'" . A   A 2 ? 0.1836 0.1667 0.2359 -0.0483 0.0553  -0.0063 2    A   A "C4'" 
24  O  "O4'" . A   A 2 ? 0.2635 0.1603 0.2662 -0.0600 0.1400  -0.0141 2    A   A "O4'" 
25  C  "C3'" . A   A 2 ? 0.2003 0.1722 0.2528 0.0021  0.0460  0.0147  2    A   A "C3'" 
26  O  "O3'" . A   A 2 ? 0.2548 0.1831 0.2148 0.0142  -0.0110 0.0120  2    A   A "O3'" 
27  C  "C2'" . A   A 2 ? 0.2405 0.1603 0.2539 0.0289  0.0754  -0.0058 2    A   A "C2'" 
28  O  "O2'" . A   A 2 ? 0.2937 0.1906 0.2208 -0.0144 0.0531  0.0168  2    A   A "O2'" 
29  C  "C1'" . A   A 2 ? 0.2101 0.1702 0.2534 -0.0082 0.1033  -0.0080 2    A   A "C1'" 
30  N  N9    . A   A 2 ? 0.2066 0.1305 0.2155 0.0481  0.0743  0.0337  2    A   A N9    
31  C  C8    . A   A 2 ? 0.2767 0.0959 0.2035 0.0566  0.0692  0.0172  2    A   A C8    
32  N  N7    . A   A 2 ? 0.2375 0.1238 0.2346 0.1241  0.0278  0.0534  2    A   A N7    
33  C  C5    . A   A 2 ? 0.1979 0.0845 0.2477 0.0496  0.0387  0.0379  2    A   A C5    
34  C  C6    . A   A 2 ? 0.1971 0.0898 0.2485 0.0073  0.0120  0.0194  2    A   A C6    
35  N  N6    . A   A 2 ? 0.1713 0.2065 0.2982 0.0570  0.0108  0.1191  2    A   A N6    
36  N  N1    . A   A 2 ? 0.2218 0.0804 0.2462 -0.0002 0.0325  0.0080  2    A   A N1    
37  C  C2    . A   A 2 ? 0.1944 0.0789 0.1929 0.0283  0.0429  0.0378  2    A   A C2    
38  N  N3    . A   A 2 ? 0.2098 0.1254 0.1920 0.0398  0.0828  -0.0035 2    A   A N3    
39  C  C4    . A   A 2 ? 0.1920 0.1190 0.2063 0.0200  0.0606  0.0293  2    A   A C4    
40  P  P     . G   A 3 ? 0.2433 0.1665 0.2754 -0.0136 0.0296  0.0121  3    G   A P     
41  O  OP1   . G   A 3 ? 0.2726 0.1879 0.1113 -0.0562 0.0159  -0.0168 3    G   A OP1   
42  O  OP2   . G   A 3 ? 0.2048 0.1210 0.3983 -0.0131 0.0244  0.0104  3    G   A OP2   
43  O  "O5'" . G   A 3 ? 0.2086 0.2228 0.3345 -0.0137 0.1174  0.0461  3    G   A "O5'" 
44  C  "C5'" . G   A 3 ? 0.3745 0.1877 0.2625 -0.0935 0.0332  0.0229  3    G   A "C5'" 
45  C  "C4'" . G   A 3 ? 0.3802 0.1109 0.3201 -0.1078 0.1004  0.0072  3    G   A "C4'" 
46  O  "O4'" . G   A 3 ? 0.2011 0.1155 0.3904 -0.0728 0.0648  0.0002  3    G   A "O4'" 
47  C  "C3'" . G   A 3 ? 0.4211 0.1121 0.1901 -0.0479 0.0044  0.0268  3    G   A "C3'" 
48  O  "O3'" . G   A 3 ? 0.4763 0.1176 0.2182 -0.0819 0.0298  0.0001  3    G   A "O3'" 
49  C  "C2'" . G   A 3 ? 0.3719 0.1139 0.2202 -0.0314 0.0429  0.0181  3    G   A "C2'" 
50  O  "O2'" . G   A 3 ? 0.4751 0.1304 0.1718 0.0459  0.0480  0.0019  3    G   A "O2'" 
51  C  "C1'" . G   A 3 ? 0.1951 0.1130 0.2824 -0.0330 0.0362  0.0141  3    G   A "C1'" 
52  N  N9    . G   A 3 ? 0.1712 0.0890 0.2602 0.0341  0.0393  0.0019  3    G   A N9    
53  C  C8    . G   A 3 ? 0.1805 0.1558 0.2594 0.0232  0.0498  0.0157  3    G   A C8    
54  N  N7    . G   A 3 ? 0.1539 0.1145 0.2419 0.0569  0.0394  0.0464  3    G   A N7    
55  C  C5    . G   A 3 ? 0.1500 0.1016 0.2255 0.0506  0.0495  -0.0398 3    G   A C5    
56  C  C6    . G   A 3 ? 0.1607 0.1477 0.2003 0.0289  0.0484  -0.0311 3    G   A C6    
57  O  O6    . G   A 3 ? 0.2091 0.1553 0.2279 -0.0372 0.0008  0.0428  3    G   A O6    
58  N  N1    . G   A 3 ? 0.1779 0.1265 0.2029 0.0064  0.0501  -0.0524 3    G   A N1    
59  C  C2    . G   A 3 ? 0.2025 0.1894 0.2033 -0.0355 0.0384  -0.0013 3    G   A C2    
60  N  N2    . G   A 3 ? 0.2208 0.0680 0.1916 -0.0276 0.0440  -0.0664 3    G   A N2    
61  N  N3    . G   A 3 ? 0.2322 0.0789 0.2317 -0.0711 0.0317  -0.0075 3    G   A N3    
62  C  C4    . G   A 3 ? 0.1493 0.1184 0.2295 0.0428  0.0161  0.0447  3    G   A C4    
63  P  P     . C   A 4 ? 0.5874 0.1198 0.1844 -0.0332 -0.0158 0.0153  4    C   A P     
64  O  OP1   . C   A 4 ? 0.4981 0.1131 0.1808 -0.0464 0.0164  0.0580  4    C   A OP1   
65  O  OP2   . C   A 4 ? 0.8509 0.0844 0.1957 0.0071  -0.0853 -0.0213 4    C   A OP2   
66  O  "O5'" . C   A 4 ? 0.3656 0.2097 0.1898 -0.0686 -0.1226 -0.0440 4    C   A "O5'" 
67  C  "C5'" . C   A 4 ? 0.1642 0.2475 0.1744 0.0307  -0.1176 0.0039  4    C   A "C5'" 
68  C  "C4'" . C   A 4 ? 0.1642 0.1569 0.2817 0.0608  -0.0834 -0.0634 4    C   A "C4'" 
69  O  "O4'" . C   A 4 ? 0.2139 0.1440 0.1319 0.0642  -0.0355 -0.0348 4    C   A "O4'" 
70  C  "C3'" . C   A 4 ? 0.1882 0.1356 0.1806 0.0560  -0.0620 -0.0529 4    C   A "C3'" 
71  O  "O3'" . C   A 4 ? 0.2502 0.1460 0.1730 0.0639  -0.0355 -0.0636 4    C   A "O3'" 
72  C  "C2'" . C   A 4 ? 0.1576 0.1952 0.1755 0.0537  -0.0569 -0.0835 4    C   A "C2'" 
73  O  "O2'" . C   A 4 ? 0.2346 0.1558 0.1825 0.0473  -0.0313 -0.0881 4    C   A "O2'" 
74  C  "C1'" . C   A 4 ? 0.1941 0.1591 0.1702 0.0250  -0.0057 -0.0588 4    C   A "C1'" 
75  N  N1    . C   A 4 ? 0.1854 0.1609 0.1638 -0.0002 -0.0149 -0.0527 4    C   A N1    
76  C  C2    . C   A 4 ? 0.1665 0.0781 0.1483 0.0232  0.0057  -0.0136 4    C   A C2    
77  O  O2    . C   A 4 ? 0.2188 0.1444 0.1383 0.0100  0.0073  0.0202  4    C   A O2    
78  N  N3    . C   A 4 ? 0.1517 0.0785 0.1409 0.0113  -0.0046 0.0015  4    C   A N3    
79  C  C4    . C   A 4 ? 0.1247 0.1088 0.1463 0.0152  -0.0089 -0.0126 4    C   A C4    
80  N  N4    . C   A 4 ? 0.1175 0.1647 0.1468 -0.0285 0.0001  0.0103  4    C   A N4    
81  C  C5    . C   A 4 ? 0.1451 0.1146 0.1453 -0.0072 -0.0237 0.0124  4    C   A C5    
82  C  C6    . C   A 4 ? 0.2003 0.1214 0.1701 -0.0440 -0.0026 -0.0650 4    C   A C6    
83  P  P     . U   A 5 ? 0.1025 0.1455 0.1834 0.0001  0.0117  -0.0103 5    U   A P     
84  O  OP1   . U   A 5 ? 0.1374 0.1598 0.1702 0.0089  0.0306  -0.0320 5    U   A OP1   
85  O  OP2   . U   A 5 ? 0.1045 0.1818 0.1906 -0.0093 0.0003  -0.0552 5    U   A OP2   
86  O  "O5'" . U   A 5 ? 0.1221 0.1041 0.2391 0.0120  0.0360  -0.0297 5    U   A "O5'" 
87  C  "C5'" . U   A 5 ? 0.1168 0.1264 0.2410 0.0157  0.0495  -0.0853 5    U   A "C5'" 
88  C  "C4'" . U   A 5 ? 0.1116 0.1137 0.1947 0.0207  0.0285  -0.0276 5    U   A "C4'" 
89  O  "O4'" . U   A 5 ? 0.1892 0.1129 0.1638 0.0065  -0.0236 -0.0259 5    U   A "O4'" 
90  C  "C3'" . U   A 5 ? 0.1652 0.0954 0.1428 -0.0153 0.0485  0.0086  5    U   A "C3'" 
91  O  "O3'" . U   A 5 ? 0.1147 0.0976 0.1660 0.0002  0.0410  -0.0008 5    U   A "O3'" 
92  C  "C2'" . U   A 5 ? 0.1298 0.1105 0.1795 0.0010  0.0351  0.0046  5    U   A "C2'" 
93  O  "O2'" . U   A 5 ? 0.1384 0.1425 0.2280 -0.0006 0.0704  -0.0197 5    U   A "O2'" 
94  C  "C1'" . U   A 5 ? 0.1118 0.1376 0.1678 0.0248  0.0197  -0.0478 5    U   A "C1'" 
95  N  N1    . U   A 5 ? 0.0874 0.1946 0.1420 0.0265  0.0079  -0.0016 5    U   A N1    
96  C  C2    . U   A 5 ? 0.0928 0.1586 0.1340 0.0368  0.0191  -0.0020 5    U   A C2    
97  O  O2    . U   A 5 ? 0.0602 0.1762 0.1816 0.0518  0.0057  0.0264  5    U   A O2    
98  N  N3    . U   A 5 ? 0.1253 0.1604 0.1225 0.0251  0.0164  0.0364  5    U   A N3    
99  C  C4    . U   A 5 ? 0.1472 0.1083 0.1884 0.0119  0.0753  -0.0143 5    U   A C4    
100 O  O4    . U   A 5 ? 0.1600 0.2388 0.1662 0.0831  0.0423  -0.0013 5    U   A O4    
101 C  C5    . U   A 5 ? 0.1221 0.0792 0.2141 0.0317  0.0516  -0.0122 5    U   A C5    
102 C  C6    . U   A 5 ? 0.1034 0.1938 0.1802 0.0080  0.0105  0.0001  5    U   A C6    
103 P  P     . C   A 6 ? 0.1370 0.1185 0.1347 -0.0112 0.0125  -0.0084 6    C   A P     
104 O  OP1   . C   A 6 ? 0.1395 0.0879 0.1407 -0.0169 0.0059  -0.0062 6    C   A OP1   
105 O  OP2   . C   A 6 ? 0.1851 0.1447 0.1149 -0.0755 0.0241  -0.0189 6    C   A OP2   
106 O  "O5'" . C   A 6 ? 0.1530 0.1462 0.0692 -0.0265 0.0428  -0.0214 6    C   A "O5'" 
107 C  "C5'" . C   A 6 ? 0.1072 0.1824 0.0996 -0.0025 0.0297  -0.0580 6    C   A "C5'" 
108 C  "C4'" . C   A 6 ? 0.1463 0.1130 0.1346 0.0152  -0.0282 -0.0167 6    C   A "C4'" 
109 O  "O4'" . C   A 6 ? 0.1231 0.1250 0.0717 -0.0315 0.0054  -0.0167 6    C   A "O4'" 
110 C  "C3'" . C   A 6 ? 0.0968 0.1344 0.1371 0.0077  -0.0266 -0.0262 6    C   A "C3'" 
111 O  "O3'" . C   A 6 ? 0.1731 0.1155 0.1644 0.0155  -0.0746 0.0003  6    C   A "O3'" 
112 C  "C2'" . C   A 6 ? 0.0731 0.1479 0.1461 -0.0111 -0.0181 -0.0282 6    C   A "C2'" 
113 O  "O2'" . C   A 6 ? 0.1215 0.0970 0.0824 -0.0203 0.0349  -0.0434 6    C   A "O2'" 
114 C  "C1'" . C   A 6 ? 0.1234 0.1385 0.0749 -0.0086 -0.0017 -0.0051 6    C   A "C1'" 
115 N  N1    . C   A 6 ? 0.1171 0.1593 0.0593 0.0263  -0.0060 0.0196  6    C   A N1    
116 C  C2    . C   A 6 ? 0.1929 0.1010 0.1001 -0.0222 0.0329  -0.0052 6    C   A C2    
117 O  O2    . C   A 6 ? 0.1933 0.1175 0.0893 0.0225  -0.0215 -0.0185 6    C   A O2    
118 N  N3    . C   A 6 ? 0.2091 0.0856 0.0903 0.0142  0.0206  -0.0177 6    C   A N3    
119 C  C4    . C   A 6 ? 0.2000 0.0986 0.1696 -0.0294 0.0541  -0.0055 6    C   A C4    
120 N  N4    . C   A 6 ? 0.2420 0.1592 0.2562 -0.0262 0.1062  -0.0682 6    C   A N4    
121 C  C5    . C   A 6 ? 0.1269 0.0488 0.1975 -0.0193 0.0271  -0.0152 6    C   A C5    
122 C  C6    . C   A 6 ? 0.0994 0.1496 0.1282 0.0564  -0.0226 0.0187  6    C   A C6    
123 P  P     . C   A 7 ? 0.1467 0.1433 0.1437 0.0100  -0.0080 0.0033  7    C   A P     
124 O  OP1   . C   A 7 ? 0.2204 0.0845 0.2020 0.0383  -0.0213 0.0020  7    C   A OP1   
125 O  OP2   . C   A 7 ? 0.1468 0.1783 0.1875 -0.0086 -0.0600 0.0106  7    C   A OP2   
126 O  "O5'" . C   A 7 ? 0.1120 0.2153 0.1109 0.0067  0.0076  -0.0188 7    C   A "O5'" 
127 C  "C5'" . C   A 7 ? 0.1093 0.1801 0.1164 -0.0193 0.0416  0.0145  7    C   A "C5'" 
128 C  "C4'" . C   A 7 ? 0.0793 0.1705 0.1313 0.0268  0.0038  0.0042  7    C   A "C4'" 
129 O  "O4'" . C   A 7 ? 0.0730 0.1263 0.1459 -0.0095 0.0136  0.0283  7    C   A "O4'" 
130 C  "C3'" . C   A 7 ? 0.1856 0.1196 0.1186 0.0198  -0.0128 -0.0027 7    C   A "C3'" 
131 O  "O3'" . C   A 7 ? 0.2564 0.1529 0.1824 0.0716  0.0125  0.0126  7    C   A "O3'" 
132 C  "C2'" . C   A 7 ? 0.1006 0.0889 0.1265 -0.0214 -0.0054 -0.0044 7    C   A "C2'" 
133 O  "O2'" . C   A 7 ? 0.0928 0.0769 0.1793 -0.0060 0.0035  0.0092  7    C   A "O2'" 
134 C  "C1'" . C   A 7 ? 0.1052 0.1278 0.1534 0.0204  0.0233  0.0175  7    C   A "C1'" 
135 N  N1    . C   A 7 ? 0.1053 0.2105 0.1344 0.0377  0.0379  0.0102  7    C   A N1    
136 C  C2    . C   A 7 ? 0.1314 0.1680 0.1673 0.0472  0.0431  0.0015  7    C   A C2    
137 O  O2    . C   A 7 ? 0.1697 0.1860 0.1833 0.0776  0.0009  -0.0194 7    C   A O2    
138 N  N3    . C   A 7 ? 0.1315 0.1133 0.2569 0.0623  0.0633  -0.0289 7    C   A N3    
139 C  C4    . C   A 7 ? 0.1032 0.1420 0.3062 0.0078  0.0746  -0.0288 7    C   A C4    
140 N  N4    . C   A 7 ? 0.1122 0.2159 0.1984 0.0832  0.0447  0.1137  7    C   A N4    
141 C  C5    . C   A 7 ? 0.0962 0.1663 0.1789 0.0229  0.0215  0.0473  7    C   A C5    
142 C  C6    . C   A 7 ? 0.0959 0.2329 0.1819 0.0577  0.0183  -0.0142 7    C   A C6    
143 O  "O5'" . G   B 1 ? 0.3828 0.2568 0.5954 -0.0517 0.1380  0.0091  8    G   B "O5'" 
144 C  "C5'" . G   B 1 ? 0.3403 0.1541 0.3364 0.0140  0.2373  0.1043  8    G   B "C5'" 
145 C  "C4'" . G   B 1 ? 0.3337 0.1634 0.3298 -0.0139 0.2532  -0.0163 8    G   B "C4'" 
146 O  "O4'" . G   B 1 ? 0.2883 0.2018 0.1779 0.0001  0.1619  0.0186  8    G   B "O4'" 
147 C  "C3'" . G   B 1 ? 0.3045 0.1646 0.2695 -0.0297 0.1744  0.0015  8    G   B "C3'" 
148 O  "O3'" . G   B 1 ? 0.3110 0.1596 0.1279 -0.0465 0.0225  0.0298  8    G   B "O3'" 
149 C  "C2'" . G   B 1 ? 0.2589 0.1868 0.2619 -0.0411 0.1545  -0.0544 8    G   B "C2'" 
150 O  "O2'" . G   B 1 ? 0.3683 0.1610 0.1720 -0.0777 0.1292  0.0340  8    G   B "O2'" 
151 C  "C1'" . G   B 1 ? 0.2088 0.1941 0.1818 -0.0139 0.1407  -0.0072 8    G   B "C1'" 
152 N  N9    . G   B 1 ? 0.2692 0.2086 0.1777 -0.0718 0.1401  -0.0087 8    G   B N9    
153 C  C8    . G   B 1 ? 0.2744 0.1784 0.2127 -0.0827 0.1362  -0.0400 8    G   B C8    
154 N  N7    . G   B 1 ? 0.2689 0.2032 0.1971 -0.0121 0.1014  -0.0216 8    G   B N7    
155 C  C5    . G   B 1 ? 0.2601 0.1660 0.2041 -0.0277 0.0994  -0.0234 8    G   B C5    
156 C  C6    . G   B 1 ? 0.2032 0.1258 0.2602 -0.0359 0.0820  -0.0817 8    G   B C6    
157 O  O6    . G   B 1 ? 0.1702 0.1188 0.2369 0.0085  0.0552  -0.0431 8    G   B O6    
158 N  N1    . G   B 1 ? 0.1939 0.1580 0.1757 0.0457  0.0183  0.0089  8    G   B N1    
159 C  C2    . G   B 1 ? 0.2042 0.1020 0.2170 0.0265  0.0465  -0.0647 8    G   B C2    
160 N  N2    . G   B 1 ? 0.2014 0.2175 0.1402 -0.0143 0.0457  -0.0365 8    G   B N2    
161 N  N3    . G   B 1 ? 0.2531 0.1024 0.2243 0.0321  0.0835  -0.0499 8    G   B N3    
162 C  C4    . G   B 1 ? 0.2626 0.1661 0.2318 -0.0212 0.1070  -0.0736 8    G   B C4    
163 P  P     . G   B 2 ? 0.3021 0.1709 0.0939 0.0025  -0.0364 -0.0015 9    G   B P     
164 O  OP1   . G   B 2 ? 0.2178 0.1378 0.2412 -0.0099 -0.0099 -0.0223 9    G   B OP1   
165 O  OP2   . G   B 2 ? 0.3345 0.1502 0.3169 0.0899  -0.1387 -0.0864 9    G   B OP2   
166 O  "O5'" . G   B 2 ? 0.3359 0.1697 0.0492 -0.0070 -0.0152 0.0434  9    G   B "O5'" 
167 C  "C5'" . G   B 2 ? 0.3010 0.2206 0.0622 -0.0333 0.0066  0.0684  9    G   B "C5'" 
168 C  "C4'" . G   B 2 ? 0.3223 0.2126 0.1147 -0.0447 0.0252  0.0156  9    G   B "C4'" 
169 O  "O4'" . G   B 2 ? 0.4147 0.2046 0.1017 -0.0471 0.0046  0.0345  9    G   B "O4'" 
170 C  "C3'" . G   B 2 ? 0.3111 0.1609 0.0919 -0.0663 0.0286  -0.0202 9    G   B "C3'" 
171 O  "O3'" . G   B 2 ? 0.2482 0.1709 0.0981 -0.0296 0.0007  -0.0181 9    G   B "O3'" 
172 C  "C2'" . G   B 2 ? 0.3149 0.1517 0.0876 -0.0263 -0.0114 0.0164  9    G   B "C2'" 
173 O  "O2'" . G   B 2 ? 0.3228 0.2629 0.1361 0.0078  -0.0644 0.0361  9    G   B "O2'" 
174 C  "C1'" . G   B 2 ? 0.4460 0.1687 0.0940 -0.0630 0.0020  0.0359  9    G   B "C1'" 
175 N  N9    . G   B 2 ? 0.3931 0.1944 0.1378 -0.0767 0.0317  -0.0156 9    G   B N9    
176 C  C8    . G   B 2 ? 0.4275 0.1425 0.0975 -0.0926 0.0906  0.0110  9    G   B C8    
177 N  N7    . G   B 2 ? 0.3523 0.0482 0.1585 -0.0266 0.0864  -0.0183 9    G   B N7    
178 C  C5    . G   B 2 ? 0.3004 0.0885 0.1073 -0.0225 0.0548  0.0165  9    G   B C5    
179 C  C6    . G   B 2 ? 0.2523 0.1777 0.1130 -0.0501 0.0896  -0.0044 9    G   B C6    
180 O  O6    . G   B 2 ? 0.2423 0.0748 0.1317 0.0198  0.0449  0.0206  9    G   B O6    
181 N  N1    . G   B 2 ? 0.2574 0.2179 0.2248 -0.0850 0.1289  -0.0724 9    G   B N1    
182 C  C2    . G   B 2 ? 0.2573 0.3127 0.1425 -0.0538 0.0947  0.0167  9    G   B C2    
183 N  N2    . G   B 2 ? 0.2395 0.1898 0.2617 -0.0355 0.1066  -0.0288 9    G   B N2    
184 N  N3    . G   B 2 ? 0.2983 0.2674 0.1852 -0.0403 0.0579  -0.0010 9    G   B N3    
185 C  C4    . G   B 2 ? 0.3182 0.2261 0.1435 -0.0694 0.0561  -0.0334 9    G   B C4    
186 P  P     . G   B 3 ? 0.2333 0.1531 0.0987 -0.0428 0.0026  -0.0167 10   G   B P     
187 O  OP1   . G   B 3 ? 0.2357 0.1722 0.1929 -0.0696 0.0332  -0.0663 10   G   B OP1   
188 O  OP2   . G   B 3 ? 0.2079 0.1838 0.1909 -0.0492 0.0011  0.0195  10   G   B OP2   
189 O  "O5'" . G   B 3 ? 0.2826 0.1225 0.1388 -0.0204 0.0525  0.0060  10   G   B "O5'" 
190 C  "C5'" . G   B 3 ? 0.2735 0.2315 0.0544 -0.0536 0.0444  0.0105  10   G   B "C5'" 
191 C  "C4'" . G   B 3 ? 0.2140 0.2219 0.0527 -0.0017 -0.0214 -0.0157 10   G   B "C4'" 
192 O  "O4'" . G   B 3 ? 0.2236 0.2195 0.0834 0.0020  -0.0382 0.0265  10   G   B "O4'" 
193 C  "C3'" . G   B 3 ? 0.2181 0.1812 0.0585 0.0156  0.0001  -0.0180 10   G   B "C3'" 
194 O  "O3'" . G   B 3 ? 0.2085 0.1791 0.0785 0.0016  0.0058  -0.0274 10   G   B "O3'" 
195 C  "C2'" . G   B 3 ? 0.1539 0.1891 0.0510 -0.0193 -0.0016 -0.0328 10   G   B "C2'" 
196 O  "O2'" . G   B 3 ? 0.1645 0.1764 0.1264 -0.0316 0.0280  -0.0598 10   G   B "O2'" 
197 C  "C1'" . G   B 3 ? 0.1908 0.2096 0.0904 -0.0487 -0.0052 -0.0077 10   G   B "C1'" 
198 N  N9    . G   B 3 ? 0.1997 0.1948 0.0999 -0.0506 0.0206  -0.0598 10   G   B N9    
199 C  C8    . G   B 3 ? 0.2536 0.2689 0.0902 -0.1100 0.0741  -0.0292 10   G   B C8    
200 N  N7    . G   B 3 ? 0.2585 0.1597 0.1264 -0.1198 0.0758  -0.0374 10   G   B N7    
201 C  C5    . G   B 3 ? 0.1864 0.1363 0.1507 -0.0457 0.0408  -0.0554 10   G   B C5    
202 C  C6    . G   B 3 ? 0.1364 0.1088 0.0900 0.0241  0.0051  0.0437  10   G   B C6    
203 O  O6    . G   B 3 ? 0.1349 0.0656 0.1910 -0.0019 0.0558  -0.0015 10   G   B O6    
204 N  N1    . G   B 3 ? 0.1224 0.1140 0.1247 0.0139  0.0282  0.0031  10   G   B N1    
205 C  C2    . G   B 3 ? 0.1201 0.1116 0.1281 -0.0064 0.0069  -0.0465 10   G   B C2    
206 N  N2    . G   B 3 ? 0.1130 0.0987 0.0653 -0.0634 -0.0162 0.0128  10   G   B N2    
207 N  N3    . G   B 3 ? 0.1678 0.1175 0.0548 -0.0038 -0.0081 0.0136  10   G   B N3    
208 C  C4    . G   B 3 ? 0.1623 0.1643 0.0845 -0.0070 -0.0047 -0.0203 10   G   B C4    
209 P  P     . G   B 4 ? 0.2594 0.1996 0.1243 0.0354  0.0332  0.0083  11   G   B P     
210 O  OP1   . G   B 4 ? 0.3702 0.2200 0.2237 -0.0559 0.0036  0.0234  11   G   B OP1   
211 O  OP2   . G   B 4 ? 0.3354 0.3519 0.1697 0.1480  0.0772  0.0111  11   G   B OP2   
212 O  "O5'" . G   B 4 ? 0.2917 0.2044 0.1111 0.0105  0.0310  0.0399  11   G   B "O5'" 
213 C  "C5'" . G   B 4 ? 0.2077 0.1691 0.1120 -0.0061 -0.0048 0.0153  11   G   B "C5'" 
214 C  "C4'" . G   B 4 ? 0.1467 0.1032 0.1842 0.0092  -0.0191 0.0022  11   G   B "C4'" 
215 O  "O4'" . G   B 4 ? 0.1524 0.1730 0.1742 -0.0218 0.0021  0.0598  11   G   B "O4'" 
216 C  "C3'" . G   B 4 ? 0.0963 0.1446 0.2354 -0.0040 0.0034  0.0359  11   G   B "C3'" 
217 O  "O3'" . G   B 4 ? 0.2365 0.1081 0.2209 -0.0131 -0.0323 0.0221  11   G   B "O3'" 
218 C  "C2'" . G   B 4 ? 0.0929 0.1484 0.1995 0.0006  0.0035  0.0412  11   G   B "C2'" 
219 O  "O2'" . G   B 4 ? 0.1226 0.1051 0.2488 -0.0067 0.0548  0.0446  11   G   B "O2'" 
220 C  "C1'" . G   B 4 ? 0.1286 0.1281 0.1827 0.0091  0.0130  0.0154  11   G   B "C1'" 
221 N  N9    . G   B 4 ? 0.1442 0.1398 0.2251 -0.0041 0.0444  0.0239  11   G   B N9    
222 C  C8    . G   B 4 ? 0.1451 0.1216 0.2316 -0.0257 0.0654  0.0135  11   G   B C8    
223 N  N7    . G   B 4 ? 0.1538 0.1165 0.2970 -0.0374 0.0918  -0.0701 11   G   B N7    
224 C  C5    . G   B 4 ? 0.1535 0.1354 0.2852 -0.0105 0.0591  -0.0485 11   G   B C5    
225 C  C6    . G   B 4 ? 0.1498 0.0789 0.2721 0.0026  0.0623  -0.0607 11   G   B C6    
226 O  O6    . G   B 4 ? 0.1548 0.2090 0.2369 0.0661  0.0519  0.0151  11   G   B O6    
227 N  N1    . G   B 4 ? 0.1612 0.0694 0.2681 -0.0007 0.0602  -0.0358 11   G   B N1    
228 C  C2    . G   B 4 ? 0.1711 0.1113 0.2198 -0.0199 0.0419  0.0085  11   G   B C2    
229 N  N2    . G   B 4 ? 0.1419 0.1830 0.2354 0.0113  0.0000  -0.0040 11   G   B N2    
230 N  N3    . G   B 4 ? 0.1695 0.0767 0.2366 -0.0382 0.0412  0.0336  11   G   B N3    
231 C  C4    . G   B 4 ? 0.1698 0.0713 0.2754 -0.0307 0.0631  -0.0358 11   G   B C4    
232 P  P     . C   B 5 ? 0.1428 0.1229 0.1810 -0.0208 -0.0044 -0.0057 12   C   B P     
233 O  OP1   . C   B 5 ? 0.1801 0.1121 0.1536 -0.0404 -0.0134 0.0061  12   C   B OP1   
234 O  OP2   . C   B 5 ? 0.1285 0.2787 0.2122 -0.0628 0.0224  -0.0371 12   C   B OP2   
235 O  "O5'" . C   B 5 ? 0.0860 0.2428 0.1828 -0.0263 0.0289  -0.0139 12   C   B "O5'" 
236 C  "C5'" . C   B 5 ? 0.0876 0.2171 0.1466 -0.0022 -0.0006 0.0643  12   C   B "C5'" 
237 C  "C4'" . C   B 5 ? 0.0722 0.1826 0.1793 0.0212  -0.0029 0.0263  12   C   B "C4'" 
238 O  "O4'" . C   B 5 ? 0.0763 0.1595 0.2610 0.0382  0.0044  0.0121  12   C   B "O4'" 
239 C  "C3'" . C   B 5 ? 0.0843 0.1298 0.1610 0.0007  -0.0187 -0.0167 12   C   B "C3'" 
240 O  "O3'" . C   B 5 ? 0.1040 0.1585 0.0753 0.0245  -0.0331 -0.0286 12   C   B "O3'" 
241 C  "C2'" . C   B 5 ? 0.1012 0.1596 0.1819 -0.0029 -0.0624 -0.0245 12   C   B "C2'" 
242 O  "O2'" . C   B 5 ? 0.1820 0.0931 0.1998 -0.0084 -0.0464 -0.0328 12   C   B "O2'" 
243 C  "C1'" . C   B 5 ? 0.0885 0.1542 0.2504 0.0166  0.0062  0.0246  12   C   B "C1'" 
244 N  N1    . C   B 5 ? 0.1047 0.1225 0.2584 -0.0404 0.0057  0.0336  12   C   B N1    
245 C  C2    . C   B 5 ? 0.1007 0.0825 0.2964 -0.0172 0.0376  -0.0246 12   C   B C2    
246 O  O2    . C   B 5 ? 0.0734 0.1536 0.3350 -0.0301 -0.0082 0.0259  12   C   B O2    
247 N  N3    . C   B 5 ? 0.1183 0.0697 0.3187 0.0089  0.0554  0.0008  12   C   B N3    
248 C  C4    . C   B 5 ? 0.1577 0.0699 0.2831 0.0088  0.0816  -0.0141 12   C   B C4    
249 N  N4    . C   B 5 ? 0.1969 0.0936 0.2620 0.0574  0.0849  0.0954  12   C   B N4    
250 C  C5    . C   B 5 ? 0.1525 0.1006 0.2656 -0.0064 0.0422  0.0149  12   C   B C5    
251 C  C6    . C   B 5 ? 0.1337 0.0606 0.2629 -0.0384 0.0325  -0.0038 12   C   B C6    
252 P  P     . U   B 6 ? 0.1118 0.1576 0.1815 0.0219  0.0597  -0.0018 13   U   B P     
253 O  OP1   . U   B 6 ? 0.1886 0.2622 0.2337 0.1034  0.1104  0.0987  13   U   B OP1   
254 O  OP2   . U   B 6 ? 0.1031 0.1983 0.1740 0.0563  0.0522  -0.0557 13   U   B OP2   
255 O  "O5'" . U   B 6 ? 0.1123 0.1701 0.2674 0.0361  -0.0119 0.0384  13   U   B "O5'" 
256 C  "C5'" . U   B 6 ? 0.1117 0.1661 0.2307 0.0586  0.0165  0.0260  13   U   B "C5'" 
257 C  "C4'" . U   B 6 ? 0.1245 0.1347 0.2001 0.0371  0.0257  0.0080  13   U   B "C4'" 
258 O  "O4'" . U   B 6 ? 0.1279 0.1378 0.1975 0.0500  0.0135  0.0021  13   U   B "O4'" 
259 C  "C3'" . U   B 6 ? 0.1204 0.1636 0.1448 0.0513  0.0186  0.0238  13   U   B "C3'" 
260 O  "O3'" . U   B 6 ? 0.1230 0.1199 0.1428 0.0141  -0.0104 -0.0029 13   U   B "O3'" 
261 C  "C2'" . U   B 6 ? 0.1696 0.1281 0.1729 0.0735  0.0719  0.0217  13   U   B "C2'" 
262 O  "O2'" . U   B 6 ? 0.0919 0.2430 0.1975 0.0018  0.0160  0.1505  13   U   B "O2'" 
263 C  "C1'" . U   B 6 ? 0.1180 0.1313 0.1771 0.0335  -0.0020 0.0025  13   U   B "C1'" 
264 N  N1    . U   B 6 ? 0.1191 0.1977 0.1922 -0.0027 0.0057  -0.0278 13   U   B N1    
265 C  C2    . U   B 6 ? 0.1176 0.1290 0.1833 0.0093  0.0064  -0.0309 13   U   B C2    
266 O  O2    . U   B 6 ? 0.1504 0.2224 0.2068 -0.0471 -0.0063 0.0020  13   U   B O2    
267 N  N3    . U   B 6 ? 0.1716 0.1500 0.1809 -0.0100 -0.0245 0.0261  13   U   B N3    
268 C  C4    . U   B 6 ? 0.1537 0.1270 0.2072 0.0261  0.0032  -0.0953 13   U   B C4    
269 O  O4    . U   B 6 ? 0.1431 0.1706 0.1958 0.0707  -0.0147 -0.0616 13   U   B O4    
270 C  C5    . U   B 6 ? 0.1729 0.1457 0.2251 -0.0168 0.0224  -0.1171 13   U   B C5    
271 C  C6    . U   B 6 ? 0.2198 0.0935 0.2204 -0.1081 0.0068  -0.0367 13   U   B C6    
272 P  P     . A   B 7 ? 0.1627 0.1345 0.2196 0.0446  -0.0359 -0.0157 14   A   B P     
273 O  OP1   . A   B 7 ? 0.1396 0.1780 0.2792 0.0027  -0.0462 0.0749  14   A   B OP1   
274 O  OP2   . A   B 7 ? 0.2224 0.1378 0.3339 0.0383  -0.0984 -0.0654 14   A   B OP2   
275 O  "O5'" . A   B 7 ? 0.1773 0.1307 0.1826 0.0694  -0.0138 -0.0102 14   A   B "O5'" 
276 C  "C5'" . A   B 7 ? 0.1806 0.1061 0.1453 0.0522  0.0059  -0.0068 14   A   B "C5'" 
277 C  "C4'" . A   B 7 ? 0.2027 0.0815 0.1164 0.0586  0.0194  -0.0206 14   A   B "C4'" 
278 O  "O4'" . A   B 7 ? 0.2078 0.0659 0.1466 0.0534  0.0115  -0.0326 14   A   B "O4'" 
279 C  "C3'" . A   B 7 ? 0.2069 0.0980 0.1019 0.0795  -0.0240 -0.0141 14   A   B "C3'" 
280 O  "O3'" . A   B 7 ? 0.0992 0.1166 0.1154 0.0484  -0.0148 0.0007  14   A   B "O3'" 
281 C  "C2'" . A   B 7 ? 0.1810 0.1782 0.0530 0.1079  -0.0209 -0.0029 14   A   B "C2'" 
282 O  "O2'" . A   B 7 ? 0.1554 0.2513 0.1308 0.0989  -0.0071 -0.0309 14   A   B "O2'" 
283 C  "C1'" . A   B 7 ? 0.1697 0.1172 0.1098 0.0710  -0.0275 -0.0008 14   A   B "C1'" 
284 N  N9    . A   B 7 ? 0.1483 0.1294 0.1290 0.0412  -0.0320 0.0418  14   A   B N9    
285 C  C8    . A   B 7 ? 0.1223 0.1177 0.1473 0.0948  -0.0053 0.0017  14   A   B C8    
286 N  N7    . A   B 7 ? 0.1079 0.1781 0.1642 0.0642  -0.0137 -0.0154 14   A   B N7    
287 C  C5    . A   B 7 ? 0.1438 0.0940 0.1457 0.0264  -0.0291 -0.0136 14   A   B C5    
288 C  C6    . A   B 7 ? 0.1629 0.0884 0.1686 -0.0011 -0.0586 0.0584  14   A   B C6    
289 N  N6    . A   B 7 ? 0.1222 0.2137 0.1441 0.0517  -0.0292 -0.0553 14   A   B N6    
290 N  N1    . A   B 7 ? 0.1536 0.1009 0.1782 0.0043  -0.0326 0.0489  14   A   B N1    
291 C  C2    . A   B 7 ? 0.1506 0.1545 0.1547 0.0428  -0.0359 0.0427  14   A   B C2    
292 N  N3    . A   B 7 ? 0.1403 0.0872 0.1592 0.0345  -0.0172 0.0430  14   A   B N3    
293 C  C4    . A   B 7 ? 0.1195 0.1056 0.1346 0.0631  -0.0257 0.0152  14   A   B C4    
294 O  "O5'" . U   C 1 ? 0.2456 0.3629 0.3832 0.0440  -0.2240 0.0469  1    U   C "O5'" 
295 C  "C5'" . U   C 1 ? 0.1013 0.2220 0.2443 0.0414  -0.0090 0.0737  1    U   C "C5'" 
296 C  "C4'" . U   C 1 ? 0.1327 0.1302 0.2909 0.0295  0.0465  -0.0140 1    U   C "C4'" 
297 O  "O4'" . U   C 1 ? 0.1364 0.1424 0.1989 -0.0102 0.0239  -0.0534 1    U   C "O4'" 
298 C  "C3'" . U   C 1 ? 0.0852 0.1864 0.1905 0.0532  -0.0418 -0.0396 1    U   C "C3'" 
299 O  "O3'" . U   C 1 ? 0.1743 0.1689 0.1909 0.0460  -0.0105 -0.0192 1    U   C "O3'" 
300 C  "C2'" . U   C 1 ? 0.1434 0.2050 0.1187 0.0455  -0.0325 -0.0291 1    U   C "C2'" 
301 O  "O2'" . U   C 1 ? 0.1306 0.1559 0.1944 0.0395  -0.0398 -0.0565 1    U   C "O2'" 
302 C  "C1'" . U   C 1 ? 0.1225 0.2152 0.1730 0.0568  -0.0070 -0.0335 1    U   C "C1'" 
303 N  N1    . U   C 1 ? 0.1416 0.1431 0.1757 0.0788  -0.0210 -0.0132 1    U   C N1    
304 C  C2    . U   C 1 ? 0.1484 0.1583 0.1790 0.0553  0.0020  -0.0670 1    U   C C2    
305 O  O2    . U   C 1 ? 0.1260 0.1629 0.3188 0.0452  -0.0183 -0.0388 1    U   C O2    
306 N  N3    . U   C 1 ? 0.1565 0.1939 0.1863 0.0325  -0.0118 0.0020  1    U   C N3    
307 C  C4    . U   C 1 ? 0.1619 0.1432 0.1588 0.0243  0.0112  -0.0540 1    U   C C4    
308 O  O4    . U   C 1 ? 0.1725 0.2383 0.1346 -0.0169 0.0196  0.0378  1    U   C O4    
309 C  C5    . U   C 1 ? 0.1953 0.0638 0.1408 -0.0112 -0.0090 0.0085  1    U   C C5    
310 C  C6    . U   C 1 ? 0.1653 0.0863 0.1653 0.0440  -0.0201 -0.0119 1    U   C C6    
311 P  P     . A   C 2 ? 0.2207 0.1504 0.2545 0.0278  0.0549  -0.0011 2    A   C P     
312 O  OP1   . A   C 2 ? 0.5243 0.1548 0.2019 0.0510  0.0900  -0.0116 2    A   C OP1   
313 O  OP2   . A   C 2 ? 0.1964 0.1791 0.3680 0.0298  0.0539  -0.1010 2    A   C OP2   
314 O  "O5'" . A   C 2 ? 0.1962 0.1304 0.2030 0.0332  0.0149  -0.0229 2    A   C "O5'" 
315 C  "C5'" . A   C 2 ? 0.2119 0.1755 0.1602 -0.0034 0.0007  -0.0302 2    A   C "C5'" 
316 C  "C4'" . A   C 2 ? 0.1822 0.1773 0.1687 0.0226  -0.0049 -0.0349 2    A   C "C4'" 
317 O  "O4'" . A   C 2 ? 0.1812 0.1666 0.1549 0.0360  0.0100  -0.0431 2    A   C "O4'" 
318 C  "C3'" . A   C 2 ? 0.2582 0.1850 0.2192 0.0701  0.0371  -0.0612 2    A   C "C3'" 
319 O  "O3'" . A   C 2 ? 0.3228 0.2284 0.2605 0.1112  0.0488  -0.0522 2    A   C "O3'" 
320 C  "C2'" . A   C 2 ? 0.2118 0.2282 0.2085 0.0555  0.0349  -0.0693 2    A   C "C2'" 
321 O  "O2'" . A   C 2 ? 0.2092 0.2825 0.2361 0.0450  0.0068  -0.1045 2    A   C "O2'" 
322 C  "C1'" . A   C 2 ? 0.2232 0.2077 0.1540 0.0482  0.0029  -0.0597 2    A   C "C1'" 
323 N  N9    . A   C 2 ? 0.2155 0.1728 0.1737 0.0097  -0.0037 -0.0616 2    A   C N9    
324 C  C8    . A   C 2 ? 0.2197 0.1023 0.1812 0.0493  0.0107  -0.0034 2    A   C C8    
325 N  N7    . A   C 2 ? 0.1901 0.1207 0.1848 0.0630  0.0335  -0.0446 2    A   C N7    
326 C  C5    . A   C 2 ? 0.1766 0.1660 0.1673 0.0358  0.0235  -0.0714 2    A   C C5    
327 C  C6    . A   C 2 ? 0.1791 0.1443 0.1847 0.0107  0.0070  -0.0409 2    A   C C6    
328 N  N6    . A   C 2 ? 0.1973 0.1443 0.2569 -0.0104 -0.0333 -0.0141 2    A   C N6    
329 N  N1    . A   C 2 ? 0.1998 0.2182 0.1719 0.0232  0.0146  -0.0774 2    A   C N1    
330 C  C2    . A   C 2 ? 0.2096 0.2017 0.1890 -0.0576 0.0116  -0.0467 2    A   C C2    
331 N  N3    . A   C 2 ? 0.1940 0.2100 0.1731 -0.0336 0.0243  -0.1199 2    A   C N3    
332 C  C4    . A   C 2 ? 0.1930 0.1374 0.1658 0.0027  0.0163  -0.0946 2    A   C C4    
333 P  P     . G   C 3 ? 0.3498 0.1939 0.4327 0.1048  0.0882  -0.0267 3    G   C P     
334 O  OP1   . G   C 3 ? 0.4612 0.3055 0.4072 0.2447  0.0605  -0.0719 3    G   C OP1   
335 O  OP2   . G   C 3 ? 0.3671 0.2449 0.5077 0.0941  0.1284  -0.0735 3    G   C OP2   
336 O  "O5'" . G   C 3 ? 0.2338 0.2145 0.4046 0.0308  0.0100  -0.1092 3    G   C "O5'" 
337 C  "C5'" . G   C 3 ? 0.2277 0.1622 0.3097 -0.0191 -0.0365 -0.1010 3    G   C "C5'" 
338 C  "C4'" . G   C 3 ? 0.1719 0.2089 0.3194 0.0247  -0.0559 -0.1319 3    G   C "C4'" 
339 O  "O4'" . G   C 3 ? 0.1733 0.2358 0.3349 0.0344  -0.0406 -0.1013 3    G   C "O4'" 
340 C  "C3'" . G   C 3 ? 0.0820 0.2398 0.2785 0.0035  -0.0345 -0.1002 3    G   C "C3'" 
341 O  "O3'" . G   C 3 ? 0.2977 0.2468 0.2218 0.0867  -0.0066 -0.1248 3    G   C "O3'" 
342 C  "C2'" . G   C 3 ? 0.2356 0.2373 0.2838 -0.0040 -0.0359 -0.0716 3    G   C "C2'" 
343 O  "O2'" . G   C 3 ? 0.3648 0.2036 0.3209 -0.0335 0.0487  -0.0822 3    G   C "O2'" 
344 C  "C1'" . G   C 3 ? 0.1817 0.2266 0.3202 -0.0247 -0.0421 -0.0573 3    G   C "C1'" 
345 N  N9    . G   C 3 ? 0.1857 0.1981 0.2753 -0.0150 -0.0409 0.0293  3    G   C N9    
346 C  C8    . G   C 3 ? 0.2025 0.2259 0.2223 0.0324  -0.0438 -0.0876 3    G   C C8    
347 N  N7    . G   C 3 ? 0.1992 0.2109 0.2105 0.0195  -0.0316 -0.0868 3    G   C N7    
348 C  C5    . G   C 3 ? 0.1821 0.1537 0.2275 -0.0612 -0.0374 -0.0167 3    G   C C5    
349 C  C6    . G   C 3 ? 0.2007 0.1693 0.2256 -0.0315 -0.0252 0.0399  3    G   C C6    
350 O  O6    . G   C 3 ? 0.1969 0.3758 0.1150 -0.1398 -0.0636 0.0558  3    G   C O6    
351 N  N1    . G   C 3 ? 0.1730 0.1644 0.2294 -0.0407 -0.0066 0.0299  3    G   C N1    
352 C  C2    . G   C 3 ? 0.1595 0.1829 0.2431 0.0182  -0.0245 -0.0125 3    G   C C2    
353 N  N2    . G   C 3 ? 0.1033 0.3868 0.2890 0.0455  0.0027  0.1440  3    G   C N2    
354 N  N3    . G   C 3 ? 0.1750 0.2427 0.2661 -0.0339 -0.0285 0.0511  3    G   C N3    
355 C  C4    . G   C 3 ? 0.1870 0.1896 0.2446 -0.0830 -0.0379 -0.0048 3    G   C C4    
356 P  P     . C   C 4 ? 0.2317 0.2630 0.1406 0.0723  -0.0521 -0.0590 4    C   C P     
357 O  OP1   . C   C 4 ? 0.3620 0.2768 0.3009 0.1704  -0.1863 -0.1767 4    C   C OP1   
358 O  OP2   . C   C 4 ? 0.3280 0.3005 0.1462 0.0815  0.0448  -0.0718 4    C   C OP2   
359 O  "O5'" . C   C 4 ? 0.0989 0.3061 0.1436 -0.0090 0.0021  -0.0583 4    C   C "O5'" 
360 C  "C5'" . C   C 4 ? 0.1176 0.2359 0.1639 0.0208  0.0109  -0.0521 4    C   C "C5'" 
361 C  "C4'" . C   C 4 ? 0.1132 0.1568 0.1617 -0.0425 -0.0067 -0.0166 4    C   C "C4'" 
362 O  "O4'" . C   C 4 ? 0.1351 0.1412 0.1895 -0.0496 0.0005  0.0000  4    C   C "O4'" 
363 C  "C3'" . C   C 4 ? 0.0812 0.1453 0.1496 -0.0404 0.0503  -0.0104 4    C   C "C3'" 
364 O  "O3'" . C   C 4 ? 0.1349 0.1774 0.1425 -0.0069 -0.0035 -0.0482 4    C   C "O3'" 
365 C  "C2'" . C   C 4 ? 0.0720 0.1728 0.1674 -0.0356 0.0168  -0.0175 4    C   C "C2'" 
366 O  "O2'" . C   C 4 ? 0.0946 0.2113 0.1862 0.0173  0.0525  0.0346  4    C   C "O2'" 
367 C  "C1'" . C   C 4 ? 0.1171 0.1789 0.2042 0.0020  0.0105  -0.0270 4    C   C "C1'" 
368 N  N1    . C   C 4 ? 0.1224 0.1708 0.1677 -0.0097 0.0030  -0.0340 4    C   C N1    
369 C  C2    . C   C 4 ? 0.1264 0.1474 0.1590 0.0022  0.0056  -0.0660 4    C   C C2    
370 O  O2    . C   C 4 ? 0.0563 0.2285 0.1702 -0.0029 0.0019  -0.0998 4    C   C O2    
371 N  N3    . C   C 4 ? 0.1128 0.1671 0.1619 -0.0223 0.0080  0.0014  4    C   C N3    
372 C  C4    . C   C 4 ? 0.0791 0.1312 0.1720 0.0311  0.0181  -0.0195 4    C   C C4    
373 N  N4    . C   C 4 ? 0.0812 0.1408 0.1708 0.0029  0.0138  -0.0138 4    C   C N4    
374 C  C5    . C   C 4 ? 0.0899 0.2175 0.1694 -0.0151 -0.0052 -0.0637 4    C   C C5    
375 C  C6    . C   C 4 ? 0.0900 0.1821 0.1768 -0.0293 0.0062  -0.0133 4    C   C C6    
376 P  P     . U   C 5 ? 0.2223 0.1487 0.1520 0.0032  -0.0158 -0.0085 5    U   C P     
377 O  OP1   . U   C 5 ? 0.1840 0.1780 0.2025 0.0071  0.0168  0.0213  5    U   C OP1   
378 O  OP2   . U   C 5 ? 0.3039 0.1611 0.2084 0.0461  0.0670  0.0429  5    U   C OP2   
379 O  "O5'" . U   C 5 ? 0.1616 0.1647 0.2311 -0.0231 -0.0269 -0.0521 5    U   C "O5'" 
380 C  "C5'" . U   C 5 ? 0.1529 0.1859 0.2017 0.0198  -0.0716 0.0152  5    U   C "C5'" 
381 C  "C4'" . U   C 5 ? 0.1173 0.1867 0.2775 0.0074  -0.0728 -0.0570 5    U   C "C4'" 
382 O  "O4'" . U   C 5 ? 0.1238 0.1638 0.3854 0.0169  -0.0721 -0.0386 5    U   C "O4'" 
383 C  "C3'" . U   C 5 ? 0.1381 0.1663 0.3159 0.0186  -0.0324 -0.0370 5    U   C "C3'" 
384 O  "O3'" . U   C 5 ? 0.2341 0.1621 0.3621 0.0079  0.0376  -0.0422 5    U   C "O3'" 
385 C  "C2'" . U   C 5 ? 0.1265 0.1923 0.3442 -0.0054 -0.0634 0.0034  5    U   C "C2'" 
386 O  "O2'" . U   C 5 ? 0.2505 0.3626 0.3430 0.0905  -0.0916 -0.0481 5    U   C "O2'" 
387 C  "C1'" . U   C 5 ? 0.1176 0.1859 0.4007 0.0239  -0.0917 -0.0119 5    U   C "C1'" 
388 N  N1    . U   C 5 ? 0.2015 0.1486 0.4773 -0.0239 0.0132  -0.0378 5    U   C N1    
389 C  C2    . U   C 5 ? 0.2383 0.1761 0.5884 0.0028  0.0931  0.0371  5    U   C C2    
390 O  O2    . U   C 5 ? 0.1722 0.2411 0.6490 0.0455  0.1047  0.0920  5    U   C O2    
391 N  N3    . U   C 5 ? 0.3056 0.1488 0.6273 -0.0357 0.1578  0.0175  5    U   C N3    
392 C  C4    . U   C 5 ? 0.3358 0.1801 0.5799 -0.0573 0.1434  -0.1150 5    U   C C4    
393 O  O4    . U   C 5 ? 0.3278 0.2084 0.6300 -0.0608 0.2117  -0.0822 5    U   C O4    
394 C  C5    . U   C 5 ? 0.3141 0.1574 0.4606 -0.0701 0.1086  -0.1647 5    U   C C5    
395 C  C6    . U   C 5 ? 0.2344 0.1875 0.3847 -0.1222 0.0158  -0.1343 5    U   C C6    
396 P  P     . C   C 6 ? 0.2013 0.1871 0.3611 -0.0134 0.0086  -0.0379 6    C   C P     
397 O  OP1   . C   C 6 ? 0.1655 0.1754 0.6917 -0.0445 0.0482  -0.1269 6    C   C OP1   
398 O  OP2   . C   C 6 ? 0.3985 0.3411 0.3710 0.0785  -0.1342 0.0766  6    C   C OP2   
399 O  "O5'" . C   C 6 ? 0.2025 0.2331 0.2270 0.0099  0.0419  -0.0604 6    C   C "O5'" 
400 C  "C5'" . C   C 6 ? 0.2110 0.1488 0.2060 -0.0319 0.0617  -0.0649 6    C   C "C5'" 
401 C  "C4'" . C   C 6 ? 0.1968 0.1700 0.1720 -0.0797 0.0662  -0.0252 6    C   C "C4'" 
402 O  "O4'" . C   C 6 ? 0.0971 0.1630 0.1435 -0.0562 -0.0084 -0.0008 6    C   C "O4'" 
403 C  "C3'" . C   C 6 ? 0.2002 0.1504 0.0888 -0.0500 -0.0010 0.0196  6    C   C "C3'" 
404 O  "O3'" . C   C 6 ? 0.1500 0.1755 0.1240 -0.0685 -0.0360 -0.0148 6    C   C "O3'" 
405 C  "C2'" . C   C 6 ? 0.1718 0.1425 0.1096 -0.0753 0.0270  0.0334  6    C   C "C2'" 
406 O  "O2'" . C   C 6 ? 0.1586 0.2095 0.1537 -0.0992 -0.0011 0.0704  6    C   C "O2'" 
407 C  "C1'" . C   C 6 ? 0.1609 0.1458 0.1172 -0.0757 0.0476  0.0249  6    C   C "C1'" 
408 N  N1    . C   C 6 ? 0.1637 0.1845 0.1532 -0.0024 0.0098  -0.0413 6    C   C N1    
409 C  C2    . C   C 6 ? 0.2091 0.2125 0.1752 0.0209  0.0467  -0.0412 6    C   C C2    
410 O  O2    . C   C 6 ? 0.1773 0.2295 0.2106 0.0376  0.0619  -0.0682 6    C   C O2    
411 N  N3    . C   C 6 ? 0.2438 0.1373 0.2056 0.0155  0.0517  -0.0945 6    C   C N3    
412 C  C4    . C   C 6 ? 0.2400 0.1319 0.1644 -0.0802 0.0562  -0.0078 6    C   C C4    
413 N  N4    . C   C 6 ? 0.2376 0.2925 0.2136 0.0154  0.0516  -0.1341 6    C   C N4    
414 C  C5    . C   C 6 ? 0.2368 0.1139 0.1346 0.0106  0.0093  -0.0167 6    C   C C5    
415 C  C6    . C   C 6 ? 0.1968 0.2117 0.1322 0.0267  -0.0012 0.0107  6    C   C C6    
416 P  P     . C   C 7 ? 0.1485 0.1750 0.1423 -0.0642 -0.0025 -0.0183 7    C   C P     
417 O  OP1   . C   C 7 ? 0.1368 0.1901 0.2186 -0.0720 0.0507  -0.0670 7    C   C OP1   
418 O  OP2   . C   C 7 ? 0.0997 0.1297 0.1756 -0.0556 0.0029  0.0184  7    C   C OP2   
419 O  "O5'" . C   C 7 ? 0.1141 0.1446 0.1417 -0.0286 -0.0217 -0.0173 7    C   C "O5'" 
420 C  "C5'" . C   C 7 ? 0.1335 0.1577 0.1620 -0.0400 -0.0203 0.0144  7    C   C "C5'" 
421 C  "C4'" . C   C 7 ? 0.1452 0.1147 0.2044 0.0034  0.0223  0.0430  7    C   C "C4'" 
422 O  "O4'" . C   C 7 ? 0.1979 0.1147 0.1713 -0.0156 -0.0105 0.0635  7    C   C "O4'" 
423 C  "C3'" . C   C 7 ? 0.1686 0.1119 0.1740 0.0003  0.0151  0.0271  7    C   C "C3'" 
424 O  "O3'" . C   C 7 ? 0.1334 0.0906 0.2966 0.0048  0.0256  0.0325  7    C   C "O3'" 
425 C  "C2'" . C   C 7 ? 0.1183 0.1398 0.2549 -0.0525 0.0601  -0.0113 7    C   C "C2'" 
426 O  "O2'" . C   C 7 ? 0.1434 0.1476 0.2401 -0.0537 0.0291  -0.0593 7    C   C "O2'" 
427 C  "C1'" . C   C 7 ? 0.1928 0.1318 0.2376 -0.0604 0.0348  -0.0141 7    C   C "C1'" 
428 N  N1    . C   C 7 ? 0.1554 0.0754 0.1819 -0.0501 0.0824  -0.0043 7    C   C N1    
429 C  C2    . C   C 7 ? 0.2221 0.1216 0.1960 -0.0069 0.0967  -0.0143 7    C   C C2    
430 O  O2    . C   C 7 ? 0.2234 0.1817 0.1824 0.0228  0.0934  0.0405  7    C   C O2    
431 N  N3    . C   C 7 ? 0.2100 0.0813 0.2002 -0.0074 0.1131  -0.0455 7    C   C N3    
432 C  C4    . C   C 7 ? 0.2098 0.1242 0.2314 -0.0127 0.1028  -0.0143 7    C   C C4    
433 N  N4    . C   C 7 ? 0.2372 0.2550 0.2618 -0.0779 0.0863  -0.0381 7    C   C N4    
434 C  C5    . C   C 7 ? 0.1517 0.1826 0.2560 -0.0011 0.0783  -0.0519 7    C   C C5    
435 C  C6    . C   C 7 ? 0.1471 0.1144 0.2599 -0.0366 0.0755  -0.0231 7    C   C C6    
436 O  "O5'" . G   D 1 ? 0.2432 0.1786 0.1537 0.0762  -0.0327 -0.0839 8    G   D "O5'" 
437 C  "C5'" . G   D 1 ? 0.2414 0.1173 0.1396 0.0477  -0.0097 0.0379  8    G   D "C5'" 
438 C  "C4'" . G   D 1 ? 0.2156 0.1407 0.1733 0.0366  0.0078  0.0208  8    G   D "C4'" 
439 O  "O4'" . G   D 1 ? 0.1425 0.1650 0.1763 0.0278  -0.0050 -0.0183 8    G   D "O4'" 
440 C  "C3'" . G   D 1 ? 0.1695 0.2002 0.1391 0.0723  -0.0121 -0.0186 8    G   D "C3'" 
441 O  "O3'" . G   D 1 ? 0.1636 0.1514 0.1559 0.0266  0.0147  0.0050  8    G   D "O3'" 
442 C  "C2'" . G   D 1 ? 0.1581 0.1532 0.1791 0.0600  0.0146  0.0215  8    G   D "C2'" 
443 O  "O2'" . G   D 1 ? 0.1415 0.2130 0.1000 0.0835  -0.0044 0.0102  8    G   D "O2'" 
444 C  "C1'" . G   D 1 ? 0.1309 0.2111 0.1310 0.0633  -0.0111 0.0059  8    G   D "C1'" 
445 N  N9    . G   D 1 ? 0.1272 0.1872 0.1915 0.0447  -0.0273 -0.0741 8    G   D N9    
446 C  C8    . G   D 1 ? 0.1250 0.1953 0.1514 0.0155  -0.0112 0.0345  8    G   D C8    
447 N  N7    . G   D 1 ? 0.1557 0.1384 0.2341 0.0533  0.0043  -0.0255 8    G   D N7    
448 C  C5    . G   D 1 ? 0.1577 0.1086 0.2517 0.0200  0.0218  -0.0495 8    G   D C5    
449 C  C6    . G   D 1 ? 0.1506 0.1139 0.2755 -0.0325 0.0464  -0.0649 8    G   D C6    
450 O  O6    . G   D 1 ? 0.1431 0.2428 0.2724 -0.0126 0.0462  -0.0034 8    G   D O6    
451 N  N1    . G   D 1 ? 0.1422 0.1306 0.2149 0.0359  0.0220  -0.0114 8    G   D N1    
452 C  C2    . G   D 1 ? 0.1459 0.1387 0.1969 -0.0089 0.0285  -0.0752 8    G   D C2    
453 N  N2    . G   D 1 ? 0.1826 0.2327 0.1840 -0.0764 0.0240  -0.0556 8    G   D N2    
454 N  N3    . G   D 1 ? 0.1761 0.1825 0.1865 -0.0269 0.0407  -0.0573 8    G   D N3    
455 C  C4    . G   D 1 ? 0.1675 0.1057 0.1610 0.0159  0.0285  -0.0142 8    G   D C4    
456 P  P     . G   D 2 ? 0.1861 0.1679 0.1402 0.0240  0.0167  -0.0004 9    G   D P     
457 O  OP1   . G   D 2 ? 0.2060 0.1623 0.1516 0.0437  0.0554  0.0295  9    G   D OP1   
458 O  OP2   . G   D 2 ? 0.1834 0.1770 0.0971 0.0173  0.0139  0.0367  9    G   D OP2   
459 O  "O5'" . G   D 2 ? 0.1939 0.1332 0.1342 -0.0081 0.0477  0.0140  9    G   D "O5'" 
460 C  "C5'" . G   D 2 ? 0.1456 0.1664 0.1266 0.0078  0.0582  0.0200  9    G   D "C5'" 
461 C  "C4'" . G   D 2 ? 0.1731 0.1376 0.1651 0.0134  0.0397  0.0089  9    G   D "C4'" 
462 O  "O4'" . G   D 2 ? 0.1810 0.1627 0.1540 0.0423  0.0498  0.0174  9    G   D "O4'" 
463 C  "C3'" . G   D 2 ? 0.2062 0.1900 0.1050 0.0663  0.0388  0.0230  9    G   D "C3'" 
464 O  "O3'" . G   D 2 ? 0.1329 0.1810 0.1903 0.0564  0.0384  0.0358  9    G   D "O3'" 
465 C  "C2'" . G   D 2 ? 0.2268 0.1655 0.1516 0.0472  0.0377  0.0051  9    G   D "C2'" 
466 O  "O2'" . G   D 2 ? 0.2380 0.1857 0.1572 0.0195  0.0314  0.0271  9    G   D "O2'" 
467 C  "C1'" . G   D 2 ? 0.2072 0.1483 0.1295 0.0201  0.0624  0.0224  9    G   D "C1'" 
468 N  N9    . G   D 2 ? 0.2030 0.1886 0.1128 0.0179  0.0735  0.0528  9    G   D N9    
469 C  C8    . G   D 2 ? 0.1955 0.1826 0.1782 -0.0125 0.0822  -0.0056 9    G   D C8    
470 N  N7    . G   D 2 ? 0.1941 0.1618 0.2242 0.0020  0.0870  -0.0310 9    G   D N7    
471 C  C5    . G   D 2 ? 0.2220 0.0999 0.1905 -0.0196 0.0931  -0.0092 9    G   D C5    
472 C  C6    . G   D 2 ? 0.2108 0.0824 0.2177 0.0025  0.0916  0.0008  9    G   D C6    
473 O  O6    . G   D 2 ? 0.2298 0.1782 0.1759 0.0126  0.0703  0.0026  9    G   D O6    
474 N  N1    . G   D 2 ? 0.1473 0.1670 0.1763 0.0155  0.0837  0.0380  9    G   D N1    
475 C  C2    . G   D 2 ? 0.1641 0.1485 0.1806 -0.0130 0.1005  0.0366  9    G   D C2    
476 N  N2    . G   D 2 ? 0.1985 0.1854 0.2569 -0.0614 0.1120  -0.0599 9    G   D N2    
477 N  N3    . G   D 2 ? 0.1435 0.2518 0.1732 0.0491  0.0593  0.0058  9    G   D N3    
478 C  C4    . G   D 2 ? 0.1955 0.1834 0.1286 0.0701  0.0552  0.0619  9    G   D C4    
479 P  P     . G   D 3 ? 0.1672 0.1829 0.1641 0.0439  0.0291  0.0273  10   G   D P     
480 O  OP1   . G   D 3 ? 0.1752 0.2004 0.1571 0.0226  0.0238  0.0495  10   G   D OP1   
481 O  OP2   . G   D 3 ? 0.1982 0.1520 0.2378 0.0540  0.0096  -0.0507 10   G   D OP2   
482 O  "O5'" . G   D 3 ? 0.1513 0.2283 0.1432 -0.0008 0.0153  0.0276  10   G   D "O5'" 
483 C  "C5'" . G   D 3 ? 0.1290 0.2424 0.1578 0.0153  0.0197  0.0031  10   G   D "C5'" 
484 C  "C4'" . G   D 3 ? 0.1283 0.2870 0.1205 -0.0051 0.0045  0.0386  10   G   D "C4'" 
485 O  "O4'" . G   D 3 ? 0.1124 0.2097 0.1548 -0.0189 0.0327  -0.0208 10   G   D "O4'" 
486 C  "C3'" . G   D 3 ? 0.1185 0.2202 0.1439 0.0273  0.0451  -0.0117 10   G   D "C3'" 
487 O  "O3'" . G   D 3 ? 0.1548 0.2176 0.1700 0.0332  0.0733  -0.0173 10   G   D "O3'" 
488 C  "C2'" . G   D 3 ? 0.1386 0.1869 0.0943 0.0164  0.0209  -0.0138 10   G   D "C2'" 
489 O  "O2'" . G   D 3 ? 0.1665 0.2723 0.0989 -0.0221 -0.0067 -0.0134 10   G   D "O2'" 
490 C  "C1'" . G   D 3 ? 0.1082 0.1982 0.1734 -0.0199 0.0198  0.0509  10   G   D "C1'" 
491 N  N9    . G   D 3 ? 0.1114 0.1260 0.1919 -0.0147 0.0256  0.0756  10   G   D N9    
492 C  C8    . G   D 3 ? 0.1369 0.1915 0.1712 -0.0100 -0.0051 0.1090  10   G   D C8    
493 N  N7    . G   D 3 ? 0.1192 0.2180 0.2036 -0.0652 0.0048  0.1009  10   G   D N7    
494 C  C5    . G   D 3 ? 0.1377 0.1505 0.2198 -0.0263 0.0005  0.1101  10   G   D C5    
495 C  C6    . G   D 3 ? 0.1229 0.1074 0.1819 -0.0372 -0.0119 0.0578  10   G   D C6    
496 O  O6    . G   D 3 ? 0.2021 0.1241 0.1793 -0.0603 -0.0461 0.0452  10   G   D O6    
497 N  N1    . G   D 3 ? 0.1660 0.0609 0.1851 -0.0421 -0.0209 0.0401  10   G   D N1    
498 C  C2    . G   D 3 ? 0.0956 0.0693 0.2000 -0.0298 -0.0089 0.0076  10   G   D C2    
499 N  N2    . G   D 3 ? 0.0620 0.0770 0.2512 -0.0138 0.0084  -0.0601 10   G   D N2    
500 N  N3    . G   D 3 ? 0.0883 0.1518 0.2441 -0.0277 0.0415  0.0692  10   G   D N3    
501 C  C4    . G   D 3 ? 0.0935 0.1419 0.2250 -0.0300 0.0103  0.0768  10   G   D C4    
502 P  P     . G   D 4 ? 0.1736 0.2029 0.1549 0.0504  0.0053  -0.0138 11   G   D P     
503 O  OP1   . G   D 4 ? 0.2138 0.2099 0.2541 0.0910  -0.0704 -0.0701 11   G   D OP1   
504 O  OP2   . G   D 4 ? 0.2237 0.3008 0.1579 0.0359  -0.0126 -0.0355 11   G   D OP2   
505 O  "O5'" . G   D 4 ? 0.1754 0.1544 0.2136 0.0392  0.0299  -0.0326 11   G   D "O5'" 
506 C  "C5'" . G   D 4 ? 0.1380 0.1233 0.2016 0.0244  0.0472  0.0331  11   G   D "C5'" 
507 C  "C4'" . G   D 4 ? 0.1215 0.1069 0.2009 0.0398  0.0186  0.0184  11   G   D "C4'" 
508 O  "O4'" . G   D 4 ? 0.0945 0.1432 0.1553 0.0052  0.0147  0.0644  11   G   D "O4'" 
509 C  "C3'" . G   D 4 ? 0.1184 0.1292 0.2428 0.0227  0.0674  0.0256  11   G   D "C3'" 
510 O  "O3'" . G   D 4 ? 0.1282 0.1282 0.1590 0.0231  0.0439  -0.0136 11   G   D "O3'" 
511 C  "C2'" . G   D 4 ? 0.1272 0.1149 0.2084 0.0235  0.0782  0.0393  11   G   D "C2'" 
512 O  "O2'" . G   D 4 ? 0.0869 0.1536 0.1949 -0.0243 0.0555  0.0335  11   G   D "O2'" 
513 C  "C1'" . G   D 4 ? 0.0922 0.1370 0.1235 0.0069  0.0348  0.0169  11   G   D "C1'" 
514 N  N9    . G   D 4 ? 0.1284 0.1179 0.1298 0.0104  0.0203  -0.0221 11   G   D N9    
515 C  C8    . G   D 4 ? 0.1276 0.1759 0.1161 0.0266  0.0236  0.0054  11   G   D C8    
516 N  N7    . G   D 4 ? 0.1535 0.1662 0.1274 0.0252  0.0173  0.0000  11   G   D N7    
517 C  C5    . G   D 4 ? 0.1525 0.1249 0.1561 0.0325  -0.0170 0.0076  11   G   D C5    
518 C  C6    . G   D 4 ? 0.1387 0.0910 0.1514 -0.0238 0.0042  0.0130  11   G   D C6    
519 O  O6    . G   D 4 ? 0.0947 0.1515 0.1487 -0.0409 -0.0103 0.0008  11   G   D O6    
520 N  N1    . G   D 4 ? 0.1418 0.0868 0.1503 -0.0227 -0.0036 -0.0203 11   G   D N1    
521 C  C2    . G   D 4 ? 0.1096 0.1221 0.1563 -0.0255 0.0042  -0.0141 11   G   D C2    
522 N  N2    . G   D 4 ? 0.1085 0.0644 0.1972 -0.0226 0.0167  -0.0096 11   G   D N2    
523 N  N3    . G   D 4 ? 0.1103 0.1182 0.1695 -0.0224 -0.0027 0.0107  11   G   D N3    
524 C  C4    . G   D 4 ? 0.1183 0.1166 0.1550 -0.0073 0.0160  0.0122  11   G   D C4    
525 P  P     . C   D 5 ? 0.1333 0.1408 0.1638 -0.0049 -0.0095 -0.0165 12   C   D P     
526 O  OP1   . C   D 5 ? 0.1442 0.1431 0.1856 0.0270  -0.0342 -0.0145 12   C   D OP1   
527 O  OP2   . C   D 5 ? 0.2765 0.1726 0.1729 0.0093  0.0239  -0.0428 12   C   D OP2   
528 O  "O5'" . C   D 5 ? 0.1446 0.1694 0.1975 0.0057  -0.0508 -0.0297 12   C   D "O5'" 
529 C  "C5'" . C   D 5 ? 0.1133 0.1529 0.2311 -0.0225 -0.0127 -0.0004 12   C   D "C5'" 
530 C  "C4'" . C   D 5 ? 0.1439 0.0919 0.2167 -0.0220 -0.0356 0.0026  12   C   D "C4'" 
531 O  "O4'" . C   D 5 ? 0.1428 0.1142 0.1443 -0.0561 -0.0159 -0.0084 12   C   D "O4'" 
532 C  "C3'" . C   D 5 ? 0.1332 0.1229 0.1731 -0.0515 -0.0002 0.0036  12   C   D "C3'" 
533 O  "O3'" . C   D 5 ? 0.1252 0.1482 0.1512 -0.0318 0.0274  -0.0108 12   C   D "O3'" 
534 C  "C2'" . C   D 5 ? 0.0812 0.1674 0.1945 -0.0445 0.0241  0.0160  12   C   D "C2'" 
535 O  "O2'" . C   D 5 ? 0.1017 0.1389 0.2573 -0.0788 0.0421  -0.0831 12   C   D "O2'" 
536 C  "C1'" . C   D 5 ? 0.1404 0.1489 0.1109 -0.0637 0.0142  -0.0099 12   C   D "C1'" 
537 N  N1    . C   D 5 ? 0.0781 0.0896 0.1342 -0.0145 0.0022  -0.0444 12   C   D N1    
538 C  C2    . C   D 5 ? 0.1179 0.0449 0.1142 -0.0156 0.0102  -0.0329 12   C   D C2    
539 O  O2    . C   D 5 ? 0.0998 0.0795 0.1157 0.0132  -0.0120 -0.0009 12   C   D O2    
540 N  N3    . C   D 5 ? 0.0958 0.0888 0.1283 -0.0336 0.0109  -0.0464 12   C   D N3    
541 C  C4    . C   D 5 ? 0.0962 0.1480 0.1854 -0.0390 0.0297  -0.0470 12   C   D C4    
542 N  N4    . C   D 5 ? 0.0612 0.1244 0.1778 -0.0197 0.0236  -0.0203 12   C   D N4    
543 C  C5    . C   D 5 ? 0.0731 0.2035 0.1836 -0.0510 0.0253  -0.0705 12   C   D C5    
544 C  C6    . C   D 5 ? 0.1086 0.1966 0.1904 0.0071  0.0142  -0.0555 12   C   D C6    
545 P  P     . U   D 6 ? 0.1384 0.1253 0.1831 -0.0126 -0.0180 0.0002  13   U   D P     
546 O  OP1   . U   D 6 ? 0.1353 0.1906 0.1926 -0.0151 -0.0037 0.0377  13   U   D OP1   
547 O  OP2   . U   D 6 ? 0.1541 0.1145 0.2237 -0.0318 0.0300  0.0074  13   U   D OP2   
548 O  "O5'" . U   D 6 ? 0.1512 0.1246 0.1352 -0.0051 0.0025  -0.0152 13   U   D "O5'" 
549 C  "C5'" . U   D 6 ? 0.1185 0.2024 0.1683 -0.0335 0.0130  -0.0678 13   U   D "C5'" 
550 C  "C4'" . U   D 6 ? 0.1418 0.1750 0.1938 -0.0787 0.0070  -0.0658 13   U   D "C4'" 
551 O  "O4'" . U   D 6 ? 0.1424 0.1329 0.2085 0.0165  -0.0226 -0.0815 13   U   D "O4'" 
552 C  "C3'" . U   D 6 ? 0.2271 0.1377 0.1937 -0.0580 -0.0392 -0.0445 13   U   D "C3'" 
553 O  "O3'" . U   D 6 ? 0.3125 0.1547 0.2025 -0.0283 0.0218  -0.0260 13   U   D "O3'" 
554 C  "C2'" . U   D 6 ? 0.1010 0.1062 0.2292 0.0034  -0.0262 -0.0474 13   U   D "C2'" 
555 O  "O2'" . U   D 6 ? 0.1335 0.1755 0.3385 -0.0357 0.0395  -0.1467 13   U   D "O2'" 
556 C  "C1'" . U   D 6 ? 0.1379 0.1240 0.2017 -0.0218 -0.0325 -0.0633 13   U   D "C1'" 
557 N  N1    . U   D 6 ? 0.1762 0.0822 0.2032 -0.0357 -0.0065 -0.0716 13   U   D N1    
558 C  C2    . U   D 6 ? 0.1602 0.0644 0.2079 0.0208  -0.0131 -0.0873 13   U   D C2    
559 O  O2    . U   D 6 ? 0.1626 0.1775 0.2182 -0.0094 -0.0117 -0.0305 13   U   D O2    
560 N  N3    . U   D 6 ? 0.1776 0.0676 0.2177 -0.0217 -0.0006 -0.0105 13   U   D N3    
561 C  C4    . U   D 6 ? 0.1707 0.1327 0.1449 -0.0319 0.0174  -0.0632 13   U   D C4    
562 O  O4    . U   D 6 ? 0.2075 0.1016 0.1687 0.0002  0.0608  -0.0259 13   U   D O4    
563 C  C5    . U   D 6 ? 0.2020 0.1721 0.1278 -0.0233 0.0322  -0.1192 13   U   D C5    
564 C  C6    . U   D 6 ? 0.1603 0.1702 0.1600 -0.0948 0.0131  -0.0617 13   U   D C6    
565 P  P     . A   D 7 ? 0.1593 0.1630 0.1929 -0.0234 0.0224  -0.0295 14   A   D P     
566 O  OP1   . A   D 7 ? 0.1478 0.1642 0.1646 -0.0708 -0.0049 -0.0367 14   A   D OP1   
567 O  OP2   . A   D 7 ? 0.1503 0.3318 0.2144 -0.0377 0.0475  -0.0421 14   A   D OP2   
568 O  "O5'" . A   D 7 ? 0.1335 0.1796 0.1602 0.0335  0.0553  -0.0451 14   A   D "O5'" 
569 C  "C5'" . A   D 7 ? 0.1424 0.1968 0.1637 -0.0292 0.0546  -0.0425 14   A   D "C5'" 
570 C  "C4'" . A   D 7 ? 0.1494 0.1708 0.1604 -0.0388 0.0544  -0.0184 14   A   D "C4'" 
571 O  "O4'" . A   D 7 ? 0.2111 0.1244 0.1997 -0.0265 0.0774  -0.0267 14   A   D "O4'" 
572 C  "C3'" . A   D 7 ? 0.3267 0.1163 0.1188 0.0085  0.0162  0.0009  14   A   D "C3'" 
573 O  "O3'" . A   D 7 ? 0.1632 0.1383 0.1840 0.0332  -0.0366 0.0467  14   A   D "O3'" 
574 C  "C2'" . A   D 7 ? 0.2629 0.1427 0.1130 -0.0011 -0.0272 -0.0098 14   A   D "C2'" 
575 O  "O2'" . A   D 7 ? 0.2303 0.2513 0.1377 -0.0459 0.0273  -0.0599 14   A   D "O2'" 
576 C  "C1'" . A   D 7 ? 0.2179 0.1566 0.1593 -0.0209 0.0298  0.0214  14   A   D "C1'" 
577 N  N9    . A   D 7 ? 0.1807 0.1517 0.1978 0.0303  0.0439  -0.0079 14   A   D N9    
578 C  C8    . A   D 7 ? 0.2131 0.2546 0.1930 -0.0184 0.0219  0.0047  14   A   D C8    
579 N  N7    . A   D 7 ? 0.1853 0.1411 0.1807 0.0214  0.0152  -0.0217 14   A   D N7    
580 C  C5    . A   D 7 ? 0.1317 0.1274 0.1804 0.0225  -0.0117 0.0077  14   A   D C5    
581 C  C6    . A   D 7 ? 0.1468 0.1916 0.1695 -0.0194 -0.0078 -0.0483 14   A   D C6    
582 N  N6    . A   D 7 ? 0.1579 0.1465 0.1635 -0.0226 0.0290  -0.0652 14   A   D N6    
583 N  N1    . A   D 7 ? 0.2428 0.1947 0.1524 -0.0877 -0.0050 -0.1134 14   A   D N1    
584 C  C2    . A   D 7 ? 0.1832 0.2654 0.1555 0.0278  -0.0294 -0.0802 14   A   D C2    
585 N  N3    . A   D 7 ? 0.1550 0.1729 0.1895 0.0343  -0.0041 -0.1203 14   A   D N3    
586 C  C4    . A   D 7 ? 0.1497 0.2122 0.1804 0.0036  0.0284  -0.0359 14   A   D C4    
587 SR SR    . SR  E . ? 0.1554 0.1912 0.1393 0.0467  -0.0014 0.0115  101  SR  A SR    
588 NA NA    . NA  F . ? 0.3252 0.3604 0.2444 -0.0783 0.0568  -0.0535 102  NA  A NA    
589 O  O     . HOH G . ? 0.2558 0.2575 0.1543 -0.0488 0.0160  0.0040  1002 HOH A O     
590 O  O     . HOH G . ? 0.3241 0.2271 0.1559 -0.0191 0.0808  -0.0374 1007 HOH A O     
591 O  O     . HOH G . ? 0.2746 0.2848 0.3387 -0.0068 -0.1037 0.0001  1009 HOH A O     
592 O  O     . HOH G . ? 0.1948 0.4977 0.3024 0.0734  -0.0242 -0.0556 1010 HOH A O     
593 O  O     . HOH G . ? 0.2763 0.3277 0.6245 0.0009  0.0658  0.2240  1015 HOH A O     
594 O  O     . HOH G . ? 0.2865 0.2656 0.3277 -0.0469 -0.0058 0.0157  1018 HOH A O     
595 O  O     . HOH G . ? 0.2883 0.3766 0.3600 0.0601  0.0229  -0.0296 1026 HOH A O     
596 O  O     . HOH G . ? 0.3404 0.2951 0.3659 0.0266  0.0095  0.0138  1030 HOH A O     
597 O  O     . HOH G . ? 0.5771 0.2213 0.5527 0.1389  0.0215  0.1025  1031 HOH A O     
598 O  O     . HOH G . ? 0.6372 0.3151 0.4333 -0.1507 -0.1025 -0.0203 1033 HOH A O     
599 O  O     . HOH G . ? 0.5533 0.2713 0.4707 0.0271  -0.1217 0.1049  1036 HOH A O     
600 O  O     . HOH G . ? 0.2635 0.7383 0.4342 -0.0719 0.0453  0.1481  1044 HOH A O     
601 O  O     . HOH G . ? 0.5469 0.3839 0.3510 -0.0440 -0.0309 -0.0743 1049 HOH A O     
602 O  O     . HOH G . ? 0.4262 0.5728 0.3025 -0.0136 -0.0619 -0.0470 1052 HOH A O     
603 O  O     . HOH G . ? 0.3307 0.4299 0.3613 0.0426  -0.0929 0.0299  1054 HOH A O     
604 O  O     . HOH G . ? 0.4738 0.5917 0.4811 0.1570  -0.0721 -0.1986 1062 HOH A O     
605 O  O     . HOH G . ? 0.3488 0.7031 0.8591 0.0880  0.2446  -0.1008 1067 HOH A O     
606 O  O     . HOH G . ? 0.4510 0.7542 0.7589 -0.0024 0.0943  -0.0665 1071 HOH A O     
607 O  O     . HOH G . ? 0.1999 0.7721 0.6152 -0.0907 -0.0104 0.0527  1073 HOH A O     
608 O  O     . HOH G . ? 0.8026 0.8146 0.4121 -0.0265 -0.2066 0.1200  1080 HOH A O     
609 O  O     . HOH H . ? 0.2014 0.2573 0.2315 -0.0297 0.0145  -0.0091 1003 HOH B O     
610 O  O     . HOH H . ? 0.2714 0.3919 0.1882 0.0954  0.0126  0.0462  1004 HOH B O     
611 O  O     . HOH H . ? 0.2687 0.3221 0.5062 -0.1176 -0.0221 0.0200  1006 HOH B O     
612 O  O     . HOH H . ? 0.3224 0.2860 0.2802 -0.0660 0.0112  -0.0366 1013 HOH B O     
613 O  O     . HOH H . ? 0.3603 0.2396 0.3670 0.0030  0.0490  -0.0703 1014 HOH B O     
614 O  O     . HOH H . ? 0.4391 0.2313 0.4222 0.0178  0.2233  0.0999  1016 HOH B O     
615 O  O     . HOH H . ? 0.3706 0.6222 0.5681 -0.0570 -0.0463 0.0068  1021 HOH B O     
616 O  O     . HOH H . ? 0.2963 0.2482 0.4315 -0.0140 0.0281  0.0208  1023 HOH B O     
617 O  O     . HOH H . ? 0.3206 0.4090 0.7184 0.0907  0.1201  0.0068  1024 HOH B O     
618 O  O     . HOH H . ? 0.4646 0.2706 0.5411 -0.0076 0.1858  0.1198  1025 HOH B O     
619 O  O     . HOH H . ? 0.4664 0.3291 0.2625 -0.1099 -0.1107 -0.0329 1027 HOH B O     
620 O  O     . HOH H . ? 0.2846 0.5525 0.3004 -0.0596 0.0788  -0.1139 1028 HOH B O     
621 O  O     . HOH H . ? 0.6219 0.5733 0.3842 0.0862  -0.2126 -0.1496 1035 HOH B O     
622 O  O     . HOH H . ? 0.3521 0.6459 0.5189 0.0617  0.1899  0.1494  1037 HOH B O     
623 O  O     . HOH H . ? 0.3764 0.5201 0.4527 0.1081  -0.0241 0.1131  1039 HOH B O     
624 O  O     . HOH H . ? 0.5581 0.3131 0.3048 -0.1729 -0.0649 -0.0131 1041 HOH B O     
625 O  O     . HOH H . ? 0.5090 0.4718 0.8014 0.1918  -0.0179 0.0000  1046 HOH B O     
626 O  O     . HOH H . ? 0.3874 0.2893 0.3769 0.0712  0.0180  0.0673  1047 HOH B O     
627 O  O     . HOH H . ? 0.2176 0.1864 0.1765 -0.0273 0.0912  -0.0464 1056 HOH B O     
628 O  O     . HOH H . ? 0.2392 0.7765 0.5312 0.0431  0.1416  0.1009  1058 HOH B O     
629 O  O     . HOH H . ? 0.5878 0.3470 0.3414 0.0556  -0.0041 -0.0390 1059 HOH B O     
630 O  O     . HOH H . ? 0.3190 0.5139 0.3696 0.0769  0.1375  0.0381  1060 HOH B O     
631 O  O     . HOH H . ? 0.7490 0.4550 0.6334 0.1805  0.1019  -0.0399 1063 HOH B O     
632 O  O     . HOH H . ? 0.8164 0.4640 0.4390 -0.0513 0.0666  -0.0681 1065 HOH B O     
633 O  O     . HOH H . ? 0.5369 0.8409 0.7782 0.0560  0.1881  0.0864  1068 HOH B O     
634 O  O     . HOH H . ? 0.6212 0.3289 0.6660 -0.0250 0.3262  0.0327  1069 HOH B O     
635 O  O     . HOH H . ? 0.4492 0.5276 0.5677 0.0615  -0.0612 0.0339  1072 HOH B O     
636 O  O     . HOH H . ? 0.6333 0.6622 0.7019 0.0050  -0.0059 -0.0627 1074 HOH B O     
637 O  O     . HOH H . ? 0.5264 0.3904 0.4704 0.1482  0.0749  0.0674  1079 HOH B O     
638 O  O     A HOH H . ? 0.1699 0.5546 0.7123 -0.0067 -0.0207 0.0361  1081 HOH B O     
639 O  O     A HOH H . ? 0.2939 0.3736 0.3079 -0.0435 0.0563  0.1591  1082 HOH B O     
640 O  O     A HOH H . ? 0.3885 0.5420 0.2402 0.0402  0.0081  -0.0716 1083 HOH B O     
641 O  O     A HOH H . ? 0.2522 0.2523 0.2602 -0.0446 -0.0054 0.0097  1084 HOH B O     
642 O  O     . HOH I . ? 0.3088 0.2159 0.2057 0.0026  -0.0063 0.0244  1005 HOH C O     
643 O  O     . HOH I . ? 0.1913 0.3307 0.2244 -0.0670 0.0046  -0.0149 1008 HOH C O     
644 O  O     . HOH I . ? 0.2737 0.3044 0.3630 -0.0392 -0.1178 0.0892  1017 HOH C O     
645 O  O     . HOH I . ? 0.3567 0.4554 0.4881 -0.0198 -0.1569 -0.0017 1019 HOH C O     
646 O  O     . HOH I . ? 0.2327 0.4565 0.3284 0.0733  -0.0020 -0.0144 1020 HOH C O     
647 O  O     . HOH I . ? 0.5655 0.2373 0.2759 -0.0544 -0.1674 -0.0254 1029 HOH C O     
648 O  O     . HOH I . ? 0.2134 0.1925 0.1874 0.0661  -0.0187 -0.0184 1045 HOH C O     
649 O  O     . HOH I . ? 0.6841 0.3119 0.3845 0.0133  -0.1571 0.0347  1051 HOH C O     
650 O  O     . HOH I . ? 0.6983 0.4206 0.2409 -0.2228 -0.0253 0.0790  1053 HOH C O     
651 O  O     . HOH I . ? 0.3789 0.4232 0.4790 0.0568  0.0257  -0.1001 1057 HOH C O     
652 O  O     . HOH I . ? 0.5897 0.2495 0.3542 0.0676  -0.0920 -0.0019 1064 HOH C O     
653 O  O     . HOH I . ? 0.5684 0.6755 0.3193 0.1650  -0.0789 -0.0125 1066 HOH C O     
654 O  O     . HOH I . ? 0.5007 0.6115 0.4970 -0.0206 -0.1813 -0.0054 1070 HOH C O     
655 O  O     . HOH I . ? 0.8681 0.6676 0.4413 -0.0646 -0.2420 0.2682  1077 HOH C O     
656 O  O     . HOH I . ? 0.2977 0.5538 0.7863 -0.0092 0.1165  -0.0540 1078 HOH C O     
657 O  O     A HOH I . ? 0.2667 0.2036 0.3569 -0.0259 0.0657  -0.0909 1085 HOH C O     
658 O  O     . HOH J . ? 0.1520 0.1995 0.1632 0.0073  -0.0350 -0.0044 1001 HOH D O     
659 O  O     . HOH J . ? 0.2052 0.3403 0.2989 -0.0049 0.1252  -0.0155 1011 HOH D O     
660 O  O     . HOH J . ? 0.4356 0.3538 0.5450 -0.0877 -0.1976 0.0686  1012 HOH D O     
661 O  O     . HOH J . ? 0.2325 0.4087 0.3008 0.0269  0.0008  0.0309  1022 HOH D O     
662 O  O     . HOH J . ? 0.3150 0.4477 0.5191 -0.0513 -0.0216 0.1388  1032 HOH D O     
663 O  O     . HOH J . ? 0.3006 0.5306 0.3895 0.1370  0.0645  0.0446  1034 HOH D O     
664 O  O     . HOH J . ? 0.4441 0.7012 0.6760 0.1107  -0.1630 -0.0617 1038 HOH D O     
665 O  O     . HOH J . ? 0.3289 0.4010 0.5700 -0.0175 0.0294  0.0222  1040 HOH D O     
666 O  O     . HOH J . ? 0.4236 0.5655 0.3404 0.1221  0.1002  -0.0688 1042 HOH D O     
667 O  O     . HOH J . ? 0.8075 0.4117 0.6329 -0.0067 -0.0054 0.0360  1043 HOH D O     
668 O  O     . HOH J . ? 0.4183 0.6143 0.4449 -0.0099 -0.1570 0.0325  1048 HOH D O     
669 O  O     . HOH J . ? 0.3089 0.4236 0.4032 0.0249  0.0678  0.0132  1050 HOH D O     
670 O  O     . HOH J . ? 0.3412 0.7012 0.5073 0.0956  -0.0765 0.0509  1055 HOH D O     
671 O  O     . HOH J . ? 0.3829 0.2681 0.6067 0.0594  -0.0465 -0.1118 1061 HOH D O     
672 O  O     . HOH J . ? 0.3831 0.5422 0.5624 -0.1508 0.0257  0.0857  1075 HOH D O     
673 O  O     . HOH J . ? 0.4199 0.7361 0.5120 0.0403  0.1293  0.0783  1076 HOH D O     
# 
